data_4Q92
#
_entry.id   4Q92
#
_cell.length_a   157.363
_cell.length_b   156.438
_cell.length_c   88.417
_cell.angle_alpha   90.00
_cell.angle_beta   110.01
_cell.angle_gamma   90.00
#
_symmetry.space_group_name_H-M   'C 1 2 1'
#
loop_
_entity.id
_entity.type
_entity.pdbx_description
1 polymer 'Betaine aldehyde dehydrogenase'
2 non-polymer 'SODIUM ION'
3 non-polymer DI(HYDROXYETHYL)ETHER
4 water water
#
_entity_poly.entity_id   1
_entity_poly.type   'polypeptide(L)'
_entity_poly.pdbx_seq_one_letter_code
;MGSSHHHHHHSSGRENLYFQGMELLKHLSQRQYIDGEWVESANKNTRDIINPYNQEVIFTVSEGTKEDAERAILAARRAF
ESGEWSQETAETRGKKVRAIADKIKEHREALARLETLDTGKTLEESYADMDDIHNVFMYFAGLADKDGGEMIDSPIPDTE
SKIVKEPVGVVTQITPWNYPLLQASWKIAPALATGCSLVMKPSEITPLTTIRVFELMEEVGFPKGTINLILGAGSEVGDV
MSGHKEVDLVSFTGSIETGKHIMKNAANNVTNIALELGGKNPNIIFDDADFELAVDQALNGGYFHAGQV(CME)SAGSRI
LVQNSIKDKFEQALIDRVKKIKLGNGFDADTEMGPVISTEHRNKIESYMDVAKAEGATIAVGGKRPDRDDLKDGLFFEPT
VITNCDTSMRIVQEEVFGPVVTVEGFETEQEAIQLANDSIYGLAGAVFSKDIGKAQRVANKLKLGTVWINDFHPYFAQAP
WGGYKQSGIGRELGKEGLEEYLVSKHILTNTNPQLVNWFSK
;
_entity_poly.pdbx_strand_id   A,B,C,D
#
loop_
_chem_comp.id
_chem_comp.type
_chem_comp.name
_chem_comp.formula
NA non-polymer 'SODIUM ION' 'Na 1'
PEG non-polymer DI(HYDROXYETHYL)ETHER 'C4 H10 O3'
#
# COMPACT_ATOMS: atom_id res chain seq x y z
N GLY A 21 -14.09 -46.77 -0.22
CA GLY A 21 -14.22 -46.48 1.23
C GLY A 21 -15.46 -45.67 1.55
N MET A 22 -16.55 -46.37 1.78
CA MET A 22 -17.75 -45.63 2.12
C MET A 22 -17.85 -45.34 3.65
N GLU A 23 -16.94 -45.87 4.47
CA GLU A 23 -16.91 -45.55 5.93
C GLU A 23 -16.60 -44.06 6.12
N LEU A 24 -16.04 -43.47 5.07
CA LEU A 24 -15.88 -42.03 5.01
C LEU A 24 -17.19 -41.33 5.18
N LEU A 25 -18.30 -42.02 4.90
CA LEU A 25 -19.61 -41.40 4.84
C LEU A 25 -20.57 -41.74 5.97
N LYS A 26 -20.21 -42.69 6.82
CA LYS A 26 -21.13 -43.18 7.84
C LYS A 26 -21.58 -42.14 8.90
N HIS A 27 -20.74 -41.16 9.20
CA HIS A 27 -21.12 -40.05 10.09
C HIS A 27 -21.12 -38.69 9.38
N LEU A 28 -21.11 -38.68 8.04
CA LEU A 28 -21.19 -37.41 7.31
C LEU A 28 -22.63 -36.91 7.30
N SER A 29 -22.84 -35.63 7.60
N SER A 29 -22.84 -35.63 7.60
CA SER A 29 -24.18 -35.07 7.63
CA SER A 29 -24.19 -35.06 7.65
C SER A 29 -24.81 -35.13 6.23
C SER A 29 -24.81 -35.13 6.24
N GLN A 30 -26.13 -35.29 6.18
CA GLN A 30 -26.86 -35.37 4.89
C GLN A 30 -27.74 -34.14 4.68
N ARG A 31 -27.62 -33.18 5.58
CA ARG A 31 -28.50 -32.06 5.62
C ARG A 31 -27.86 -30.73 5.24
N GLN A 32 -28.72 -29.74 5.07
CA GLN A 32 -28.29 -28.36 4.90
C GLN A 32 -27.91 -27.80 6.28
N TYR A 33 -27.27 -26.65 6.28
CA TYR A 33 -26.91 -25.98 7.52
C TYR A 33 -27.41 -24.53 7.44
N ILE A 34 -28.46 -24.23 8.18
CA ILE A 34 -29.06 -22.91 8.14
C ILE A 34 -29.26 -22.33 9.54
N ASP A 35 -28.73 -21.13 9.78
CA ASP A 35 -28.88 -20.44 11.04
C ASP A 35 -28.50 -21.38 12.19
N GLY A 36 -27.33 -22.00 12.07
CA GLY A 36 -26.77 -22.75 13.17
C GLY A 36 -27.34 -24.14 13.37
N GLU A 37 -28.19 -24.62 12.46
CA GLU A 37 -28.84 -25.93 12.64
C GLU A 37 -28.76 -26.76 11.37
N TRP A 38 -28.47 -28.05 11.54
CA TRP A 38 -28.46 -28.97 10.43
C TRP A 38 -29.92 -29.30 10.17
N VAL A 39 -30.41 -28.96 8.99
CA VAL A 39 -31.80 -29.11 8.69
C VAL A 39 -32.04 -29.78 7.37
N GLU A 40 -33.18 -30.48 7.27
N GLU A 40 -33.18 -30.48 7.27
CA GLU A 40 -33.57 -31.10 6.00
CA GLU A 40 -33.58 -31.11 6.01
C GLU A 40 -34.12 -30.01 5.10
C GLU A 40 -34.12 -30.01 5.09
N SER A 41 -34.42 -30.38 3.86
CA SER A 41 -35.09 -29.47 2.94
C SER A 41 -36.49 -29.23 3.47
N ALA A 42 -37.03 -28.05 3.21
CA ALA A 42 -38.35 -27.67 3.66
C ALA A 42 -39.42 -28.67 3.18
N ASN A 43 -39.18 -29.30 2.02
CA ASN A 43 -40.12 -30.28 1.47
C ASN A 43 -39.60 -31.72 1.57
N LYS A 44 -38.54 -31.94 2.35
CA LYS A 44 -37.97 -33.27 2.54
C LYS A 44 -37.43 -33.94 1.27
N ASN A 45 -37.27 -33.17 0.20
CA ASN A 45 -36.70 -33.68 -1.04
C ASN A 45 -35.23 -34.03 -0.83
N THR A 46 -34.74 -35.00 -1.61
CA THR A 46 -33.34 -35.42 -1.55
C THR A 46 -32.77 -35.66 -2.95
N ARG A 47 -31.45 -35.83 -3.00
CA ARG A 47 -30.75 -36.09 -4.22
C ARG A 47 -29.73 -37.17 -3.97
N ASP A 48 -29.55 -38.03 -4.95
CA ASP A 48 -28.55 -39.09 -4.86
C ASP A 48 -27.23 -38.64 -5.48
N ILE A 49 -26.18 -38.77 -4.72
CA ILE A 49 -24.84 -38.38 -5.16
C ILE A 49 -24.10 -39.60 -5.72
N ILE A 50 -23.41 -39.39 -6.84
CA ILE A 50 -22.76 -40.47 -7.57
C ILE A 50 -21.23 -40.39 -7.56
N ASN A 51 -20.60 -41.56 -7.66
CA ASN A 51 -19.18 -41.70 -7.87
C ASN A 51 -18.97 -41.89 -9.39
N PRO A 52 -18.28 -40.94 -10.04
CA PRO A 52 -18.09 -41.05 -11.49
C PRO A 52 -17.25 -42.25 -11.97
N TYR A 53 -16.48 -42.84 -11.08
CA TYR A 53 -15.67 -44.01 -11.44
C TYR A 53 -16.48 -45.23 -11.84
N ASN A 54 -17.64 -45.41 -11.20
CA ASN A 54 -18.50 -46.61 -11.40
C ASN A 54 -19.98 -46.28 -11.56
N GLN A 55 -20.31 -44.99 -11.49
CA GLN A 55 -21.67 -44.49 -11.60
C GLN A 55 -22.63 -44.99 -10.51
N GLU A 56 -22.07 -45.46 -9.40
CA GLU A 56 -22.88 -45.94 -8.28
C GLU A 56 -23.27 -44.79 -7.36
N VAL A 57 -24.46 -44.89 -6.79
CA VAL A 57 -24.91 -43.95 -5.78
C VAL A 57 -24.11 -44.19 -4.50
N ILE A 58 -23.48 -43.15 -3.99
CA ILE A 58 -22.65 -43.26 -2.81
C ILE A 58 -23.22 -42.56 -1.57
N PHE A 59 -24.19 -41.67 -1.77
CA PHE A 59 -24.68 -40.85 -0.68
C PHE A 59 -25.97 -40.16 -1.10
N THR A 60 -26.78 -39.81 -0.12
CA THR A 60 -28.04 -39.11 -0.36
C THR A 60 -28.09 -37.90 0.58
N VAL A 61 -28.38 -36.74 0.02
CA VAL A 61 -28.44 -35.49 0.76
C VAL A 61 -29.74 -34.73 0.48
N SER A 62 -30.05 -33.77 1.35
CA SER A 62 -31.19 -32.88 1.19
C SER A 62 -31.07 -32.08 -0.08
N GLU A 63 -32.22 -31.84 -0.69
CA GLU A 63 -32.30 -31.03 -1.93
C GLU A 63 -33.17 -29.85 -1.52
N GLY A 64 -32.53 -28.75 -1.19
CA GLY A 64 -33.23 -27.61 -0.62
C GLY A 64 -34.14 -26.83 -1.54
N THR A 65 -35.00 -26.02 -0.93
CA THR A 65 -35.98 -25.24 -1.66
C THR A 65 -35.59 -23.79 -1.72
N LYS A 66 -36.29 -23.06 -2.56
CA LYS A 66 -36.02 -21.66 -2.69
C LYS A 66 -36.32 -20.95 -1.37
N GLU A 67 -37.32 -21.43 -0.62
CA GLU A 67 -37.61 -20.88 0.72
C GLU A 67 -36.46 -21.13 1.75
N ASP A 68 -35.83 -22.30 1.65
CA ASP A 68 -34.63 -22.59 2.44
C ASP A 68 -33.51 -21.60 2.13
N ALA A 69 -33.31 -21.28 0.86
CA ALA A 69 -32.30 -20.30 0.47
C ALA A 69 -32.64 -18.91 1.01
N GLU A 70 -33.91 -18.51 0.91
N GLU A 70 -33.91 -18.52 0.91
CA GLU A 70 -34.32 -17.21 1.46
CA GLU A 70 -34.33 -17.22 1.42
C GLU A 70 -34.06 -17.14 2.94
C GLU A 70 -34.10 -17.13 2.93
N ARG A 71 -34.36 -18.24 3.62
CA ARG A 71 -34.22 -18.30 5.08
C ARG A 71 -32.76 -18.18 5.49
N ALA A 72 -31.88 -18.82 4.74
CA ALA A 72 -30.44 -18.73 5.02
C ALA A 72 -29.96 -17.28 4.82
N ILE A 73 -30.43 -16.64 3.74
CA ILE A 73 -30.07 -15.25 3.47
C ILE A 73 -30.56 -14.32 4.59
N LEU A 74 -31.79 -14.51 5.01
CA LEU A 74 -32.31 -13.70 6.11
C LEU A 74 -31.54 -13.93 7.42
N ALA A 75 -31.13 -15.18 7.66
CA ALA A 75 -30.31 -15.51 8.84
C ALA A 75 -28.96 -14.84 8.76
N ALA A 76 -28.36 -14.83 7.57
CA ALA A 76 -27.06 -14.16 7.39
C ALA A 76 -27.17 -12.64 7.66
N ARG A 77 -28.29 -12.04 7.22
CA ARG A 77 -28.53 -10.62 7.43
C ARG A 77 -28.70 -10.35 8.92
N ARG A 78 -29.52 -11.15 9.57
CA ARG A 78 -29.72 -10.98 11.00
C ARG A 78 -28.37 -11.04 11.76
N ALA A 79 -27.58 -12.06 11.47
CA ALA A 79 -26.29 -12.23 12.10
C ALA A 79 -25.37 -11.05 11.79
N PHE A 80 -25.31 -10.65 10.53
CA PHE A 80 -24.52 -9.52 10.18
C PHE A 80 -24.91 -8.29 11.00
N GLU A 81 -26.19 -7.99 11.04
CA GLU A 81 -26.68 -6.83 11.77
C GLU A 81 -26.40 -6.93 13.27
N SER A 82 -26.36 -8.14 13.84
CA SER A 82 -26.10 -8.32 15.28
C SER A 82 -24.68 -7.88 15.61
N GLY A 83 -23.78 -8.00 14.68
CA GLY A 83 -22.40 -7.54 14.83
C GLY A 83 -21.44 -8.47 15.52
N GLU A 84 -21.92 -9.65 15.94
CA GLU A 84 -21.05 -10.58 16.65
C GLU A 84 -19.82 -10.98 15.86
N TRP A 85 -19.96 -11.12 14.54
CA TRP A 85 -18.83 -11.47 13.72
C TRP A 85 -18.29 -10.23 12.97
N SER A 86 -19.18 -9.38 12.49
CA SER A 86 -18.74 -8.21 11.72
C SER A 86 -18.02 -7.22 12.61
N GLN A 87 -18.35 -7.18 13.90
CA GLN A 87 -17.64 -6.27 14.79
C GLN A 87 -16.56 -6.97 15.64
N GLU A 88 -16.33 -8.26 15.41
CA GLU A 88 -15.25 -8.97 16.08
C GLU A 88 -13.92 -8.34 15.62
N THR A 89 -12.90 -8.38 16.47
CA THR A 89 -11.61 -7.80 16.06
C THR A 89 -11.09 -8.58 14.85
N ALA A 90 -10.39 -7.90 13.94
CA ALA A 90 -9.80 -8.57 12.79
C ALA A 90 -8.80 -9.65 13.25
N GLU A 91 -8.04 -9.35 14.28
CA GLU A 91 -7.06 -10.32 14.82
C GLU A 91 -7.78 -11.61 15.21
N THR A 92 -8.88 -11.48 15.95
CA THR A 92 -9.65 -12.66 16.34
C THR A 92 -10.27 -13.37 15.16
N ARG A 93 -10.76 -12.63 14.17
CA ARG A 93 -11.28 -13.30 12.99
C ARG A 93 -10.18 -14.15 12.37
N GLY A 94 -8.96 -13.60 12.33
CA GLY A 94 -7.82 -14.30 11.74
C GLY A 94 -7.52 -15.58 12.47
N LYS A 95 -7.58 -15.54 13.81
CA LYS A 95 -7.38 -16.76 14.59
C LYS A 95 -8.40 -17.87 14.23
N LYS A 96 -9.67 -17.49 14.07
CA LYS A 96 -10.73 -18.43 13.70
C LYS A 96 -10.52 -18.97 12.28
N VAL A 97 -10.11 -18.11 11.34
CA VAL A 97 -9.81 -18.61 9.98
C VAL A 97 -8.61 -19.55 10.01
N ARG A 98 -7.63 -19.23 10.84
N ARG A 98 -7.63 -19.23 10.84
CA ARG A 98 -6.47 -20.10 11.02
CA ARG A 98 -6.49 -20.11 11.01
C ARG A 98 -6.88 -21.48 11.62
C ARG A 98 -6.89 -21.48 11.61
N ALA A 99 -7.85 -21.47 12.54
CA ALA A 99 -8.36 -22.72 13.15
C ALA A 99 -9.01 -23.57 12.06
N ILE A 100 -9.68 -22.95 11.06
CA ILE A 100 -10.19 -23.71 9.95
C ILE A 100 -9.03 -24.36 9.20
N ALA A 101 -8.01 -23.57 8.84
CA ALA A 101 -6.87 -24.07 8.12
C ALA A 101 -6.30 -25.31 8.81
N ASP A 102 -6.19 -25.23 10.15
CA ASP A 102 -5.67 -26.35 10.93
C ASP A 102 -6.58 -27.59 10.86
N LYS A 103 -7.89 -27.38 10.83
CA LYS A 103 -8.85 -28.49 10.67
C LYS A 103 -8.65 -29.21 9.36
N ILE A 104 -8.39 -28.44 8.30
CA ILE A 104 -8.17 -29.02 6.97
C ILE A 104 -6.96 -29.92 6.99
N LYS A 105 -5.86 -29.47 7.61
CA LYS A 105 -4.68 -30.30 7.68
C LYS A 105 -4.93 -31.53 8.57
N GLU A 106 -5.60 -31.32 9.68
CA GLU A 106 -5.89 -32.43 10.61
C GLU A 106 -6.70 -33.54 9.92
N HIS A 107 -7.61 -33.16 9.04
CA HIS A 107 -8.48 -34.10 8.36
C HIS A 107 -8.13 -34.26 6.87
N ARG A 108 -6.88 -33.96 6.53
CA ARG A 108 -6.35 -34.03 5.17
C ARG A 108 -6.66 -35.36 4.48
N GLU A 109 -6.40 -36.46 5.17
CA GLU A 109 -6.57 -37.78 4.58
C GLU A 109 -8.02 -38.05 4.20
N ALA A 110 -8.93 -37.94 5.16
CA ALA A 110 -10.35 -38.20 4.90
C ALA A 110 -10.95 -37.19 3.91
N LEU A 111 -10.50 -35.95 3.96
CA LEU A 111 -11.03 -34.95 3.04
C LEU A 111 -10.58 -35.26 1.60
N ALA A 112 -9.32 -35.62 1.44
CA ALA A 112 -8.80 -36.01 0.13
C ALA A 112 -9.56 -37.19 -0.47
N ARG A 113 -9.77 -38.19 0.36
CA ARG A 113 -10.51 -39.38 -0.09
C ARG A 113 -11.93 -39.05 -0.49
N LEU A 114 -12.58 -38.17 0.30
N LEU A 114 -12.57 -38.18 0.30
CA LEU A 114 -13.95 -37.74 0.01
CA LEU A 114 -13.92 -37.78 0.02
C LEU A 114 -14.01 -37.00 -1.31
C LEU A 114 -14.00 -37.00 -1.29
N GLU A 115 -13.01 -36.15 -1.56
CA GLU A 115 -12.97 -35.38 -2.81
C GLU A 115 -12.79 -36.34 -4.00
N THR A 116 -11.94 -37.37 -3.83
CA THR A 116 -11.72 -38.33 -4.89
C THR A 116 -12.99 -39.15 -5.18
N LEU A 117 -13.70 -39.52 -4.11
CA LEU A 117 -14.94 -40.29 -4.23
C LEU A 117 -16.01 -39.52 -4.99
N ASP A 118 -16.11 -38.23 -4.66
CA ASP A 118 -17.15 -37.38 -5.21
C ASP A 118 -16.82 -36.90 -6.61
N THR A 119 -15.56 -36.56 -6.86
CA THR A 119 -15.20 -35.92 -8.13
C THR A 119 -14.48 -36.81 -9.12
N GLY A 120 -13.99 -37.96 -8.68
CA GLY A 120 -13.22 -38.84 -9.53
C GLY A 120 -11.73 -38.58 -9.70
N LYS A 121 -11.25 -37.41 -9.32
N LYS A 121 -11.24 -37.42 -9.32
CA LYS A 121 -9.81 -37.10 -9.53
CA LYS A 121 -9.81 -37.12 -9.54
C LYS A 121 -8.94 -38.04 -8.68
C LYS A 121 -8.95 -38.04 -8.68
N THR A 122 -7.66 -38.16 -9.02
CA THR A 122 -6.78 -39.07 -8.30
C THR A 122 -6.56 -38.61 -6.90
N LEU A 123 -6.24 -39.58 -6.05
CA LEU A 123 -5.97 -39.30 -4.66
C LEU A 123 -4.77 -38.33 -4.53
N GLU A 124 -3.75 -38.49 -5.36
CA GLU A 124 -2.62 -37.58 -5.31
C GLU A 124 -3.04 -36.15 -5.63
N GLU A 125 -3.91 -35.99 -6.62
CA GLU A 125 -4.47 -34.67 -6.91
C GLU A 125 -5.30 -34.13 -5.74
N SER A 126 -6.06 -34.99 -5.09
CA SER A 126 -6.81 -34.53 -3.93
C SER A 126 -5.90 -34.13 -2.78
N TYR A 127 -4.80 -34.85 -2.59
CA TYR A 127 -3.88 -34.50 -1.51
C TYR A 127 -3.28 -33.10 -1.74
N ALA A 128 -2.83 -32.88 -2.96
CA ALA A 128 -2.26 -31.59 -3.36
C ALA A 128 -3.31 -30.50 -3.13
N ASP A 129 -4.56 -30.82 -3.45
CA ASP A 129 -5.64 -29.90 -3.21
C ASP A 129 -5.78 -29.50 -1.73
N MET A 130 -5.77 -30.50 -0.85
CA MET A 130 -5.96 -30.24 0.54
C MET A 130 -4.81 -29.40 1.10
N ASP A 131 -3.60 -29.65 0.62
CA ASP A 131 -2.44 -28.84 1.02
C ASP A 131 -2.66 -27.40 0.59
N ASP A 132 -3.12 -27.21 -0.65
N ASP A 132 -3.12 -27.22 -0.63
CA ASP A 132 -3.43 -25.89 -1.19
CA ASP A 132 -3.40 -25.90 -1.13
C ASP A 132 -4.52 -25.20 -0.37
C ASP A 132 -4.52 -25.20 -0.35
N ILE A 133 -5.57 -25.95 -0.05
CA ILE A 133 -6.71 -25.41 0.70
C ILE A 133 -6.24 -24.91 2.07
N HIS A 134 -5.41 -25.69 2.75
CA HIS A 134 -4.83 -25.30 4.03
C HIS A 134 -4.14 -23.96 3.87
N ASN A 135 -3.35 -23.82 2.78
CA ASN A 135 -2.58 -22.64 2.58
C ASN A 135 -3.47 -21.42 2.24
N VAL A 136 -4.62 -21.68 1.61
CA VAL A 136 -5.57 -20.61 1.29
C VAL A 136 -6.12 -20.06 2.58
N PHE A 137 -6.64 -20.92 3.45
CA PHE A 137 -7.15 -20.43 4.73
C PHE A 137 -6.04 -19.74 5.55
N MET A 138 -4.84 -20.28 5.51
N MET A 138 -4.84 -20.28 5.51
CA MET A 138 -3.75 -19.70 6.30
CA MET A 138 -3.76 -19.70 6.27
C MET A 138 -3.39 -18.30 5.82
C MET A 138 -3.40 -18.29 5.82
N TYR A 139 -3.42 -18.10 4.49
CA TYR A 139 -3.08 -16.83 3.90
C TYR A 139 -4.08 -15.77 4.33
N PHE A 140 -5.34 -16.08 4.18
CA PHE A 140 -6.38 -15.13 4.58
C PHE A 140 -6.44 -14.87 6.08
N ALA A 141 -6.16 -15.91 6.87
CA ALA A 141 -6.05 -15.73 8.35
C ALA A 141 -5.01 -14.66 8.67
N GLY A 142 -3.87 -14.74 7.96
CA GLY A 142 -2.77 -13.79 8.15
C GLY A 142 -3.07 -12.42 7.59
N LEU A 143 -3.95 -12.34 6.61
CA LEU A 143 -4.30 -11.06 6.00
C LEU A 143 -5.37 -10.29 6.75
N ALA A 144 -6.15 -11.00 7.58
CA ALA A 144 -7.34 -10.43 8.20
C ALA A 144 -7.13 -9.10 8.88
N ASP A 145 -6.03 -8.94 9.61
CA ASP A 145 -5.85 -7.77 10.40
C ASP A 145 -4.77 -6.82 9.89
N LYS A 146 -4.45 -6.91 8.60
CA LYS A 146 -3.36 -6.11 8.01
C LYS A 146 -3.72 -4.79 7.33
N ASP A 147 -5.00 -4.45 7.21
CA ASP A 147 -5.37 -3.13 6.60
C ASP A 147 -6.81 -2.70 6.87
N GLY A 148 -7.02 -1.72 7.73
CA GLY A 148 -8.38 -1.28 8.07
C GLY A 148 -8.84 -0.03 7.36
N GLY A 149 -8.05 0.44 6.39
CA GLY A 149 -8.35 1.64 5.67
C GLY A 149 -7.19 2.60 5.65
N GLU A 150 -7.50 3.87 5.38
N GLU A 150 -7.52 3.86 5.34
CA GLU A 150 -6.45 4.85 5.32
CA GLU A 150 -6.56 4.90 5.06
C GLU A 150 -6.87 6.22 5.78
C GLU A 150 -6.88 6.24 5.73
N MET A 151 -5.86 7.02 6.11
CA MET A 151 -6.06 8.39 6.51
C MET A 151 -5.80 9.18 5.22
N ILE A 152 -6.68 10.14 4.93
CA ILE A 152 -6.57 10.94 3.75
C ILE A 152 -6.15 12.36 4.11
N ASP A 153 -5.25 12.90 3.31
CA ASP A 153 -4.89 14.30 3.44
C ASP A 153 -5.95 15.15 2.79
N SER A 154 -6.83 15.70 3.63
CA SER A 154 -7.97 16.45 3.14
C SER A 154 -7.56 17.77 2.54
N PRO A 155 -8.12 18.12 1.37
CA PRO A 155 -7.91 19.41 0.80
C PRO A 155 -8.74 20.52 1.48
N ILE A 156 -9.59 20.18 2.46
CA ILE A 156 -10.39 21.18 3.15
C ILE A 156 -9.79 21.44 4.51
N PRO A 157 -9.39 22.69 4.79
CA PRO A 157 -8.84 22.98 6.12
C PRO A 157 -9.81 22.66 7.25
N ASP A 158 -9.25 22.21 8.34
CA ASP A 158 -10.03 21.88 9.55
C ASP A 158 -11.03 20.76 9.28
N THR A 159 -10.55 19.70 8.65
CA THR A 159 -11.35 18.48 8.45
C THR A 159 -10.41 17.31 8.54
N GLU A 160 -10.94 16.19 9.00
CA GLU A 160 -10.25 14.94 9.06
C GLU A 160 -10.97 14.03 8.11
N SER A 161 -10.21 13.33 7.27
CA SER A 161 -10.78 12.47 6.25
C SER A 161 -10.14 11.11 6.41
N LYS A 162 -10.98 10.08 6.57
CA LYS A 162 -10.50 8.72 6.63
C LYS A 162 -11.35 7.77 5.79
N ILE A 163 -10.73 6.71 5.29
CA ILE A 163 -11.46 5.67 4.59
C ILE A 163 -11.41 4.42 5.44
N VAL A 164 -12.55 3.97 5.89
CA VAL A 164 -12.62 2.78 6.71
C VAL A 164 -13.12 1.65 5.85
N LYS A 165 -12.47 0.50 5.94
CA LYS A 165 -12.90 -0.69 5.18
C LYS A 165 -13.77 -1.54 6.06
N GLU A 166 -14.96 -1.86 5.59
CA GLU A 166 -15.90 -2.68 6.32
C GLU A 166 -16.23 -3.94 5.55
N PRO A 167 -16.77 -4.95 6.22
CA PRO A 167 -17.20 -6.09 5.44
C PRO A 167 -18.28 -5.65 4.49
N VAL A 168 -18.29 -6.23 3.31
CA VAL A 168 -19.24 -5.87 2.28
C VAL A 168 -20.67 -6.14 2.78
N GLY A 169 -20.85 -7.20 3.59
CA GLY A 169 -22.13 -7.50 4.21
C GLY A 169 -22.49 -8.97 4.09
N VAL A 170 -23.66 -9.23 3.50
CA VAL A 170 -24.15 -10.58 3.29
C VAL A 170 -23.73 -11.02 1.91
N VAL A 171 -23.09 -12.17 1.82
N VAL A 171 -23.09 -12.17 1.82
CA VAL A 171 -22.59 -12.64 0.53
CA VAL A 171 -22.57 -12.64 0.53
C VAL A 171 -23.14 -14.02 0.19
C VAL A 171 -23.13 -14.02 0.19
N THR A 172 -23.46 -14.24 -1.08
CA THR A 172 -23.89 -15.56 -1.55
C THR A 172 -22.75 -16.11 -2.39
N GLN A 173 -22.51 -17.41 -2.25
CA GLN A 173 -21.33 -18.03 -2.81
C GLN A 173 -21.76 -19.33 -3.46
N ILE A 174 -21.51 -19.44 -4.76
CA ILE A 174 -21.93 -20.61 -5.54
C ILE A 174 -20.68 -21.17 -6.20
N THR A 175 -20.41 -22.45 -5.92
CA THR A 175 -19.19 -23.10 -6.34
C THR A 175 -19.44 -24.23 -7.36
N PRO A 176 -18.39 -24.59 -8.13
CA PRO A 176 -18.53 -25.55 -9.19
C PRO A 176 -18.12 -26.97 -8.80
N TRP A 177 -18.25 -27.89 -9.74
CA TRP A 177 -17.94 -29.26 -9.48
C TRP A 177 -16.48 -29.68 -9.69
N ASN A 178 -15.67 -28.87 -10.35
N ASN A 178 -15.68 -28.82 -10.33
N ASN A 178 -15.66 -28.88 -10.35
CA ASN A 178 -14.31 -29.34 -10.63
CA ASN A 178 -14.25 -29.05 -10.50
CA ASN A 178 -14.29 -29.38 -10.65
C ASN A 178 -13.39 -29.56 -9.40
C ASN A 178 -13.57 -28.31 -9.35
C ASN A 178 -13.31 -29.57 -9.48
N TYR A 179 -13.29 -28.52 -8.56
N TYR A 179 -13.02 -29.10 -8.46
CA TYR A 179 -12.50 -28.52 -7.35
CA TYR A 179 -12.40 -28.62 -7.27
C TYR A 179 -13.43 -27.90 -6.33
C TYR A 179 -13.40 -27.94 -6.32
N PRO A 180 -14.42 -28.69 -5.88
CA PRO A 180 -15.45 -28.16 -4.97
C PRO A 180 -14.87 -27.50 -3.70
N LEU A 181 -14.05 -28.22 -2.95
CA LEU A 181 -13.57 -27.65 -1.67
C LEU A 181 -12.52 -26.57 -1.90
N LEU A 182 -11.75 -26.70 -2.95
CA LEU A 182 -10.77 -25.63 -3.27
C LEU A 182 -11.51 -24.33 -3.56
N GLN A 183 -12.50 -24.41 -4.46
CA GLN A 183 -13.24 -23.19 -4.83
C GLN A 183 -14.02 -22.62 -3.64
N ALA A 184 -14.52 -23.52 -2.78
CA ALA A 184 -15.15 -23.10 -1.58
C ALA A 184 -14.16 -22.30 -0.71
N SER A 185 -12.95 -22.83 -0.60
CA SER A 185 -11.94 -22.16 0.26
C SER A 185 -11.64 -20.75 -0.22
N TRP A 186 -11.63 -20.57 -1.55
CA TRP A 186 -11.28 -19.28 -2.13
C TRP A 186 -12.32 -18.20 -1.78
N LYS A 187 -13.55 -18.65 -1.55
CA LYS A 187 -14.65 -17.75 -1.24
C LYS A 187 -14.86 -17.61 0.27
N ILE A 188 -14.85 -18.72 0.99
CA ILE A 188 -15.11 -18.68 2.42
C ILE A 188 -14.03 -17.94 3.21
N ALA A 189 -12.77 -18.18 2.84
CA ALA A 189 -11.68 -17.61 3.62
C ALA A 189 -11.71 -16.07 3.70
N PRO A 190 -11.80 -15.36 2.56
CA PRO A 190 -11.87 -13.90 2.67
C PRO A 190 -13.18 -13.39 3.29
N ALA A 191 -14.27 -14.09 3.05
CA ALA A 191 -15.57 -13.69 3.59
C ALA A 191 -15.52 -13.72 5.12
N LEU A 192 -14.95 -14.77 5.68
CA LEU A 192 -14.84 -14.88 7.12
C LEU A 192 -13.79 -13.93 7.68
N ALA A 193 -12.67 -13.81 7.00
CA ALA A 193 -11.61 -12.94 7.46
C ALA A 193 -12.07 -11.49 7.58
N THR A 194 -12.93 -11.06 6.67
CA THR A 194 -13.36 -9.67 6.64
C THR A 194 -14.57 -9.37 7.49
N GLY A 195 -15.22 -10.39 8.01
CA GLY A 195 -16.37 -10.20 8.89
C GLY A 195 -17.73 -10.29 8.21
N CYS A 196 -17.77 -10.78 6.97
CA CYS A 196 -19.07 -11.00 6.28
C CYS A 196 -19.81 -12.22 6.83
N SER A 197 -21.09 -12.33 6.46
CA SER A 197 -21.92 -13.48 6.73
C SER A 197 -22.20 -14.08 5.37
N LEU A 198 -22.16 -15.39 5.28
CA LEU A 198 -22.25 -16.03 3.99
C LEU A 198 -23.30 -17.14 3.90
N VAL A 199 -23.79 -17.34 2.68
CA VAL A 199 -24.66 -18.45 2.31
C VAL A 199 -24.00 -19.13 1.11
N MET A 200 -23.58 -20.39 1.29
CA MET A 200 -22.86 -21.10 0.23
C MET A 200 -23.67 -22.25 -0.31
N LYS A 201 -23.64 -22.39 -1.63
CA LYS A 201 -24.26 -23.54 -2.29
C LYS A 201 -23.25 -24.19 -3.22
N PRO A 202 -22.85 -25.43 -2.91
CA PRO A 202 -21.96 -26.16 -3.79
C PRO A 202 -22.70 -26.73 -4.98
N SER A 203 -21.97 -27.28 -5.95
CA SER A 203 -22.55 -27.90 -7.08
C SER A 203 -23.45 -29.03 -6.59
N GLU A 204 -24.63 -29.11 -7.15
CA GLU A 204 -25.59 -30.14 -6.75
C GLU A 204 -25.00 -31.55 -6.88
N ILE A 205 -24.05 -31.78 -7.80
CA ILE A 205 -23.48 -33.12 -7.99
C ILE A 205 -22.26 -33.47 -7.15
N THR A 206 -21.63 -32.46 -6.53
CA THR A 206 -20.42 -32.70 -5.71
C THR A 206 -20.47 -31.95 -4.38
N PRO A 207 -21.40 -32.31 -3.48
CA PRO A 207 -21.45 -31.54 -2.21
C PRO A 207 -20.65 -32.08 -1.02
N LEU A 208 -20.03 -33.23 -1.16
CA LEU A 208 -19.55 -33.95 0.04
C LEU A 208 -18.47 -33.23 0.90
N THR A 209 -17.38 -32.82 0.29
CA THR A 209 -16.34 -32.08 1.01
C THR A 209 -16.86 -30.75 1.52
N THR A 210 -17.85 -30.17 0.85
CA THR A 210 -18.40 -28.93 1.34
C THR A 210 -19.21 -29.14 2.60
N ILE A 211 -20.01 -30.21 2.63
CA ILE A 211 -20.70 -30.56 3.86
C ILE A 211 -19.65 -30.72 4.98
N ARG A 212 -18.61 -31.48 4.69
CA ARG A 212 -17.61 -31.79 5.69
C ARG A 212 -16.96 -30.50 6.22
N VAL A 213 -16.62 -29.57 5.33
CA VAL A 213 -15.94 -28.35 5.80
C VAL A 213 -16.90 -27.54 6.67
N PHE A 214 -18.20 -27.61 6.40
CA PHE A 214 -19.16 -26.96 7.28
C PHE A 214 -19.21 -27.61 8.66
N GLU A 215 -19.08 -28.93 8.77
CA GLU A 215 -19.06 -29.57 10.07
C GLU A 215 -17.83 -29.05 10.83
N LEU A 216 -16.72 -28.92 10.11
CA LEU A 216 -15.43 -28.49 10.70
C LEU A 216 -15.50 -27.04 11.17
N MET A 217 -16.11 -26.17 10.36
CA MET A 217 -16.30 -24.76 10.69
C MET A 217 -17.19 -24.62 11.90
N GLU A 218 -18.24 -25.46 12.00
CA GLU A 218 -19.13 -25.44 13.13
C GLU A 218 -18.35 -25.78 14.39
N GLU A 219 -17.45 -26.77 14.31
CA GLU A 219 -16.58 -27.13 15.42
C GLU A 219 -15.71 -25.97 15.87
N VAL A 220 -15.17 -25.21 14.91
CA VAL A 220 -14.32 -24.06 15.26
C VAL A 220 -15.13 -23.04 16.05
N GLY A 221 -16.37 -22.79 15.62
CA GLY A 221 -17.29 -21.95 16.40
C GLY A 221 -17.41 -20.56 15.83
N PHE A 222 -18.58 -20.29 15.21
CA PHE A 222 -18.91 -18.99 14.70
C PHE A 222 -20.29 -18.60 15.20
N PRO A 223 -20.54 -17.29 15.31
CA PRO A 223 -21.88 -16.90 15.71
C PRO A 223 -22.93 -17.46 14.73
N LYS A 224 -24.05 -17.88 15.30
CA LYS A 224 -25.15 -18.43 14.54
C LYS A 224 -25.53 -17.52 13.36
N GLY A 225 -25.72 -18.11 12.17
CA GLY A 225 -26.07 -17.35 10.99
C GLY A 225 -24.91 -16.79 10.17
N THR A 226 -23.69 -16.80 10.74
CA THR A 226 -22.48 -16.32 10.04
C THR A 226 -22.15 -17.17 8.80
N ILE A 227 -22.34 -18.48 8.91
CA ILE A 227 -22.17 -19.40 7.78
C ILE A 227 -23.44 -20.26 7.59
N ASN A 228 -23.83 -20.47 6.35
CA ASN A 228 -25.00 -21.26 6.04
C ASN A 228 -24.70 -22.03 4.76
N LEU A 229 -25.15 -23.27 4.72
CA LEU A 229 -24.94 -24.15 3.58
C LEU A 229 -26.32 -24.58 2.99
N ILE A 230 -26.53 -24.25 1.73
CA ILE A 230 -27.74 -24.70 0.97
C ILE A 230 -27.30 -25.78 0.02
N LEU A 231 -28.11 -26.83 -0.14
CA LEU A 231 -27.79 -27.90 -1.05
C LEU A 231 -28.82 -28.00 -2.13
N GLY A 232 -28.37 -28.25 -3.35
CA GLY A 232 -29.29 -28.57 -4.45
C GLY A 232 -29.21 -27.74 -5.71
N ALA A 233 -30.11 -28.03 -6.62
CA ALA A 233 -30.17 -27.47 -7.99
C ALA A 233 -30.08 -25.98 -8.08
N GLY A 234 -29.13 -25.45 -8.86
CA GLY A 234 -29.01 -24.01 -9.11
C GLY A 234 -30.24 -23.46 -9.81
N SER A 235 -30.91 -24.34 -10.56
CA SER A 235 -32.16 -24.05 -11.28
C SER A 235 -33.36 -23.76 -10.35
N GLU A 236 -33.25 -24.13 -9.06
CA GLU A 236 -34.29 -23.84 -8.06
C GLU A 236 -34.05 -22.61 -7.15
N VAL A 237 -32.86 -22.60 -6.57
CA VAL A 237 -32.45 -21.67 -5.51
C VAL A 237 -31.48 -20.62 -6.05
N GLY A 238 -31.00 -20.79 -7.29
CA GLY A 238 -30.03 -19.86 -7.87
C GLY A 238 -30.52 -18.44 -7.97
N ASP A 239 -31.76 -18.28 -8.43
CA ASP A 239 -32.38 -16.96 -8.58
C ASP A 239 -32.53 -16.24 -7.24
N VAL A 240 -32.85 -16.99 -6.21
CA VAL A 240 -32.94 -16.38 -4.90
C VAL A 240 -31.54 -15.93 -4.44
N MET A 241 -30.55 -16.77 -4.67
CA MET A 241 -29.17 -16.45 -4.17
C MET A 241 -28.54 -15.29 -4.91
N SER A 242 -28.96 -15.08 -6.14
CA SER A 242 -28.46 -13.98 -6.94
C SER A 242 -29.36 -12.74 -6.92
N GLY A 243 -30.63 -12.89 -6.60
CA GLY A 243 -31.57 -11.79 -6.74
C GLY A 243 -32.24 -11.28 -5.49
N HIS A 244 -31.81 -11.78 -4.33
CA HIS A 244 -32.43 -11.36 -3.09
C HIS A 244 -31.94 -9.97 -2.66
N LYS A 245 -32.85 -9.16 -2.14
CA LYS A 245 -32.48 -7.77 -1.80
C LYS A 245 -31.51 -7.62 -0.63
N GLU A 246 -31.43 -8.64 0.21
CA GLU A 246 -30.52 -8.59 1.38
C GLU A 246 -29.11 -9.03 1.10
N VAL A 247 -28.81 -9.35 -0.15
CA VAL A 247 -27.46 -9.77 -0.53
C VAL A 247 -26.67 -8.52 -0.96
N ASP A 248 -25.41 -8.45 -0.56
CA ASP A 248 -24.54 -7.37 -0.93
C ASP A 248 -23.50 -7.76 -1.99
N LEU A 249 -23.19 -9.05 -2.09
CA LEU A 249 -22.26 -9.57 -3.10
C LEU A 249 -22.65 -10.97 -3.45
N VAL A 250 -22.68 -11.26 -4.74
CA VAL A 250 -22.93 -12.58 -5.26
C VAL A 250 -21.66 -13.00 -5.94
N SER A 251 -21.07 -14.10 -5.45
CA SER A 251 -19.83 -14.61 -6.01
C SER A 251 -20.09 -15.99 -6.61
N PHE A 252 -19.93 -16.10 -7.91
CA PHE A 252 -20.25 -17.33 -8.62
C PHE A 252 -19.09 -17.83 -9.47
N THR A 253 -18.85 -19.13 -9.41
CA THR A 253 -17.86 -19.76 -10.22
C THR A 253 -18.55 -20.91 -10.92
N GLY A 254 -18.46 -20.92 -12.25
CA GLY A 254 -19.11 -21.97 -13.02
C GLY A 254 -19.24 -21.60 -14.49
N SER A 255 -20.31 -22.07 -15.11
CA SER A 255 -20.44 -21.91 -16.56
C SER A 255 -20.78 -20.48 -16.95
N ILE A 256 -20.36 -20.11 -18.16
CA ILE A 256 -20.61 -18.80 -18.67
C ILE A 256 -22.10 -18.47 -18.78
N GLU A 257 -22.90 -19.40 -19.30
CA GLU A 257 -24.32 -19.13 -19.47
C GLU A 257 -24.98 -18.89 -18.11
N THR A 258 -24.67 -19.70 -17.12
CA THR A 258 -25.22 -19.50 -15.78
C THR A 258 -24.76 -18.16 -15.17
N GLY A 259 -23.49 -17.85 -15.36
CA GLY A 259 -22.93 -16.64 -14.80
C GLY A 259 -23.61 -15.39 -15.31
N LYS A 260 -23.82 -15.32 -16.63
CA LYS A 260 -24.52 -14.19 -17.22
C LYS A 260 -25.92 -14.04 -16.60
N HIS A 261 -26.65 -15.15 -16.50
CA HIS A 261 -27.98 -15.13 -15.87
C HIS A 261 -27.92 -14.57 -14.44
N ILE A 262 -26.93 -15.05 -13.68
CA ILE A 262 -26.71 -14.59 -12.29
C ILE A 262 -26.42 -13.10 -12.21
N MET A 263 -25.58 -12.60 -13.10
CA MET A 263 -25.33 -11.17 -13.13
C MET A 263 -26.60 -10.38 -13.48
N LYS A 264 -27.41 -10.87 -14.41
CA LYS A 264 -28.65 -10.16 -14.80
C LYS A 264 -29.61 -10.12 -13.65
N ASN A 265 -29.66 -11.19 -12.85
CA ASN A 265 -30.48 -11.19 -11.66
C ASN A 265 -29.95 -10.25 -10.57
N ALA A 266 -28.64 -10.21 -10.38
CA ALA A 266 -28.01 -9.35 -9.39
C ALA A 266 -28.30 -7.90 -9.67
N ALA A 267 -28.46 -7.58 -10.95
CA ALA A 267 -28.77 -6.20 -11.33
C ALA A 267 -30.07 -5.69 -10.72
N ASN A 268 -31.01 -6.57 -10.44
CA ASN A 268 -32.30 -6.12 -9.92
C ASN A 268 -32.18 -5.38 -8.59
N ASN A 269 -31.12 -5.64 -7.83
CA ASN A 269 -30.85 -4.92 -6.57
C ASN A 269 -29.51 -4.16 -6.61
N VAL A 270 -28.93 -4.03 -7.81
CA VAL A 270 -27.66 -3.33 -8.01
C VAL A 270 -26.56 -3.97 -7.18
N THR A 271 -26.51 -5.29 -7.21
CA THR A 271 -25.68 -6.05 -6.34
C THR A 271 -24.33 -6.32 -6.92
N ASN A 272 -23.30 -6.16 -6.10
CA ASN A 272 -21.96 -6.45 -6.56
C ASN A 272 -21.91 -7.88 -7.06
N ILE A 273 -21.19 -8.14 -8.16
CA ILE A 273 -20.93 -9.52 -8.61
C ILE A 273 -19.45 -9.80 -8.84
N ALA A 274 -19.08 -11.04 -8.53
CA ALA A 274 -17.75 -11.55 -8.77
C ALA A 274 -18.02 -12.84 -9.53
N LEU A 275 -17.44 -12.97 -10.74
CA LEU A 275 -17.65 -14.13 -11.55
C LEU A 275 -16.32 -14.75 -12.03
N GLU A 276 -16.23 -16.07 -11.99
N GLU A 276 -16.24 -16.06 -11.99
CA GLU A 276 -15.15 -16.79 -12.66
CA GLU A 276 -15.12 -16.80 -12.60
C GLU A 276 -15.82 -17.86 -13.46
C GLU A 276 -15.79 -17.88 -13.45
N LEU A 277 -15.69 -17.73 -14.76
CA LEU A 277 -16.40 -18.55 -15.71
C LEU A 277 -15.55 -19.45 -16.59
N GLY A 278 -14.30 -19.68 -16.19
CA GLY A 278 -13.40 -20.53 -16.96
C GLY A 278 -12.88 -19.84 -18.22
N GLY A 279 -12.20 -20.60 -19.04
CA GLY A 279 -11.64 -20.07 -20.26
C GLY A 279 -10.86 -21.08 -21.09
N LYS A 280 -10.65 -20.71 -22.32
CA LYS A 280 -9.85 -21.44 -23.29
C LYS A 280 -8.43 -20.89 -23.13
N ASN A 281 -7.63 -21.61 -22.39
CA ASN A 281 -6.34 -21.13 -21.95
C ASN A 281 -5.29 -21.57 -22.91
N PRO A 282 -4.58 -20.60 -23.52
CA PRO A 282 -3.62 -20.99 -24.52
C PRO A 282 -2.29 -21.40 -23.97
N ASN A 283 -1.65 -22.33 -24.65
CA ASN A 283 -0.32 -22.81 -24.31
C ASN A 283 0.58 -22.60 -25.55
N ILE A 284 1.38 -21.54 -25.51
CA ILE A 284 2.17 -21.10 -26.65
C ILE A 284 3.60 -21.65 -26.54
N ILE A 285 3.97 -22.47 -27.52
CA ILE A 285 5.26 -23.14 -27.50
C ILE A 285 6.09 -22.69 -28.69
N PHE A 286 7.19 -22.00 -28.42
CA PHE A 286 8.07 -21.50 -29.50
C PHE A 286 9.05 -22.59 -29.88
N ASP A 287 9.63 -22.49 -31.05
CA ASP A 287 10.61 -23.49 -31.45
C ASP A 287 11.86 -23.46 -30.57
N ASP A 288 12.12 -22.36 -29.84
CA ASP A 288 13.27 -22.33 -28.88
C ASP A 288 12.89 -22.67 -27.44
N ALA A 289 11.73 -23.27 -27.26
CA ALA A 289 11.34 -23.82 -25.97
C ALA A 289 12.22 -25.05 -25.69
N ASP A 290 12.34 -25.41 -24.41
CA ASP A 290 12.94 -26.69 -24.02
C ASP A 290 11.88 -27.70 -24.49
N PHE A 291 12.22 -28.48 -25.51
CA PHE A 291 11.23 -29.31 -26.17
C PHE A 291 10.59 -30.33 -25.25
N GLU A 292 11.40 -31.10 -24.56
CA GLU A 292 10.86 -32.14 -23.66
C GLU A 292 10.02 -31.51 -22.54
N LEU A 293 10.44 -30.35 -22.04
CA LEU A 293 9.65 -29.64 -21.01
C LEU A 293 8.26 -29.27 -21.57
N ALA A 294 8.28 -28.70 -22.76
CA ALA A 294 7.05 -28.23 -23.42
C ALA A 294 6.05 -29.36 -23.67
N VAL A 295 6.55 -30.53 -24.04
CA VAL A 295 5.68 -31.67 -24.26
C VAL A 295 5.11 -32.10 -22.93
N ASP A 296 5.96 -32.19 -21.91
CA ASP A 296 5.53 -32.58 -20.60
C ASP A 296 4.42 -31.65 -20.08
N GLN A 297 4.66 -30.34 -20.23
CA GLN A 297 3.70 -29.39 -19.69
C GLN A 297 2.46 -29.25 -20.55
N ALA A 298 2.56 -29.62 -21.81
CA ALA A 298 1.34 -29.67 -22.67
C ALA A 298 0.43 -30.78 -22.20
N LEU A 299 1.04 -31.93 -21.87
N LEU A 299 1.04 -31.92 -21.88
CA LEU A 299 0.28 -33.07 -21.31
CA LEU A 299 0.34 -33.08 -21.34
C LEU A 299 -0.36 -32.65 -20.01
C LEU A 299 -0.34 -32.68 -20.01
N ASN A 300 0.43 -32.06 -19.13
CA ASN A 300 -0.09 -31.63 -17.84
C ASN A 300 -1.18 -30.62 -17.99
N GLY A 301 -0.99 -29.66 -18.90
CA GLY A 301 -1.99 -28.66 -19.15
C GLY A 301 -3.27 -29.24 -19.71
N GLY A 302 -3.14 -30.19 -20.61
CA GLY A 302 -4.32 -30.80 -21.20
C GLY A 302 -5.10 -31.77 -20.37
N TYR A 303 -4.41 -32.56 -19.53
CA TYR A 303 -5.02 -33.74 -18.94
C TYR A 303 -5.07 -33.90 -17.40
N PHE A 304 -4.44 -33.01 -16.66
CA PHE A 304 -4.66 -33.03 -15.18
C PHE A 304 -6.16 -32.89 -14.92
N HIS A 305 -6.70 -33.67 -13.97
CA HIS A 305 -8.15 -33.75 -13.71
C HIS A 305 -9.00 -33.95 -14.99
N ALA A 306 -8.47 -34.78 -15.88
CA ALA A 306 -9.12 -35.08 -17.13
C ALA A 306 -9.46 -33.78 -17.87
N GLY A 307 -8.62 -32.77 -17.70
CA GLY A 307 -8.76 -31.52 -18.43
C GLY A 307 -9.91 -30.68 -17.88
N GLN A 308 -10.38 -31.00 -16.68
CA GLN A 308 -11.52 -30.30 -16.06
C GLN A 308 -11.13 -29.23 -15.06
N VAL A 309 -9.85 -29.10 -14.72
CA VAL A 309 -9.40 -28.07 -13.78
C VAL A 309 -9.54 -26.71 -14.48
N CME A 310 -9.80 -25.64 -13.74
CA CME A 310 -10.03 -24.31 -14.39
CB CME A 310 -10.63 -23.34 -13.37
SG CME A 310 -9.47 -22.35 -12.41
SD CME A 310 -8.13 -23.51 -11.53
CE CME A 310 -8.96 -23.91 -10.03
CZ CME A 310 -9.25 -25.42 -10.02
OH CME A 310 -10.28 -25.76 -10.96
C CME A 310 -8.79 -23.76 -15.10
O CME A 310 -8.88 -22.95 -16.06
N SER A 311 -7.63 -24.22 -14.68
CA SER A 311 -6.34 -23.81 -15.26
C SER A 311 -5.96 -24.64 -16.52
N ALA A 312 -6.78 -25.63 -16.90
CA ALA A 312 -6.50 -26.49 -18.09
C ALA A 312 -6.12 -25.72 -19.36
N GLY A 313 -5.10 -26.22 -20.07
CA GLY A 313 -4.66 -25.65 -21.33
C GLY A 313 -5.14 -26.50 -22.51
N SER A 314 -6.30 -26.20 -23.07
CA SER A 314 -6.86 -26.98 -24.17
C SER A 314 -6.41 -26.47 -25.53
N ARG A 315 -5.85 -25.26 -25.58
CA ARG A 315 -5.48 -24.68 -26.87
C ARG A 315 -3.99 -24.53 -27.00
N ILE A 316 -3.38 -25.49 -27.68
CA ILE A 316 -1.94 -25.42 -27.89
C ILE A 316 -1.64 -24.68 -29.18
N LEU A 317 -0.73 -23.73 -29.10
CA LEU A 317 -0.23 -22.95 -30.25
C LEU A 317 1.27 -23.21 -30.34
N VAL A 318 1.70 -23.91 -31.37
CA VAL A 318 3.09 -24.36 -31.46
C VAL A 318 3.73 -23.84 -32.74
N GLN A 319 4.94 -23.32 -32.60
CA GLN A 319 5.64 -22.73 -33.76
C GLN A 319 5.86 -23.76 -34.86
N ASN A 320 5.67 -23.33 -36.10
CA ASN A 320 5.62 -24.26 -37.22
C ASN A 320 6.82 -25.13 -37.44
N SER A 321 8.00 -24.64 -37.13
CA SER A 321 9.20 -25.44 -37.34
C SER A 321 9.32 -26.65 -36.41
N ILE A 322 8.67 -26.64 -35.25
CA ILE A 322 8.69 -27.82 -34.41
C ILE A 322 7.33 -28.50 -34.32
N LYS A 323 6.34 -27.99 -35.03
CA LYS A 323 4.97 -28.49 -34.93
C LYS A 323 4.76 -29.99 -35.22
N ASP A 324 5.29 -30.48 -36.32
CA ASP A 324 5.16 -31.87 -36.70
C ASP A 324 5.75 -32.75 -35.63
N LYS A 325 6.94 -32.40 -35.19
CA LYS A 325 7.59 -33.21 -34.13
C LYS A 325 6.83 -33.14 -32.81
N PHE A 326 6.42 -31.92 -32.45
CA PHE A 326 5.66 -31.72 -31.25
C PHE A 326 4.39 -32.54 -31.26
N GLU A 327 3.66 -32.51 -32.39
CA GLU A 327 2.44 -33.26 -32.45
C GLU A 327 2.68 -34.74 -32.15
N GLN A 328 3.72 -35.32 -32.72
CA GLN A 328 3.95 -36.73 -32.53
C GLN A 328 4.42 -37.07 -31.12
N ALA A 329 5.30 -36.24 -30.57
CA ALA A 329 5.81 -36.45 -29.23
C ALA A 329 4.68 -36.42 -28.21
N LEU A 330 3.77 -35.45 -28.39
CA LEU A 330 2.57 -35.36 -27.56
C LEU A 330 1.70 -36.64 -27.67
N ILE A 331 1.38 -37.01 -28.89
CA ILE A 331 0.62 -38.22 -29.13
C ILE A 331 1.30 -39.47 -28.53
N ASP A 332 2.62 -39.62 -28.68
CA ASP A 332 3.36 -40.77 -28.16
C ASP A 332 3.08 -40.91 -26.66
N ARG A 333 3.06 -39.80 -25.95
CA ARG A 333 2.82 -39.80 -24.52
C ARG A 333 1.35 -39.95 -24.16
N VAL A 334 0.48 -39.32 -24.94
CA VAL A 334 -0.96 -39.46 -24.68
C VAL A 334 -1.37 -40.94 -24.72
N LYS A 335 -0.81 -41.70 -25.64
CA LYS A 335 -1.08 -43.13 -25.77
C LYS A 335 -0.79 -43.95 -24.49
N LYS A 336 0.08 -43.43 -23.64
CA LYS A 336 0.49 -44.12 -22.44
C LYS A 336 -0.20 -43.66 -21.16
N ILE A 337 -1.02 -42.63 -21.25
CA ILE A 337 -1.68 -42.14 -20.06
C ILE A 337 -2.53 -43.23 -19.45
N LYS A 338 -2.35 -43.44 -18.15
CA LYS A 338 -3.07 -44.51 -17.41
C LYS A 338 -4.37 -44.03 -16.79
N LEU A 339 -5.46 -44.54 -17.33
CA LEU A 339 -6.80 -44.21 -16.82
C LEU A 339 -7.17 -45.25 -15.77
N GLY A 340 -7.96 -44.86 -14.79
CA GLY A 340 -8.45 -45.80 -13.80
C GLY A 340 -9.12 -45.16 -12.60
N ASN A 341 -9.27 -45.96 -11.56
CA ASN A 341 -9.81 -45.55 -10.29
C ASN A 341 -8.88 -44.56 -9.60
N GLY A 342 -9.42 -43.43 -9.21
CA GLY A 342 -8.63 -42.40 -8.54
C GLY A 342 -8.00 -42.85 -7.24
N PHE A 343 -8.61 -43.86 -6.60
CA PHE A 343 -8.03 -44.40 -5.39
C PHE A 343 -6.79 -45.27 -5.63
N ASP A 344 -6.53 -45.65 -6.88
CA ASP A 344 -5.37 -46.50 -7.20
C ASP A 344 -4.18 -45.64 -7.56
N ALA A 345 -3.06 -45.88 -6.88
CA ALA A 345 -1.83 -45.09 -7.05
C ALA A 345 -1.29 -45.02 -8.50
N ASP A 346 -1.59 -46.03 -9.30
N ASP A 346 -1.62 -46.02 -9.29
CA ASP A 346 -1.07 -46.07 -10.68
CA ASP A 346 -1.17 -46.14 -10.67
C ASP A 346 -1.89 -45.22 -11.65
C ASP A 346 -1.90 -45.23 -11.64
N THR A 347 -3.09 -44.81 -11.23
CA THR A 347 -3.92 -43.99 -12.06
C THR A 347 -3.34 -42.60 -12.28
N GLU A 348 -3.34 -42.20 -13.55
CA GLU A 348 -2.86 -40.88 -13.98
C GLU A 348 -4.01 -39.96 -14.35
N MET A 349 -5.12 -40.54 -14.82
CA MET A 349 -6.26 -39.74 -15.19
C MET A 349 -7.52 -40.49 -14.85
N GLY A 350 -8.40 -39.82 -14.14
CA GLY A 350 -9.64 -40.39 -13.73
C GLY A 350 -10.73 -40.13 -14.76
N PRO A 351 -11.96 -40.47 -14.42
CA PRO A 351 -13.11 -40.21 -15.30
C PRO A 351 -13.52 -38.74 -15.38
N VAL A 352 -14.47 -38.41 -16.23
CA VAL A 352 -15.06 -37.09 -16.20
C VAL A 352 -16.26 -37.12 -15.21
N ILE A 353 -16.80 -35.94 -14.92
CA ILE A 353 -17.67 -35.76 -13.76
C ILE A 353 -19.07 -36.36 -13.81
N SER A 354 -19.67 -36.39 -14.99
CA SER A 354 -21.04 -36.82 -15.09
C SER A 354 -21.39 -37.26 -16.50
N THR A 355 -22.55 -37.88 -16.59
CA THR A 355 -23.09 -38.29 -17.90
C THR A 355 -23.26 -37.11 -18.83
N GLU A 356 -23.85 -36.05 -18.31
CA GLU A 356 -24.10 -34.86 -19.08
C GLU A 356 -22.81 -34.26 -19.62
N HIS A 357 -21.76 -34.23 -18.79
CA HIS A 357 -20.52 -33.65 -19.23
C HIS A 357 -19.85 -34.54 -20.27
N ARG A 358 -19.84 -35.84 -20.04
CA ARG A 358 -19.28 -36.73 -21.05
C ARG A 358 -20.02 -36.60 -22.37
N ASN A 359 -21.34 -36.42 -22.33
CA ASN A 359 -22.11 -36.28 -23.57
C ASN A 359 -21.70 -35.02 -24.32
N LYS A 360 -21.43 -33.95 -23.57
CA LYS A 360 -21.02 -32.70 -24.20
C LYS A 360 -19.69 -32.91 -24.90
N ILE A 361 -18.77 -33.64 -24.26
CA ILE A 361 -17.45 -33.92 -24.84
C ILE A 361 -17.59 -34.76 -26.11
N GLU A 362 -18.45 -35.76 -26.07
CA GLU A 362 -18.71 -36.55 -27.27
C GLU A 362 -19.29 -35.69 -28.42
N SER A 363 -20.19 -34.77 -28.10
CA SER A 363 -20.79 -33.93 -29.15
C SER A 363 -19.72 -33.04 -29.77
N TYR A 364 -18.77 -32.59 -28.96
N TYR A 364 -18.76 -32.60 -28.96
CA TYR A 364 -17.70 -31.77 -29.46
CA TYR A 364 -17.66 -31.76 -29.43
C TYR A 364 -16.79 -32.51 -30.41
C TYR A 364 -16.78 -32.51 -30.41
N MET A 365 -16.60 -33.82 -30.22
CA MET A 365 -15.82 -34.61 -31.17
C MET A 365 -16.54 -34.63 -32.53
N ASP A 366 -17.87 -34.71 -32.48
CA ASP A 366 -18.69 -34.70 -33.72
C ASP A 366 -18.51 -33.36 -34.39
N VAL A 367 -18.44 -32.29 -33.60
CA VAL A 367 -18.25 -30.95 -34.15
C VAL A 367 -16.90 -30.87 -34.83
N ALA A 368 -15.86 -31.32 -34.14
CA ALA A 368 -14.53 -31.34 -34.70
C ALA A 368 -14.47 -32.02 -36.05
N LYS A 369 -15.07 -33.19 -36.13
CA LYS A 369 -15.12 -33.93 -37.40
C LYS A 369 -15.85 -33.13 -38.46
N ALA A 370 -17.05 -32.64 -38.13
CA ALA A 370 -17.86 -31.85 -39.11
C ALA A 370 -17.11 -30.64 -39.66
N GLU A 371 -16.28 -30.03 -38.82
CA GLU A 371 -15.48 -28.87 -39.22
C GLU A 371 -14.22 -29.24 -39.97
N GLY A 372 -13.90 -30.52 -40.08
CA GLY A 372 -12.73 -30.94 -40.88
C GLY A 372 -11.43 -31.05 -40.11
N ALA A 373 -11.50 -31.02 -38.77
CA ALA A 373 -10.32 -31.27 -37.99
C ALA A 373 -10.04 -32.78 -37.95
N THR A 374 -8.85 -33.17 -37.55
CA THR A 374 -8.48 -34.58 -37.40
C THR A 374 -8.41 -35.01 -35.92
N ILE A 375 -9.04 -36.13 -35.57
CA ILE A 375 -8.88 -36.71 -34.23
C ILE A 375 -7.61 -37.55 -34.28
N ALA A 376 -6.50 -36.98 -33.81
CA ALA A 376 -5.20 -37.61 -33.95
C ALA A 376 -5.06 -38.78 -33.03
N VAL A 377 -5.68 -38.70 -31.84
CA VAL A 377 -5.63 -39.80 -30.88
C VAL A 377 -6.78 -39.62 -29.88
N GLY A 378 -7.33 -40.74 -29.41
CA GLY A 378 -8.43 -40.70 -28.43
C GLY A 378 -9.73 -40.39 -29.11
N GLY A 379 -10.52 -39.55 -28.47
CA GLY A 379 -11.78 -39.14 -29.05
C GLY A 379 -12.97 -40.07 -28.80
N LYS A 380 -12.83 -41.06 -27.92
CA LYS A 380 -13.94 -41.94 -27.61
C LYS A 380 -13.85 -42.46 -26.19
N ARG A 381 -14.90 -43.16 -25.77
CA ARG A 381 -14.89 -43.82 -24.45
C ARG A 381 -13.95 -45.02 -24.53
N PRO A 382 -13.22 -45.29 -23.44
CA PRO A 382 -12.35 -46.45 -23.49
C PRO A 382 -13.17 -47.73 -23.36
N ASP A 383 -12.65 -48.81 -23.93
CA ASP A 383 -13.28 -50.14 -23.93
C ASP A 383 -12.94 -51.04 -22.72
N ARG A 384 -11.76 -50.86 -22.15
CA ARG A 384 -11.23 -51.75 -21.11
C ARG A 384 -12.24 -52.08 -20.00
N ASP A 385 -12.26 -53.34 -19.59
CA ASP A 385 -13.24 -53.86 -18.63
C ASP A 385 -13.38 -53.07 -17.35
N ASP A 386 -12.24 -52.69 -16.75
CA ASP A 386 -12.27 -51.94 -15.49
C ASP A 386 -12.70 -50.48 -15.68
N LEU A 387 -12.79 -50.02 -16.93
CA LEU A 387 -13.22 -48.66 -17.25
C LEU A 387 -14.65 -48.59 -17.80
N LYS A 388 -15.20 -49.73 -18.15
CA LYS A 388 -16.52 -49.81 -18.81
C LYS A 388 -17.68 -49.16 -18.04
N ASP A 389 -17.68 -49.29 -16.72
CA ASP A 389 -18.79 -48.77 -15.94
C ASP A 389 -18.67 -47.30 -15.53
N GLY A 390 -17.47 -46.71 -15.67
CA GLY A 390 -17.27 -45.34 -15.23
C GLY A 390 -17.41 -44.35 -16.38
N LEU A 391 -17.39 -43.06 -16.01
CA LEU A 391 -17.54 -41.96 -16.95
C LEU A 391 -16.20 -41.55 -17.56
N PHE A 392 -15.51 -42.54 -18.13
CA PHE A 392 -14.20 -42.29 -18.71
C PHE A 392 -14.31 -41.79 -20.13
N PHE A 393 -13.32 -41.01 -20.50
CA PHE A 393 -13.17 -40.56 -21.89
C PHE A 393 -11.67 -40.49 -22.17
N GLU A 394 -11.25 -40.97 -23.33
CA GLU A 394 -9.81 -41.03 -23.65
C GLU A 394 -9.19 -39.65 -23.82
N PRO A 395 -7.95 -39.51 -23.39
CA PRO A 395 -7.26 -38.26 -23.61
C PRO A 395 -7.13 -38.10 -25.11
N THR A 396 -7.47 -36.92 -25.57
CA THR A 396 -7.62 -36.66 -26.99
C THR A 396 -6.76 -35.48 -27.49
N VAL A 397 -6.24 -35.64 -28.69
CA VAL A 397 -5.53 -34.59 -29.41
C VAL A 397 -6.17 -34.38 -30.75
N ILE A 398 -6.55 -33.13 -30.99
CA ILE A 398 -7.17 -32.76 -32.25
C ILE A 398 -6.20 -31.90 -33.03
N THR A 399 -5.94 -32.28 -34.28
CA THR A 399 -4.99 -31.57 -35.13
C THR A 399 -5.68 -31.00 -36.36
N ASN A 400 -4.93 -30.27 -37.18
CA ASN A 400 -5.45 -29.71 -38.43
C ASN A 400 -6.68 -28.87 -38.19
N CYS A 401 -6.52 -27.81 -37.41
CA CYS A 401 -7.64 -26.95 -37.10
C CYS A 401 -7.19 -25.55 -37.11
N ASP A 402 -8.15 -24.64 -36.99
CA ASP A 402 -7.82 -23.23 -37.00
C ASP A 402 -8.79 -22.43 -36.17
N THR A 403 -8.41 -21.18 -35.95
CA THR A 403 -9.11 -20.28 -35.07
C THR A 403 -10.57 -19.98 -35.46
N SER A 404 -10.95 -20.23 -36.72
CA SER A 404 -12.34 -20.02 -37.13
C SER A 404 -13.30 -21.15 -36.68
N MET A 405 -12.74 -22.28 -36.27
CA MET A 405 -13.55 -23.43 -35.87
C MET A 405 -14.15 -23.30 -34.48
N ARG A 406 -15.33 -23.90 -34.32
CA ARG A 406 -16.00 -23.92 -33.04
C ARG A 406 -15.17 -24.65 -32.01
N ILE A 407 -14.52 -25.72 -32.44
CA ILE A 407 -13.72 -26.53 -31.51
C ILE A 407 -12.54 -25.77 -30.94
N VAL A 408 -12.07 -24.75 -31.65
CA VAL A 408 -11.01 -23.88 -31.14
C VAL A 408 -11.63 -22.75 -30.34
N GLN A 409 -12.75 -22.22 -30.78
CA GLN A 409 -13.34 -21.07 -30.13
C GLN A 409 -14.13 -21.38 -28.88
N GLU A 410 -14.57 -22.61 -28.72
CA GLU A 410 -15.42 -22.99 -27.58
C GLU A 410 -14.69 -23.94 -26.69
N GLU A 411 -14.79 -23.69 -25.39
N GLU A 411 -14.78 -23.69 -25.39
CA GLU A 411 -14.13 -24.52 -24.38
CA GLU A 411 -14.10 -24.54 -24.40
C GLU A 411 -14.97 -25.77 -24.11
C GLU A 411 -14.97 -25.77 -24.11
N VAL A 412 -14.33 -26.93 -24.14
CA VAL A 412 -15.02 -28.22 -23.91
C VAL A 412 -14.94 -28.62 -22.42
N PHE A 413 -13.86 -28.21 -21.77
N PHE A 413 -13.87 -28.20 -21.77
CA PHE A 413 -13.67 -28.54 -20.37
CA PHE A 413 -13.62 -28.49 -20.35
C PHE A 413 -13.53 -30.04 -20.14
C PHE A 413 -13.52 -30.02 -20.13
N GLY A 414 -12.79 -30.72 -21.02
CA GLY A 414 -12.58 -32.15 -20.93
C GLY A 414 -11.13 -32.53 -21.27
N PRO A 415 -10.83 -33.83 -21.37
CA PRO A 415 -9.43 -34.25 -21.63
C PRO A 415 -9.11 -34.19 -23.13
N VAL A 416 -9.14 -32.98 -23.64
CA VAL A 416 -9.02 -32.72 -25.05
C VAL A 416 -8.20 -31.47 -25.27
N VAL A 417 -7.26 -31.52 -26.24
CA VAL A 417 -6.51 -30.38 -26.63
C VAL A 417 -6.59 -30.25 -28.15
N THR A 418 -6.50 -29.02 -28.61
CA THR A 418 -6.36 -28.74 -30.04
C THR A 418 -4.93 -28.25 -30.27
N VAL A 419 -4.41 -28.47 -31.49
CA VAL A 419 -3.09 -27.97 -31.85
C VAL A 419 -3.14 -27.13 -33.12
N GLU A 420 -2.71 -25.88 -33.00
CA GLU A 420 -2.63 -24.93 -34.09
C GLU A 420 -1.17 -24.53 -34.25
N GLY A 421 -0.78 -24.22 -35.47
CA GLY A 421 0.56 -23.76 -35.73
C GLY A 421 0.62 -22.26 -35.85
N PHE A 422 1.81 -21.70 -35.69
CA PHE A 422 2.02 -20.29 -35.91
C PHE A 422 3.43 -20.10 -36.45
N GLU A 423 3.63 -19.00 -37.18
CA GLU A 423 4.92 -18.71 -37.76
C GLU A 423 5.74 -17.72 -36.96
N THR A 424 5.08 -16.66 -36.50
CA THR A 424 5.77 -15.57 -35.83
C THR A 424 5.25 -15.30 -34.45
N GLU A 425 6.05 -14.58 -33.67
CA GLU A 425 5.67 -14.12 -32.37
C GLU A 425 4.35 -13.33 -32.45
N GLN A 426 4.27 -12.43 -33.42
N GLN A 426 4.27 -12.42 -33.41
CA GLN A 426 3.08 -11.59 -33.60
CA GLN A 426 3.08 -11.60 -33.59
C GLN A 426 1.84 -12.44 -33.86
C GLN A 426 1.84 -12.44 -33.86
N GLU A 427 2.00 -13.45 -34.70
CA GLU A 427 0.90 -14.35 -35.03
C GLU A 427 0.41 -15.13 -33.80
N ALA A 428 1.36 -15.60 -32.98
CA ALA A 428 1.01 -16.37 -31.80
C ALA A 428 0.19 -15.52 -30.87
N ILE A 429 0.59 -14.28 -30.68
CA ILE A 429 -0.14 -13.35 -29.84
C ILE A 429 -1.57 -13.11 -30.39
N GLN A 430 -1.67 -12.78 -31.67
CA GLN A 430 -2.96 -12.56 -32.35
C GLN A 430 -3.91 -13.76 -32.20
N LEU A 431 -3.39 -14.96 -32.36
CA LEU A 431 -4.20 -16.17 -32.27
C LEU A 431 -4.64 -16.41 -30.84
N ALA A 432 -3.68 -16.31 -29.92
CA ALA A 432 -3.97 -16.55 -28.54
C ALA A 432 -5.02 -15.59 -28.03
N ASN A 433 -4.96 -14.32 -28.47
CA ASN A 433 -5.97 -13.32 -28.06
C ASN A 433 -7.29 -13.40 -28.84
N ASP A 434 -7.36 -14.22 -29.89
CA ASP A 434 -8.55 -14.39 -30.70
C ASP A 434 -9.47 -15.42 -30.02
N SER A 435 -10.16 -14.92 -29.02
CA SER A 435 -10.95 -15.72 -28.15
C SER A 435 -11.82 -14.78 -27.35
N ILE A 436 -12.97 -15.27 -26.90
CA ILE A 436 -13.81 -14.49 -25.97
C ILE A 436 -13.33 -14.58 -24.54
N TYR A 437 -12.38 -15.46 -24.27
CA TYR A 437 -11.95 -15.75 -22.90
C TYR A 437 -10.70 -14.95 -22.54
N GLY A 438 -10.30 -15.03 -21.29
CA GLY A 438 -9.14 -14.27 -20.78
C GLY A 438 -8.67 -14.70 -19.41
N LEU A 439 -8.66 -16.01 -19.15
CA LEU A 439 -8.35 -16.51 -17.78
C LEU A 439 -6.84 -16.72 -17.48
N ALA A 440 -6.18 -17.61 -18.23
CA ALA A 440 -4.76 -17.92 -17.99
C ALA A 440 -4.16 -18.50 -19.26
N GLY A 441 -2.84 -18.57 -19.28
CA GLY A 441 -2.13 -19.11 -20.41
C GLY A 441 -0.64 -19.15 -20.12
N ALA A 442 0.09 -19.84 -20.98
CA ALA A 442 1.56 -19.99 -20.84
C ALA A 442 2.31 -19.64 -22.15
N VAL A 443 3.57 -19.27 -21.97
CA VAL A 443 4.49 -19.10 -23.05
C VAL A 443 5.70 -19.93 -22.71
N PHE A 444 6.09 -20.82 -23.62
CA PHE A 444 7.32 -21.59 -23.45
C PHE A 444 8.38 -21.14 -24.46
N SER A 445 9.52 -20.68 -23.94
CA SER A 445 10.66 -20.29 -24.76
C SER A 445 11.87 -20.12 -23.84
N LYS A 446 13.04 -20.54 -24.29
CA LYS A 446 14.27 -20.27 -23.52
C LYS A 446 14.65 -18.78 -23.61
N ASP A 447 14.05 -18.07 -24.57
CA ASP A 447 14.29 -16.62 -24.75
C ASP A 447 13.30 -15.91 -23.83
N ILE A 448 13.77 -15.64 -22.60
CA ILE A 448 12.95 -15.03 -21.58
C ILE A 448 12.46 -13.64 -21.99
N GLY A 449 13.28 -12.88 -22.72
CA GLY A 449 12.85 -11.57 -23.19
C GLY A 449 11.63 -11.66 -24.10
N LYS A 450 11.64 -12.64 -25.00
CA LYS A 450 10.52 -12.88 -25.91
C LYS A 450 9.31 -13.33 -25.10
N ALA A 451 9.52 -14.23 -24.16
CA ALA A 451 8.40 -14.71 -23.34
C ALA A 451 7.73 -13.54 -22.62
N GLN A 452 8.54 -12.63 -22.10
N GLN A 452 8.54 -12.63 -22.10
CA GLN A 452 8.02 -11.47 -21.39
CA GLN A 452 7.99 -11.47 -21.41
C GLN A 452 7.24 -10.54 -22.34
C GLN A 452 7.23 -10.55 -22.35
N ARG A 453 7.70 -10.40 -23.58
CA ARG A 453 7.01 -9.56 -24.58
C ARG A 453 5.63 -10.13 -24.87
N VAL A 454 5.60 -11.44 -25.06
CA VAL A 454 4.32 -12.15 -25.29
C VAL A 454 3.41 -12.02 -24.08
N ALA A 455 3.94 -12.30 -22.88
CA ALA A 455 3.15 -12.20 -21.67
C ALA A 455 2.49 -10.83 -21.53
N ASN A 456 3.21 -9.77 -21.84
CA ASN A 456 2.64 -8.43 -21.70
C ASN A 456 1.50 -8.14 -22.69
N LYS A 457 1.48 -8.82 -23.81
CA LYS A 457 0.46 -8.61 -24.79
C LYS A 457 -0.75 -9.54 -24.66
N LEU A 458 -0.64 -10.60 -23.91
CA LEU A 458 -1.76 -11.53 -23.77
C LEU A 458 -2.83 -10.99 -22.84
N LYS A 459 -4.08 -10.97 -23.29
CA LYS A 459 -5.16 -10.50 -22.44
C LYS A 459 -5.68 -11.64 -21.56
N LEU A 460 -4.90 -11.91 -20.50
CA LEU A 460 -5.17 -13.01 -19.61
C LEU A 460 -4.85 -12.58 -18.17
N GLY A 461 -5.63 -13.07 -17.23
CA GLY A 461 -5.43 -12.71 -15.82
C GLY A 461 -4.16 -13.31 -15.19
N THR A 462 -3.70 -14.45 -15.72
CA THR A 462 -2.45 -15.10 -15.30
C THR A 462 -1.68 -15.59 -16.53
N VAL A 463 -0.41 -15.24 -16.63
CA VAL A 463 0.46 -15.77 -17.69
C VAL A 463 1.64 -16.44 -17.00
N TRP A 464 1.87 -17.69 -17.34
CA TRP A 464 3.01 -18.46 -16.89
C TRP A 464 4.12 -18.46 -17.96
N ILE A 465 5.36 -18.17 -17.55
CA ILE A 465 6.49 -18.23 -18.45
C ILE A 465 7.24 -19.52 -18.07
N ASN A 466 7.33 -20.46 -19.01
CA ASN A 466 7.93 -21.78 -18.77
C ASN A 466 7.36 -22.57 -17.57
N ASP A 467 6.02 -22.52 -17.46
CA ASP A 467 5.27 -23.32 -16.50
C ASP A 467 3.81 -23.44 -17.02
N PHE A 468 3.05 -24.29 -16.35
CA PHE A 468 1.64 -24.44 -16.60
C PHE A 468 0.93 -24.89 -15.33
N HIS A 469 -0.17 -24.20 -15.01
CA HIS A 469 -1.04 -24.43 -13.84
C HIS A 469 -0.85 -23.62 -12.56
N PRO A 470 0.33 -23.06 -12.30
CA PRO A 470 0.37 -22.52 -10.94
C PRO A 470 -0.64 -21.42 -10.57
N TYR A 471 -1.28 -21.60 -9.42
CA TYR A 471 -2.07 -20.56 -8.79
C TYR A 471 -1.84 -20.68 -7.27
N PHE A 472 -1.95 -19.60 -6.54
CA PHE A 472 -1.72 -19.64 -5.10
C PHE A 472 -2.31 -18.44 -4.43
N ALA A 473 -2.60 -18.58 -3.12
CA ALA A 473 -3.33 -17.58 -2.38
C ALA A 473 -2.67 -16.19 -2.41
N GLN A 474 -1.35 -16.12 -2.61
CA GLN A 474 -0.63 -14.84 -2.53
C GLN A 474 -0.89 -13.95 -3.73
N ALA A 475 -1.43 -14.51 -4.81
CA ALA A 475 -1.64 -13.75 -6.06
C ALA A 475 -3.08 -13.85 -6.60
N PRO A 476 -3.62 -12.71 -7.05
CA PRO A 476 -4.97 -12.75 -7.58
C PRO A 476 -5.12 -13.57 -8.89
N TRP A 477 -6.29 -14.22 -8.99
CA TRP A 477 -6.68 -15.07 -10.10
C TRP A 477 -8.07 -14.62 -10.59
N GLY A 478 -8.22 -14.49 -11.90
CA GLY A 478 -9.50 -14.10 -12.46
C GLY A 478 -9.31 -13.78 -13.94
N GLY A 479 -10.40 -13.50 -14.60
CA GLY A 479 -10.32 -13.36 -16.06
C GLY A 479 -10.63 -12.02 -16.66
N TYR A 480 -9.98 -11.73 -17.80
CA TYR A 480 -10.34 -10.65 -18.66
C TYR A 480 -11.54 -11.15 -19.47
N LYS A 481 -12.23 -10.22 -20.09
CA LYS A 481 -13.28 -10.54 -21.06
C LYS A 481 -14.36 -11.44 -20.48
N GLN A 482 -14.74 -12.50 -21.20
CA GLN A 482 -15.87 -13.33 -20.73
C GLN A 482 -15.48 -14.37 -19.72
N SER A 483 -14.23 -14.36 -19.30
CA SER A 483 -13.81 -15.31 -18.27
C SER A 483 -14.23 -14.90 -16.90
N GLY A 484 -14.67 -13.66 -16.73
CA GLY A 484 -15.13 -13.23 -15.42
C GLY A 484 -15.15 -11.75 -15.12
N ILE A 485 -15.47 -11.47 -13.86
CA ILE A 485 -15.45 -10.13 -13.31
C ILE A 485 -14.85 -10.28 -11.90
N GLY A 486 -13.85 -9.44 -11.64
CA GLY A 486 -13.18 -9.43 -10.34
C GLY A 486 -12.09 -10.45 -10.18
N ARG A 487 -11.59 -10.58 -8.94
CA ARG A 487 -10.51 -11.49 -8.65
C ARG A 487 -10.74 -12.28 -7.40
N GLU A 488 -10.19 -13.48 -7.37
CA GLU A 488 -10.16 -14.31 -6.14
C GLU A 488 -8.69 -14.49 -5.82
N LEU A 489 -8.42 -14.76 -4.56
CA LEU A 489 -7.04 -14.87 -4.05
C LEU A 489 -6.32 -13.51 -3.99
N GLY A 490 -5.26 -13.47 -3.17
CA GLY A 490 -4.49 -12.26 -2.95
C GLY A 490 -5.23 -11.17 -2.22
N LYS A 491 -4.59 -10.02 -2.08
CA LYS A 491 -5.25 -8.82 -1.50
C LYS A 491 -6.49 -8.40 -2.30
N GLU A 492 -6.43 -8.51 -3.63
CA GLU A 492 -7.60 -8.17 -4.44
C GLU A 492 -8.75 -9.07 -4.14
N GLY A 493 -8.49 -10.33 -3.89
CA GLY A 493 -9.54 -11.27 -3.56
C GLY A 493 -10.22 -10.88 -2.27
N LEU A 494 -9.42 -10.51 -1.24
CA LEU A 494 -9.97 -10.02 -0.03
C LEU A 494 -10.85 -8.77 -0.24
N GLU A 495 -10.40 -7.88 -1.11
CA GLU A 495 -11.11 -6.64 -1.38
C GLU A 495 -12.51 -6.80 -1.96
N GLU A 496 -12.81 -7.92 -2.58
CA GLU A 496 -14.18 -8.16 -3.04
C GLU A 496 -15.11 -8.18 -1.85
N TYR A 497 -14.57 -8.59 -0.72
CA TYR A 497 -15.38 -8.76 0.51
C TYR A 497 -15.40 -7.56 1.41
N LEU A 498 -14.89 -6.43 0.94
CA LEU A 498 -14.85 -5.20 1.72
C LEU A 498 -15.57 -4.09 1.00
N VAL A 499 -15.99 -3.11 1.76
CA VAL A 499 -16.60 -1.91 1.20
C VAL A 499 -15.92 -0.73 1.87
N SER A 500 -15.69 0.32 1.10
CA SER A 500 -15.07 1.54 1.60
C SER A 500 -16.11 2.57 2.02
N LYS A 501 -15.82 3.23 3.14
CA LYS A 501 -16.62 4.33 3.63
C LYS A 501 -15.69 5.49 3.96
N HIS A 502 -15.98 6.61 3.37
CA HIS A 502 -15.26 7.87 3.63
C HIS A 502 -15.99 8.62 4.74
N ILE A 503 -15.32 8.74 5.88
CA ILE A 503 -15.86 9.52 7.01
C ILE A 503 -15.07 10.81 7.13
N LEU A 504 -15.78 11.91 6.91
CA LEU A 504 -15.23 13.26 6.91
C LEU A 504 -15.78 14.04 8.07
N THR A 505 -14.90 14.45 8.98
CA THR A 505 -15.31 15.21 10.14
C THR A 505 -14.84 16.64 9.98
N ASN A 506 -15.76 17.59 10.12
CA ASN A 506 -15.41 19.00 10.13
C ASN A 506 -15.14 19.38 11.58
N THR A 507 -13.89 19.73 11.86
CA THR A 507 -13.47 19.97 13.26
C THR A 507 -13.58 21.42 13.69
N ASN A 508 -14.04 22.29 12.79
CA ASN A 508 -14.33 23.64 13.19
C ASN A 508 -15.48 24.16 12.32
N PRO A 509 -16.66 23.54 12.47
CA PRO A 509 -17.77 23.83 11.55
C PRO A 509 -18.32 25.24 11.71
N GLN A 510 -18.47 25.92 10.59
CA GLN A 510 -19.00 27.29 10.54
C GLN A 510 -20.21 27.33 9.59
N LEU A 511 -21.16 28.21 9.84
CA LEU A 511 -22.28 28.33 8.92
C LEU A 511 -21.74 28.77 7.55
N VAL A 512 -22.37 28.32 6.50
CA VAL A 512 -22.00 28.68 5.14
C VAL A 512 -22.70 29.97 4.73
N ASN A 513 -23.95 30.15 5.17
CA ASN A 513 -24.72 31.36 4.83
C ASN A 513 -24.83 31.66 3.33
N TRP A 514 -25.11 30.61 2.57
CA TRP A 514 -25.39 30.74 1.13
C TRP A 514 -26.78 31.33 0.95
N PHE A 515 -27.72 30.87 1.77
CA PHE A 515 -29.10 31.37 1.70
C PHE A 515 -29.35 32.56 2.61
N SER A 516 -30.38 33.32 2.28
CA SER A 516 -30.73 34.53 3.02
C SER A 516 -31.21 34.26 4.43
N LYS A 517 -31.08 35.32 5.24
CA LYS A 517 -31.55 35.38 6.62
C LYS A 517 -32.66 36.43 6.69
N GLY B 21 -25.70 35.25 -22.51
CA GLY B 21 -24.47 35.31 -23.34
C GLY B 21 -24.40 34.20 -24.39
N MET B 22 -24.95 34.49 -25.56
CA MET B 22 -24.93 33.58 -26.71
C MET B 22 -23.56 33.47 -27.34
N GLU B 23 -22.71 34.48 -27.16
CA GLU B 23 -21.40 34.51 -27.81
C GLU B 23 -20.53 33.37 -27.31
N LEU B 24 -20.88 32.84 -26.16
CA LEU B 24 -20.27 31.62 -25.67
C LEU B 24 -20.34 30.59 -26.80
N LEU B 25 -21.48 30.59 -27.49
CA LEU B 25 -21.82 29.49 -28.34
C LEU B 25 -21.46 29.66 -29.81
N LYS B 26 -21.03 30.85 -30.20
CA LYS B 26 -20.74 31.15 -31.60
C LYS B 26 -19.62 30.26 -32.21
N HIS B 27 -18.66 29.82 -31.40
CA HIS B 27 -17.57 28.97 -31.87
C HIS B 27 -17.61 27.56 -31.28
N LEU B 28 -18.69 27.20 -30.58
CA LEU B 28 -18.80 25.89 -29.96
C LEU B 28 -19.21 24.84 -30.98
N SER B 29 -18.51 23.71 -30.99
N SER B 29 -18.51 23.71 -30.97
CA SER B 29 -18.82 22.65 -31.94
CA SER B 29 -18.81 22.64 -31.93
C SER B 29 -20.24 22.12 -31.71
C SER B 29 -20.23 22.09 -31.71
N GLN B 30 -20.90 21.68 -32.79
CA GLN B 30 -22.26 21.13 -32.71
C GLN B 30 -22.28 19.63 -33.01
N ARG B 31 -21.09 19.07 -33.18
CA ARG B 31 -20.96 17.71 -33.64
C ARG B 31 -20.43 16.72 -32.63
N GLN B 32 -20.49 15.46 -33.00
CA GLN B 32 -19.89 14.38 -32.25
C GLN B 32 -18.40 14.37 -32.57
N TYR B 33 -17.63 13.63 -31.79
CA TYR B 33 -16.21 13.51 -32.03
C TYR B 33 -15.84 12.05 -32.04
N ILE B 34 -15.58 11.53 -33.23
CA ILE B 34 -15.31 10.11 -33.37
C ILE B 34 -14.03 9.89 -34.15
N ASP B 35 -13.13 9.11 -33.57
CA ASP B 35 -11.88 8.71 -34.23
C ASP B 35 -11.15 9.92 -34.78
N GLY B 36 -11.00 10.92 -33.94
CA GLY B 36 -10.24 12.09 -34.31
C GLY B 36 -10.91 13.09 -35.23
N GLU B 37 -12.21 12.94 -35.48
CA GLU B 37 -12.90 13.87 -36.34
C GLU B 37 -14.20 14.34 -35.79
N TRP B 38 -14.51 15.63 -35.97
CA TRP B 38 -15.79 16.19 -35.57
C TRP B 38 -16.77 15.80 -36.67
N VAL B 39 -17.78 15.01 -36.33
CA VAL B 39 -18.70 14.50 -37.32
C VAL B 39 -20.15 14.67 -36.92
N GLU B 40 -21.00 14.80 -37.93
CA GLU B 40 -22.44 14.87 -37.71
C GLU B 40 -22.95 13.46 -37.40
N SER B 41 -24.22 13.37 -37.05
CA SER B 41 -24.86 12.07 -36.89
C SER B 41 -24.92 11.38 -38.24
N ALA B 42 -24.86 10.05 -38.23
CA ALA B 42 -24.92 9.27 -39.46
C ALA B 42 -26.19 9.58 -40.27
N ASN B 43 -27.27 9.96 -39.59
CA ASN B 43 -28.52 10.30 -40.28
C ASN B 43 -28.83 11.80 -40.25
N LYS B 44 -27.84 12.62 -39.88
CA LYS B 44 -27.98 14.08 -39.85
C LYS B 44 -29.03 14.59 -38.86
N ASN B 45 -29.49 13.73 -37.96
CA ASN B 45 -30.47 14.12 -36.95
C ASN B 45 -29.83 15.10 -35.98
N THR B 46 -30.66 15.97 -35.40
CA THR B 46 -30.19 16.97 -34.44
C THR B 46 -31.18 17.07 -33.27
N ARG B 47 -30.74 17.75 -32.23
CA ARG B 47 -31.55 17.98 -31.04
C ARG B 47 -31.37 19.42 -30.62
N ASP B 48 -32.46 20.03 -30.16
CA ASP B 48 -32.40 21.40 -29.65
C ASP B 48 -32.15 21.40 -28.14
N ILE B 49 -31.14 22.14 -27.75
CA ILE B 49 -30.77 22.25 -26.34
C ILE B 49 -31.42 23.49 -25.75
N ILE B 50 -31.95 23.35 -24.54
CA ILE B 50 -32.70 24.37 -23.86
C ILE B 50 -32.03 24.95 -22.62
N ASN B 51 -32.33 26.22 -22.35
CA ASN B 51 -31.95 26.89 -21.12
C ASN B 51 -33.14 26.80 -20.15
N PRO B 52 -32.96 26.12 -19.01
CA PRO B 52 -34.10 25.92 -18.09
C PRO B 52 -34.63 27.19 -17.44
N TYR B 53 -33.84 28.27 -17.45
CA TYR B 53 -34.27 29.53 -16.88
C TYR B 53 -35.47 30.18 -17.60
N ASN B 54 -35.51 30.00 -18.93
CA ASN B 54 -36.53 30.62 -19.80
C ASN B 54 -37.14 29.66 -20.83
N GLN B 55 -36.68 28.41 -20.81
CA GLN B 55 -37.13 27.37 -21.73
C GLN B 55 -36.86 27.65 -23.20
N GLU B 56 -35.93 28.56 -23.47
CA GLU B 56 -35.60 28.93 -24.83
C GLU B 56 -34.55 27.99 -25.39
N VAL B 57 -34.63 27.72 -26.68
CA VAL B 57 -33.64 26.94 -27.38
C VAL B 57 -32.38 27.80 -27.51
N ILE B 58 -31.27 27.27 -27.04
CA ILE B 58 -30.01 28.01 -27.04
C ILE B 58 -28.98 27.46 -28.00
N PHE B 59 -29.17 26.22 -28.47
CA PHE B 59 -28.15 25.56 -29.27
C PHE B 59 -28.73 24.30 -29.92
N THR B 60 -28.13 23.88 -31.03
CA THR B 60 -28.54 22.68 -31.73
C THR B 60 -27.31 21.83 -31.99
N VAL B 61 -27.41 20.55 -31.63
CA VAL B 61 -26.32 19.60 -31.77
C VAL B 61 -26.76 18.32 -32.47
N SER B 62 -25.80 17.56 -32.97
CA SER B 62 -26.03 16.27 -33.57
C SER B 62 -26.68 15.31 -32.59
N GLU B 63 -27.59 14.48 -33.11
CA GLU B 63 -28.26 13.44 -32.33
C GLU B 63 -27.82 12.13 -32.97
N GLY B 64 -26.82 11.49 -32.38
CA GLY B 64 -26.17 10.34 -32.99
C GLY B 64 -27.01 9.09 -33.10
N THR B 65 -26.54 8.17 -33.93
CA THR B 65 -27.19 6.88 -34.11
C THR B 65 -26.44 5.76 -33.39
N LYS B 66 -27.10 4.61 -33.29
CA LYS B 66 -26.48 3.47 -32.70
C LYS B 66 -25.24 3.05 -33.49
N GLU B 67 -25.27 3.25 -34.80
CA GLU B 67 -24.11 2.94 -35.63
C GLU B 67 -22.92 3.87 -35.32
N ASP B 68 -23.21 5.12 -35.00
CA ASP B 68 -22.18 6.09 -34.60
C ASP B 68 -21.51 5.60 -33.31
N ALA B 69 -22.31 5.12 -32.37
CA ALA B 69 -21.78 4.58 -31.12
C ALA B 69 -20.91 3.37 -31.38
N GLU B 70 -21.36 2.46 -32.26
CA GLU B 70 -20.54 1.29 -32.59
C GLU B 70 -19.21 1.69 -33.17
N ARG B 71 -19.25 2.70 -34.01
CA ARG B 71 -18.07 3.14 -34.70
C ARG B 71 -17.07 3.74 -33.72
N ALA B 72 -17.57 4.51 -32.77
CA ALA B 72 -16.69 5.09 -31.76
C ALA B 72 -16.04 3.98 -30.94
N ILE B 73 -16.81 2.95 -30.61
CA ILE B 73 -16.29 1.83 -29.81
C ILE B 73 -15.19 1.08 -30.58
N LEU B 74 -15.45 0.84 -31.85
CA LEU B 74 -14.45 0.17 -32.69
C LEU B 74 -13.20 1.01 -32.87
N ALA B 75 -13.37 2.33 -32.97
CA ALA B 75 -12.25 3.26 -33.04
C ALA B 75 -11.42 3.22 -31.78
N ALA B 76 -12.09 3.18 -30.63
CA ALA B 76 -11.41 3.09 -29.33
C ALA B 76 -10.61 1.79 -29.19
N ARG B 77 -11.18 0.69 -29.68
CA ARG B 77 -10.51 -0.59 -29.65
C ARG B 77 -9.28 -0.52 -30.53
N ARG B 78 -9.45 -0.02 -31.75
CA ARG B 78 -8.33 0.09 -32.69
C ARG B 78 -7.19 0.86 -32.05
N ALA B 79 -7.51 2.00 -31.48
CA ALA B 79 -6.53 2.84 -30.83
C ALA B 79 -5.89 2.12 -29.64
N PHE B 80 -6.70 1.49 -28.81
CA PHE B 80 -6.16 0.73 -27.73
C PHE B 80 -5.16 -0.32 -28.20
N GLU B 81 -5.55 -1.10 -29.20
CA GLU B 81 -4.68 -2.13 -29.74
C GLU B 81 -3.39 -1.57 -30.36
N SER B 82 -3.44 -0.34 -30.91
CA SER B 82 -2.26 0.27 -31.54
C SER B 82 -1.20 0.58 -30.48
N GLY B 83 -1.64 0.82 -29.26
CA GLY B 83 -0.74 1.05 -28.12
C GLY B 83 -0.17 2.44 -27.94
N GLU B 84 -0.52 3.37 -28.85
CA GLU B 84 0.04 4.71 -28.76
C GLU B 84 -0.21 5.38 -27.42
N TRP B 85 -1.38 5.15 -26.83
CA TRP B 85 -1.71 5.73 -25.54
C TRP B 85 -1.57 4.69 -24.41
N SER B 86 -1.99 3.46 -24.67
CA SER B 86 -1.94 2.44 -23.63
C SER B 86 -0.49 2.11 -23.30
N GLN B 87 0.43 2.27 -24.24
CA GLN B 87 1.85 1.99 -23.97
C GLN B 87 2.68 3.24 -23.72
N GLU B 88 2.04 4.41 -23.69
CA GLU B 88 2.75 5.64 -23.36
C GLU B 88 3.23 5.53 -21.90
N THR B 89 4.30 6.20 -21.53
CA THR B 89 4.74 6.15 -20.10
C THR B 89 3.68 6.77 -19.22
N ALA B 90 3.56 6.25 -18.00
CA ALA B 90 2.59 6.80 -17.09
C ALA B 90 2.90 8.26 -16.78
N GLU B 91 4.17 8.59 -16.68
CA GLU B 91 4.56 9.98 -16.44
C GLU B 91 4.03 10.89 -17.54
N THR B 92 4.22 10.49 -18.79
CA THR B 92 3.72 11.30 -19.90
C THR B 92 2.19 11.38 -19.93
N ARG B 93 1.49 10.28 -19.61
CA ARG B 93 0.05 10.35 -19.53
C ARG B 93 -0.37 11.38 -18.48
N GLY B 94 0.36 11.41 -17.37
CA GLY B 94 0.10 12.37 -16.28
C GLY B 94 0.26 13.80 -16.74
N LYS B 95 1.31 14.08 -17.50
CA LYS B 95 1.50 15.40 -18.03
C LYS B 95 0.31 15.85 -18.90
N LYS B 96 -0.17 14.94 -19.75
CA LYS B 96 -1.31 15.21 -20.64
C LYS B 96 -2.58 15.44 -19.85
N VAL B 97 -2.79 14.64 -18.81
CA VAL B 97 -3.95 14.87 -17.94
C VAL B 97 -3.82 16.25 -17.23
N ARG B 98 -2.60 16.61 -16.84
N ARG B 98 -2.60 16.60 -16.84
CA ARG B 98 -2.35 17.89 -16.20
CA ARG B 98 -2.36 17.88 -16.21
C ARG B 98 -2.62 19.05 -17.17
C ARG B 98 -2.63 19.05 -17.18
N ALA B 99 -2.28 18.84 -18.45
CA ALA B 99 -2.57 19.84 -19.50
C ALA B 99 -4.07 20.06 -19.62
N ILE B 100 -4.86 19.01 -19.50
CA ILE B 100 -6.30 19.17 -19.45
C ILE B 100 -6.70 20.02 -18.23
N ALA B 101 -6.21 19.66 -17.02
CA ALA B 101 -6.50 20.44 -15.85
C ALA B 101 -6.23 21.95 -16.09
N ASP B 102 -5.08 22.25 -16.68
CA ASP B 102 -4.69 23.63 -16.92
C ASP B 102 -5.65 24.32 -17.92
N LYS B 103 -6.14 23.58 -18.91
CA LYS B 103 -7.12 24.11 -19.85
C LYS B 103 -8.39 24.53 -19.14
N ILE B 104 -8.80 23.72 -18.15
CA ILE B 104 -10.02 23.98 -17.40
C ILE B 104 -9.89 25.29 -16.66
N LYS B 105 -8.76 25.48 -15.99
CA LYS B 105 -8.53 26.74 -15.27
C LYS B 105 -8.44 27.91 -16.25
N GLU B 106 -7.71 27.72 -17.34
CA GLU B 106 -7.57 28.78 -18.35
C GLU B 106 -8.95 29.27 -18.86
N HIS B 107 -9.89 28.35 -19.02
CA HIS B 107 -11.20 28.64 -19.58
C HIS B 107 -12.30 28.60 -18.53
N ARG B 108 -11.92 28.80 -17.28
CA ARG B 108 -12.82 28.74 -16.14
C ARG B 108 -14.07 29.60 -16.30
N GLU B 109 -13.87 30.84 -16.73
CA GLU B 109 -14.97 31.79 -16.85
C GLU B 109 -15.99 31.34 -17.86
N ALA B 110 -15.56 31.05 -19.07
CA ALA B 110 -16.48 30.62 -20.13
C ALA B 110 -17.11 29.24 -19.85
N LEU B 111 -16.35 28.34 -19.24
CA LEU B 111 -16.89 27.02 -18.91
C LEU B 111 -18.00 27.15 -17.88
N ALA B 112 -17.77 27.99 -16.86
CA ALA B 112 -18.77 28.20 -15.81
C ALA B 112 -20.07 28.76 -16.38
N ARG B 113 -19.91 29.75 -17.25
CA ARG B 113 -21.07 30.40 -17.87
C ARG B 113 -21.83 29.40 -18.70
N LEU B 114 -21.10 28.55 -19.43
CA LEU B 114 -21.74 27.53 -20.27
C LEU B 114 -22.51 26.54 -19.42
N GLU B 115 -21.94 26.14 -18.28
CA GLU B 115 -22.60 25.19 -17.40
C GLU B 115 -23.88 25.81 -16.82
N THR B 116 -23.82 27.09 -16.47
CA THR B 116 -24.98 27.80 -15.94
C THR B 116 -26.09 27.95 -16.99
N LEU B 117 -25.69 28.22 -18.24
CA LEU B 117 -26.62 28.33 -19.35
C LEU B 117 -27.36 27.02 -19.62
N ASP B 118 -26.59 25.93 -19.59
CA ASP B 118 -27.12 24.60 -19.90
C ASP B 118 -27.90 23.98 -18.74
N THR B 119 -27.44 24.17 -17.51
CA THR B 119 -28.04 23.45 -16.38
C THR B 119 -28.89 24.28 -15.44
N GLY B 120 -28.78 25.59 -15.54
CA GLY B 120 -29.55 26.50 -14.69
C GLY B 120 -28.95 26.86 -13.33
N LYS B 121 -27.94 26.13 -12.86
N LYS B 121 -27.94 26.14 -12.87
CA LYS B 121 -27.37 26.43 -11.55
CA LYS B 121 -27.37 26.43 -11.55
C LYS B 121 -26.70 27.80 -11.55
C LYS B 121 -26.70 27.80 -11.55
N THR B 122 -26.48 28.36 -10.35
CA THR B 122 -25.92 29.70 -10.25
C THR B 122 -24.51 29.73 -10.75
N LEU B 123 -24.13 30.91 -11.21
CA LEU B 123 -22.79 31.11 -11.69
C LEU B 123 -21.78 30.81 -10.57
N GLU B 124 -22.09 31.19 -9.33
CA GLU B 124 -21.19 30.87 -8.21
C GLU B 124 -21.01 29.37 -8.03
N GLU B 125 -22.10 28.62 -8.14
CA GLU B 125 -22.02 27.17 -8.12
C GLU B 125 -21.16 26.63 -9.30
N SER B 126 -21.29 27.21 -10.48
CA SER B 126 -20.51 26.76 -11.61
C SER B 126 -19.06 27.08 -11.45
N TYR B 127 -18.75 28.23 -10.85
CA TYR B 127 -17.35 28.57 -10.60
C TYR B 127 -16.69 27.54 -9.66
N ALA B 128 -17.36 27.27 -8.55
CA ALA B 128 -16.88 26.29 -7.58
C ALA B 128 -16.66 24.94 -8.26
N ASP B 129 -17.58 24.60 -9.17
CA ASP B 129 -17.48 23.40 -9.99
C ASP B 129 -16.20 23.34 -10.84
N MET B 130 -15.92 24.43 -11.55
CA MET B 130 -14.75 24.46 -12.41
C MET B 130 -13.47 24.35 -11.55
N ASP B 131 -13.46 24.93 -10.37
CA ASP B 131 -12.30 24.80 -9.48
C ASP B 131 -12.12 23.36 -9.09
N ASP B 132 -13.23 22.70 -8.72
N ASP B 132 -13.22 22.70 -8.74
CA ASP B 132 -13.23 21.28 -8.39
CA ASP B 132 -13.17 21.30 -8.39
C ASP B 132 -12.75 20.43 -9.56
C ASP B 132 -12.73 20.44 -9.57
N ILE B 133 -13.27 20.74 -10.76
CA ILE B 133 -12.93 19.96 -11.96
C ILE B 133 -11.41 20.04 -12.22
N HIS B 134 -10.85 21.23 -12.08
CA HIS B 134 -9.41 21.43 -12.24
C HIS B 134 -8.70 20.50 -11.29
N ASN B 135 -9.17 20.46 -10.05
CA ASN B 135 -8.53 19.65 -9.02
C ASN B 135 -8.68 18.15 -9.25
N VAL B 136 -9.78 17.74 -9.89
CA VAL B 136 -9.99 16.33 -10.24
C VAL B 136 -8.94 15.93 -11.26
N PHE B 137 -8.78 16.69 -12.33
CA PHE B 137 -7.76 16.36 -13.31
C PHE B 137 -6.36 16.40 -12.71
N MET B 138 -6.11 17.39 -11.87
N MET B 138 -6.11 17.39 -11.87
CA MET B 138 -4.78 17.53 -11.29
CA MET B 138 -4.79 17.53 -11.24
C MET B 138 -4.43 16.32 -10.39
C MET B 138 -4.44 16.31 -10.40
N TYR B 139 -5.41 15.83 -9.65
CA TYR B 139 -5.24 14.72 -8.76
C TYR B 139 -4.86 13.46 -9.53
N PHE B 140 -5.64 13.16 -10.56
CA PHE B 140 -5.37 11.99 -11.38
C PHE B 140 -4.08 12.08 -12.21
N ALA B 141 -3.76 13.29 -12.66
CA ALA B 141 -2.47 13.53 -13.32
C ALA B 141 -1.33 13.09 -12.41
N GLY B 142 -1.41 13.49 -11.13
CA GLY B 142 -0.37 13.18 -10.14
C GLY B 142 -0.35 11.72 -9.75
N LEU B 143 -1.50 11.04 -9.88
CA LEU B 143 -1.61 9.63 -9.55
C LEU B 143 -1.13 8.69 -10.66
N ALA B 144 -1.10 9.18 -11.90
CA ALA B 144 -0.85 8.33 -13.04
C ALA B 144 0.34 7.42 -12.95
N ASP B 145 1.45 7.92 -12.42
CA ASP B 145 2.69 7.16 -12.44
C ASP B 145 3.12 6.67 -11.07
N LYS B 146 2.18 6.55 -10.12
CA LYS B 146 2.52 6.17 -8.74
C LYS B 146 2.34 4.70 -8.33
N ASP B 147 1.84 3.83 -9.20
CA ASP B 147 1.70 2.39 -8.87
C ASP B 147 1.46 1.48 -10.08
N GLY B 148 2.47 0.76 -10.50
CA GLY B 148 2.34 -0.13 -11.68
C GLY B 148 2.10 -1.59 -11.34
N GLY B 149 1.90 -1.90 -10.05
CA GLY B 149 1.69 -3.28 -9.62
C GLY B 149 2.56 -3.65 -8.43
N GLU B 150 2.76 -4.94 -8.25
CA GLU B 150 3.57 -5.37 -7.15
C GLU B 150 4.37 -6.64 -7.41
N MET B 151 5.35 -6.86 -6.54
CA MET B 151 6.15 -8.05 -6.57
C MET B 151 5.58 -8.95 -5.49
N ILE B 152 5.37 -10.20 -5.84
CA ILE B 152 4.79 -11.16 -4.89
C ILE B 152 5.86 -12.13 -4.42
N ASP B 153 5.80 -12.45 -3.14
CA ASP B 153 6.67 -13.49 -2.60
C ASP B 153 6.05 -14.82 -2.91
N SER B 154 6.59 -15.45 -3.94
CA SER B 154 6.04 -16.69 -4.40
C SER B 154 6.27 -17.83 -3.42
N PRO B 155 5.25 -18.67 -3.23
CA PRO B 155 5.41 -19.83 -2.37
C PRO B 155 6.03 -21.01 -3.11
N ILE B 156 6.36 -20.83 -4.39
CA ILE B 156 7.04 -21.86 -5.14
C ILE B 156 8.52 -21.47 -5.33
N PRO B 157 9.43 -22.36 -4.90
CA PRO B 157 10.85 -22.01 -5.09
C PRO B 157 11.22 -21.87 -6.57
N ASP B 158 12.17 -20.98 -6.83
CA ASP B 158 12.67 -20.75 -8.19
C ASP B 158 11.55 -20.27 -9.12
N THR B 159 10.77 -19.32 -8.63
CA THR B 159 9.78 -18.64 -9.46
C THR B 159 9.77 -17.18 -9.04
N GLU B 160 9.40 -16.33 -9.97
CA GLU B 160 9.23 -14.94 -9.75
C GLU B 160 7.78 -14.68 -10.04
N SER B 161 7.13 -13.96 -9.15
CA SER B 161 5.74 -13.67 -9.28
C SER B 161 5.58 -12.16 -9.21
N LYS B 162 4.94 -11.60 -10.22
CA LYS B 162 4.59 -10.17 -10.17
C LYS B 162 3.16 -9.91 -10.61
N ILE B 163 2.56 -8.83 -10.12
CA ILE B 163 1.23 -8.38 -10.57
C ILE B 163 1.46 -7.08 -11.30
N VAL B 164 1.13 -7.05 -12.58
N VAL B 164 1.16 -7.06 -12.60
CA VAL B 164 1.26 -5.85 -13.39
CA VAL B 164 1.28 -5.84 -13.41
C VAL B 164 -0.13 -5.28 -13.61
C VAL B 164 -0.11 -5.27 -13.64
N LYS B 165 -0.29 -3.98 -13.39
CA LYS B 165 -1.56 -3.33 -13.57
C LYS B 165 -1.56 -2.72 -14.93
N GLU B 166 -2.58 -3.03 -15.70
CA GLU B 166 -2.73 -2.53 -17.09
C GLU B 166 -4.05 -1.78 -17.22
N PRO B 167 -4.16 -0.92 -18.23
CA PRO B 167 -5.43 -0.27 -18.45
C PRO B 167 -6.48 -1.35 -18.74
N VAL B 168 -7.67 -1.16 -18.19
CA VAL B 168 -8.73 -2.12 -18.31
C VAL B 168 -9.05 -2.37 -19.78
N GLY B 169 -8.88 -1.33 -20.61
CA GLY B 169 -9.08 -1.47 -22.04
C GLY B 169 -9.96 -0.36 -22.58
N VAL B 170 -11.04 -0.76 -23.23
CA VAL B 170 -11.98 0.16 -23.84
C VAL B 170 -13.09 0.43 -22.85
N VAL B 171 -13.37 1.69 -22.58
CA VAL B 171 -14.39 2.02 -21.58
C VAL B 171 -15.47 2.93 -22.14
N THR B 172 -16.71 2.66 -21.77
CA THR B 172 -17.80 3.52 -22.17
C THR B 172 -18.29 4.26 -20.95
N GLN B 173 -18.61 5.53 -21.15
CA GLN B 173 -18.85 6.43 -20.04
C GLN B 173 -20.09 7.23 -20.33
N ILE B 174 -21.11 7.06 -19.47
CA ILE B 174 -22.38 7.76 -19.63
C ILE B 174 -22.59 8.64 -18.39
N THR B 175 -22.77 9.93 -18.64
CA THR B 175 -22.90 10.93 -17.59
C THR B 175 -24.28 11.57 -17.48
N PRO B 176 -24.61 12.14 -16.32
CA PRO B 176 -25.93 12.69 -16.06
C PRO B 176 -26.04 14.18 -16.28
N TRP B 177 -27.24 14.71 -16.09
CA TRP B 177 -27.47 16.13 -16.30
C TRP B 177 -27.17 17.04 -15.09
N ASN B 178 -26.99 16.47 -13.91
N ASN B 178 -26.99 16.53 -13.90
CA ASN B 178 -26.63 17.24 -12.72
CA ASN B 178 -26.81 17.43 -12.76
C ASN B 178 -25.14 17.17 -12.64
C ASN B 178 -25.59 18.35 -12.80
N TYR B 179 -24.53 18.32 -12.87
N TYR B 179 -24.44 17.70 -12.90
CA TYR B 179 -23.10 18.44 -12.92
CA TYR B 179 -23.14 18.33 -12.92
C TYR B 179 -22.48 17.64 -14.08
C TYR B 179 -22.47 17.61 -14.08
N PRO B 180 -22.87 17.96 -15.32
CA PRO B 180 -22.36 17.28 -16.50
C PRO B 180 -20.82 17.24 -16.59
N LEU B 181 -20.15 18.39 -16.52
CA LEU B 181 -18.70 18.40 -16.68
C LEU B 181 -17.99 17.82 -15.46
N LEU B 182 -18.54 18.05 -14.28
CA LEU B 182 -17.92 17.46 -13.09
C LEU B 182 -17.94 15.95 -13.19
N GLN B 183 -19.12 15.37 -13.50
CA GLN B 183 -19.23 13.91 -13.62
C GLN B 183 -18.37 13.38 -14.74
N ALA B 184 -18.29 14.13 -15.84
CA ALA B 184 -17.40 13.76 -16.94
C ALA B 184 -15.93 13.71 -16.47
N SER B 185 -15.52 14.73 -15.73
CA SER B 185 -14.14 14.76 -15.20
C SER B 185 -13.81 13.53 -14.33
N TRP B 186 -14.76 13.09 -13.52
CA TRP B 186 -14.57 11.94 -12.62
C TRP B 186 -14.30 10.65 -13.37
N LYS B 187 -14.79 10.58 -14.62
CA LYS B 187 -14.63 9.42 -15.47
C LYS B 187 -13.47 9.54 -16.42
N ILE B 188 -13.36 10.69 -17.09
CA ILE B 188 -12.30 10.91 -18.07
C ILE B 188 -10.91 10.91 -17.45
N ALA B 189 -10.76 11.53 -16.26
CA ALA B 189 -9.42 11.68 -15.68
C ALA B 189 -8.72 10.36 -15.40
N PRO B 190 -9.35 9.44 -14.63
CA PRO B 190 -8.70 8.14 -14.44
C PRO B 190 -8.52 7.31 -15.72
N ALA B 191 -9.51 7.35 -16.60
CA ALA B 191 -9.44 6.61 -17.87
C ALA B 191 -8.20 7.03 -18.66
N LEU B 192 -7.95 8.34 -18.75
CA LEU B 192 -6.79 8.80 -19.50
C LEU B 192 -5.50 8.58 -18.76
N ALA B 193 -5.51 8.79 -17.44
CA ALA B 193 -4.30 8.56 -16.64
C ALA B 193 -3.82 7.11 -16.75
N THR B 194 -4.73 6.16 -16.83
CA THR B 194 -4.37 4.74 -16.82
C THR B 194 -4.02 4.18 -18.17
N GLY B 195 -4.36 4.91 -19.24
CA GLY B 195 -4.04 4.45 -20.57
C GLY B 195 -5.20 3.79 -21.33
N CYS B 196 -6.42 3.94 -20.83
CA CYS B 196 -7.59 3.43 -21.54
C CYS B 196 -7.96 4.30 -22.75
N SER B 197 -8.83 3.74 -23.61
CA SER B 197 -9.48 4.48 -24.68
C SER B 197 -10.94 4.55 -24.31
N LEU B 198 -11.55 5.71 -24.53
CA LEU B 198 -12.90 5.96 -24.03
C LEU B 198 -13.88 6.47 -25.06
N VAL B 199 -15.14 6.14 -24.83
CA VAL B 199 -16.28 6.65 -25.59
C VAL B 199 -17.26 7.24 -24.58
N MET B 200 -17.47 8.56 -24.63
CA MET B 200 -18.35 9.22 -23.66
C MET B 200 -19.61 9.76 -24.30
N LYS B 201 -20.72 9.59 -23.58
CA LYS B 201 -21.98 10.16 -23.97
C LYS B 201 -22.60 10.93 -22.80
N PRO B 202 -22.64 12.27 -22.91
CA PRO B 202 -23.27 13.07 -21.88
C PRO B 202 -24.79 13.03 -21.99
N SER B 203 -25.48 13.57 -20.98
CA SER B 203 -26.93 13.61 -20.97
C SER B 203 -27.39 14.32 -22.22
N GLU B 204 -28.40 13.76 -22.87
CA GLU B 204 -28.92 14.36 -24.11
C GLU B 204 -29.36 15.81 -23.91
N ILE B 205 -29.78 16.18 -22.70
CA ILE B 205 -30.28 17.54 -22.45
C ILE B 205 -29.23 18.55 -22.00
N THR B 206 -28.03 18.10 -21.60
CA THR B 206 -26.94 18.98 -21.14
C THR B 206 -25.55 18.65 -21.74
N PRO B 207 -25.35 18.82 -23.05
CA PRO B 207 -24.07 18.41 -23.60
C PRO B 207 -22.99 19.50 -23.74
N LEU B 208 -23.32 20.75 -23.44
CA LEU B 208 -22.47 21.85 -23.89
C LEU B 208 -21.05 21.88 -23.33
N THR B 209 -20.90 21.80 -22.01
CA THR B 209 -19.56 21.79 -21.41
C THR B 209 -18.80 20.53 -21.80
N THR B 210 -19.51 19.44 -22.07
CA THR B 210 -18.82 18.23 -22.48
C THR B 210 -18.24 18.39 -23.89
N ILE B 211 -19.02 19.01 -24.78
CA ILE B 211 -18.48 19.30 -26.10
C ILE B 211 -17.24 20.18 -25.93
N ARG B 212 -17.36 21.20 -25.10
CA ARG B 212 -16.24 22.10 -24.89
C ARG B 212 -15.00 21.39 -24.35
N VAL B 213 -15.16 20.49 -23.37
CA VAL B 213 -13.99 19.82 -22.82
C VAL B 213 -13.36 18.90 -23.86
N PHE B 214 -14.17 18.33 -24.76
CA PHE B 214 -13.58 17.57 -25.87
C PHE B 214 -12.74 18.47 -26.81
N GLU B 215 -13.19 19.69 -27.09
CA GLU B 215 -12.38 20.59 -27.91
C GLU B 215 -11.03 20.84 -27.25
N LEU B 216 -11.08 21.03 -25.93
CA LEU B 216 -9.89 21.31 -25.15
C LEU B 216 -8.93 20.13 -25.15
N MET B 217 -9.50 18.94 -24.97
CA MET B 217 -8.72 17.70 -24.95
C MET B 217 -8.08 17.46 -26.30
N GLU B 218 -8.81 17.76 -27.37
CA GLU B 218 -8.24 17.68 -28.71
C GLU B 218 -7.05 18.59 -28.86
N GLU B 219 -7.15 19.81 -28.34
CA GLU B 219 -6.04 20.75 -28.37
C GLU B 219 -4.82 20.20 -27.64
N VAL B 220 -5.05 19.57 -26.48
CA VAL B 220 -3.95 18.97 -25.73
C VAL B 220 -3.22 17.94 -26.59
N GLY B 221 -3.99 17.12 -27.29
CA GLY B 221 -3.39 16.17 -28.24
C GLY B 221 -3.34 14.75 -27.70
N PHE B 222 -4.20 13.90 -28.26
CA PHE B 222 -4.22 12.48 -27.94
C PHE B 222 -4.29 11.68 -29.20
N PRO B 223 -3.75 10.45 -29.17
CA PRO B 223 -3.81 9.63 -30.34
C PRO B 223 -5.24 9.44 -30.79
N LYS B 224 -5.43 9.46 -32.10
CA LYS B 224 -6.72 9.27 -32.71
C LYS B 224 -7.46 8.05 -32.13
N GLY B 225 -8.72 8.23 -31.77
CA GLY B 225 -9.52 7.15 -31.20
C GLY B 225 -9.43 6.97 -29.69
N THR B 226 -8.46 7.62 -29.06
CA THR B 226 -8.29 7.55 -27.60
C THR B 226 -9.52 8.10 -26.86
N ILE B 227 -10.06 9.19 -27.39
CA ILE B 227 -11.26 9.81 -26.83
C ILE B 227 -12.30 10.00 -27.94
N ASN B 228 -13.56 9.75 -27.60
CA ASN B 228 -14.65 9.87 -28.54
C ASN B 228 -15.85 10.36 -27.79
N LEU B 229 -16.62 11.23 -28.42
CA LEU B 229 -17.84 11.80 -27.85
C LEU B 229 -19.05 11.48 -28.74
N ILE B 230 -20.03 10.80 -28.14
CA ILE B 230 -21.32 10.50 -28.79
C ILE B 230 -22.37 11.39 -28.16
N LEU B 231 -23.28 11.94 -28.97
CA LEU B 231 -24.33 12.80 -28.45
C LEU B 231 -25.70 12.22 -28.71
N GLY B 232 -26.58 12.37 -27.73
CA GLY B 232 -27.98 12.00 -27.92
C GLY B 232 -28.58 10.98 -26.99
N ALA B 233 -29.81 10.61 -27.30
CA ALA B 233 -30.52 9.57 -26.58
C ALA B 233 -31.17 8.71 -27.66
N GLY B 234 -30.45 8.57 -28.78
CA GLY B 234 -30.92 7.81 -29.93
C GLY B 234 -31.27 6.38 -29.56
N SER B 235 -32.22 5.80 -30.28
CA SER B 235 -32.65 4.44 -29.98
C SER B 235 -31.44 3.50 -30.00
N GLU B 236 -31.36 2.75 -28.92
CA GLU B 236 -30.35 1.70 -28.71
C GLU B 236 -28.91 2.20 -28.56
N VAL B 237 -28.70 3.52 -28.49
CA VAL B 237 -27.34 4.05 -28.30
C VAL B 237 -26.77 3.60 -26.95
N GLY B 238 -27.58 3.73 -25.90
CA GLY B 238 -27.25 3.24 -24.60
C GLY B 238 -26.96 1.75 -24.60
N ASP B 239 -27.80 0.99 -25.30
CA ASP B 239 -27.62 -0.46 -25.41
C ASP B 239 -26.31 -0.85 -26.10
N VAL B 240 -25.93 -0.11 -27.14
CA VAL B 240 -24.65 -0.37 -27.79
C VAL B 240 -23.50 -0.09 -26.79
N MET B 241 -23.58 1.01 -26.06
CA MET B 241 -22.50 1.42 -25.17
C MET B 241 -22.34 0.50 -23.98
N SER B 242 -23.42 -0.18 -23.61
CA SER B 242 -23.40 -1.12 -22.52
C SER B 242 -23.24 -2.58 -22.97
N GLY B 243 -23.63 -2.89 -24.22
CA GLY B 243 -23.66 -4.28 -24.65
C GLY B 243 -22.71 -4.70 -25.74
N HIS B 244 -21.79 -3.81 -26.12
CA HIS B 244 -20.89 -4.14 -27.22
C HIS B 244 -19.76 -5.05 -26.74
N LYS B 245 -19.42 -6.03 -27.57
CA LYS B 245 -18.42 -7.01 -27.15
C LYS B 245 -16.98 -6.46 -26.98
N GLU B 246 -16.69 -5.31 -27.59
CA GLU B 246 -15.36 -4.69 -27.49
C GLU B 246 -15.16 -3.77 -26.32
N VAL B 247 -16.16 -3.66 -25.46
CA VAL B 247 -16.05 -2.83 -24.27
C VAL B 247 -15.55 -3.67 -23.09
N ASP B 248 -14.67 -3.10 -22.27
CA ASP B 248 -14.15 -3.81 -21.10
C ASP B 248 -14.73 -3.29 -19.79
N LEU B 249 -15.22 -2.06 -19.80
CA LEU B 249 -15.87 -1.46 -18.62
C LEU B 249 -16.91 -0.48 -19.09
N VAL B 250 -18.09 -0.55 -18.47
CA VAL B 250 -19.15 0.40 -18.69
C VAL B 250 -19.33 1.13 -17.39
N SER B 251 -19.19 2.45 -17.44
CA SER B 251 -19.31 3.29 -16.23
C SER B 251 -20.49 4.24 -16.44
N PHE B 252 -21.52 4.09 -15.61
CA PHE B 252 -22.74 4.84 -15.82
C PHE B 252 -23.17 5.59 -14.57
N THR B 253 -23.55 6.85 -14.74
CA THR B 253 -24.06 7.63 -13.64
C THR B 253 -25.40 8.14 -14.11
N GLY B 254 -26.44 7.88 -13.32
CA GLY B 254 -27.78 8.33 -13.69
C GLY B 254 -28.85 7.61 -12.90
N SER B 255 -30.00 7.42 -13.53
CA SER B 255 -31.14 6.88 -12.84
C SER B 255 -31.00 5.37 -12.56
N ILE B 256 -31.63 4.95 -11.47
CA ILE B 256 -31.59 3.56 -11.06
C ILE B 256 -32.16 2.61 -12.12
N GLU B 257 -33.28 2.96 -12.72
CA GLU B 257 -33.88 2.10 -13.73
C GLU B 257 -32.97 1.92 -14.94
N THR B 258 -32.40 3.01 -15.43
CA THR B 258 -31.46 2.93 -16.55
C THR B 258 -30.20 2.13 -16.17
N GLY B 259 -29.70 2.35 -14.97
CA GLY B 259 -28.50 1.64 -14.49
C GLY B 259 -28.67 0.13 -14.47
N LYS B 260 -29.79 -0.32 -13.91
CA LYS B 260 -30.06 -1.76 -13.88
C LYS B 260 -30.08 -2.34 -15.31
N HIS B 261 -30.74 -1.64 -16.23
CA HIS B 261 -30.79 -2.09 -17.62
C HIS B 261 -29.40 -2.19 -18.22
N ILE B 262 -28.58 -1.18 -17.92
CA ILE B 262 -27.19 -1.16 -18.36
C ILE B 262 -26.41 -2.34 -17.82
N MET B 263 -26.54 -2.65 -16.54
CA MET B 263 -25.86 -3.80 -15.96
C MET B 263 -26.33 -5.12 -16.61
N LYS B 264 -27.62 -5.23 -16.91
CA LYS B 264 -28.14 -6.45 -17.55
C LYS B 264 -27.53 -6.60 -18.94
N ASN B 265 -27.37 -5.50 -19.65
N ASN B 265 -27.35 -5.50 -19.66
CA ASN B 265 -26.80 -5.56 -21.00
CA ASN B 265 -26.75 -5.55 -20.99
C ASN B 265 -25.31 -5.89 -20.93
C ASN B 265 -25.29 -5.91 -20.92
N ALA B 266 -24.62 -5.35 -19.93
CA ALA B 266 -23.19 -5.60 -19.75
C ALA B 266 -22.93 -7.06 -19.50
N ALA B 267 -23.89 -7.72 -18.88
CA ALA B 267 -23.75 -9.14 -18.62
C ALA B 267 -23.56 -9.99 -19.87
N ASN B 268 -24.12 -9.54 -20.99
CA ASN B 268 -24.04 -10.35 -22.20
C ASN B 268 -22.62 -10.64 -22.64
N ASN B 269 -21.68 -9.78 -22.25
CA ASN B 269 -20.26 -9.98 -22.55
C ASN B 269 -19.40 -10.09 -21.26
N VAL B 270 -20.05 -10.27 -20.11
CA VAL B 270 -19.41 -10.38 -18.81
C VAL B 270 -18.55 -9.15 -18.57
N THR B 271 -19.12 -8.00 -18.87
CA THR B 271 -18.40 -6.75 -18.80
C THR B 271 -18.41 -6.08 -17.44
N ASN B 272 -17.25 -5.61 -16.98
CA ASN B 272 -17.18 -4.89 -15.72
C ASN B 272 -18.17 -3.72 -15.73
N ILE B 273 -18.84 -3.47 -14.63
CA ILE B 273 -19.69 -2.27 -14.50
C ILE B 273 -19.37 -1.50 -13.26
N ALA B 274 -19.50 -0.19 -13.40
CA ALA B 274 -19.37 0.78 -12.34
C ALA B 274 -20.64 1.62 -12.46
N LEU B 275 -21.40 1.74 -11.36
CA LEU B 275 -22.65 2.46 -11.36
C LEU B 275 -22.76 3.43 -10.22
N GLU B 276 -23.26 4.63 -10.52
CA GLU B 276 -23.60 5.55 -9.46
C GLU B 276 -24.98 6.01 -9.80
N LEU B 277 -25.91 5.62 -8.95
CA LEU B 277 -27.28 5.85 -9.21
C LEU B 277 -27.50 6.91 -8.17
N GLY B 278 -28.68 7.25 -7.75
CA GLY B 278 -28.67 8.34 -6.78
C GLY B 278 -28.69 7.81 -5.37
N GLY B 279 -29.24 8.63 -4.50
CA GLY B 279 -29.65 8.13 -3.22
C GLY B 279 -30.42 9.13 -2.38
N LYS B 280 -31.19 8.58 -1.47
CA LYS B 280 -31.92 9.33 -0.47
C LYS B 280 -30.95 9.48 0.71
N ASN B 281 -30.27 10.63 0.75
CA ASN B 281 -29.19 10.85 1.68
C ASN B 281 -29.74 11.46 2.95
N PRO B 282 -29.53 10.76 4.09
CA PRO B 282 -30.07 11.24 5.33
C PRO B 282 -29.21 12.30 6.03
N ASN B 283 -29.88 13.22 6.70
CA ASN B 283 -29.28 14.29 7.46
C ASN B 283 -29.80 14.17 8.90
N ILE B 284 -28.98 13.58 9.76
CA ILE B 284 -29.35 13.28 11.13
C ILE B 284 -28.89 14.38 12.09
N ILE B 285 -29.87 15.01 12.75
CA ILE B 285 -29.58 16.14 13.63
C ILE B 285 -30.02 15.79 15.05
N PHE B 286 -29.03 15.68 15.94
CA PHE B 286 -29.32 15.39 17.33
C PHE B 286 -29.66 16.66 18.07
N ASP B 287 -30.34 16.52 19.21
CA ASP B 287 -30.66 17.70 19.98
C ASP B 287 -29.41 18.43 20.52
N ASP B 288 -28.26 17.75 20.60
CA ASP B 288 -27.00 18.45 21.01
C ASP B 288 -26.13 18.94 19.84
N ALA B 289 -26.74 19.02 18.67
CA ALA B 289 -26.09 19.64 17.53
C ALA B 289 -26.01 21.13 17.80
N ASP B 290 -25.10 21.80 17.11
CA ASP B 290 -25.05 23.26 17.06
C ASP B 290 -26.30 23.58 16.25
N PHE B 291 -27.31 24.17 16.89
CA PHE B 291 -28.62 24.35 16.24
C PHE B 291 -28.59 25.21 14.99
N GLU B 292 -28.03 26.40 15.08
CA GLU B 292 -27.94 27.28 13.89
C GLU B 292 -27.12 26.64 12.75
N LEU B 293 -26.01 25.94 13.09
CA LEU B 293 -25.22 25.23 12.07
C LEU B 293 -26.09 24.17 11.36
N ALA B 294 -26.82 23.39 12.16
CA ALA B 294 -27.69 22.32 11.63
C ALA B 294 -28.80 22.84 10.71
N VAL B 295 -29.39 23.97 11.05
CA VAL B 295 -30.40 24.56 10.18
C VAL B 295 -29.74 25.03 8.88
N ASP B 296 -28.61 25.72 8.99
CA ASP B 296 -27.90 26.20 7.83
C ASP B 296 -27.56 25.05 6.90
N GLN B 297 -27.04 23.98 7.47
CA GLN B 297 -26.61 22.85 6.63
C GLN B 297 -27.78 22.02 6.10
N ALA B 298 -28.90 22.06 6.80
CA ALA B 298 -30.12 21.39 6.30
C ALA B 298 -30.62 22.10 5.06
N LEU B 299 -30.57 23.43 5.09
CA LEU B 299 -30.89 24.24 3.92
C LEU B 299 -29.95 23.90 2.78
N ASN B 300 -28.65 23.97 3.07
CA ASN B 300 -27.65 23.68 2.05
C ASN B 300 -27.83 22.27 1.49
N GLY B 301 -28.08 21.29 2.38
CA GLY B 301 -28.29 19.92 1.95
C GLY B 301 -29.53 19.76 1.09
N GLY B 302 -30.58 20.46 1.45
CA GLY B 302 -31.81 20.34 0.68
C GLY B 302 -31.85 21.06 -0.66
N TYR B 303 -31.24 22.24 -0.74
CA TYR B 303 -31.50 23.18 -1.83
C TYR B 303 -30.37 23.68 -2.74
N PHE B 304 -29.12 23.35 -2.44
CA PHE B 304 -28.05 23.62 -3.41
C PHE B 304 -28.45 22.96 -4.72
N HIS B 305 -28.26 23.66 -5.85
CA HIS B 305 -28.68 23.18 -7.21
C HIS B 305 -30.12 22.71 -7.24
N ALA B 306 -30.95 23.43 -6.51
CA ALA B 306 -32.35 23.11 -6.41
C ALA B 306 -32.54 21.66 -5.98
N GLY B 307 -31.64 21.15 -5.16
CA GLY B 307 -31.75 19.81 -4.60
C GLY B 307 -31.43 18.71 -5.59
N GLN B 308 -30.80 19.09 -6.69
CA GLN B 308 -30.51 18.16 -7.76
C GLN B 308 -29.07 17.61 -7.74
N VAL B 309 -28.21 18.11 -6.86
CA VAL B 309 -26.85 17.59 -6.79
C VAL B 309 -26.94 16.17 -6.26
N CME B 310 -25.97 15.31 -6.60
CA CME B 310 -26.01 13.91 -6.13
CB CME B 310 -25.03 13.05 -6.96
SG CME B 310 -23.35 12.90 -6.34
SD CME B 310 -22.55 14.69 -5.97
CE CME B 310 -21.87 15.09 -7.57
CZ CME B 310 -22.61 16.29 -8.13
OH CME B 310 -23.96 15.94 -8.52
C CME B 310 -25.82 13.80 -4.62
O CME B 310 -26.27 12.83 -3.99
N SER B 311 -25.15 14.78 -4.02
CA SER B 311 -24.92 14.82 -2.56
C SER B 311 -26.14 15.39 -1.78
N ALA B 312 -27.23 15.80 -2.47
CA ALA B 312 -28.41 16.41 -1.81
C ALA B 312 -28.94 15.59 -0.62
N GLY B 313 -29.31 16.29 0.44
CA GLY B 313 -29.90 15.67 1.63
C GLY B 313 -31.39 15.93 1.73
N SER B 314 -32.19 15.06 1.14
CA SER B 314 -33.65 15.25 1.13
C SER B 314 -34.35 14.67 2.35
N ARG B 315 -33.63 13.86 3.13
CA ARG B 315 -34.27 13.17 4.26
C ARG B 315 -33.68 13.62 5.59
N ILE B 316 -34.36 14.55 6.23
CA ILE B 316 -33.90 15.03 7.50
C ILE B 316 -34.50 14.18 8.61
N LEU B 317 -33.64 13.77 9.54
CA LEU B 317 -34.03 13.02 10.73
C LEU B 317 -33.60 13.84 11.91
N VAL B 318 -34.55 14.38 12.66
CA VAL B 318 -34.23 15.29 13.74
C VAL B 318 -34.73 14.80 15.07
N GLN B 319 -33.90 14.92 16.12
CA GLN B 319 -34.28 14.40 17.43
C GLN B 319 -35.51 15.13 17.97
N ASN B 320 -36.40 14.36 18.58
CA ASN B 320 -37.70 14.89 18.94
C ASN B 320 -37.75 16.11 19.83
N SER B 321 -36.79 16.24 20.74
CA SER B 321 -36.79 17.36 21.66
C SER B 321 -36.51 18.72 20.98
N ILE B 322 -35.87 18.73 19.82
CA ILE B 322 -35.67 19.98 19.09
C ILE B 322 -36.43 20.03 17.76
N LYS B 323 -37.23 19.00 17.46
CA LYS B 323 -37.93 18.90 16.18
C LYS B 323 -38.85 20.07 15.84
N ASP B 324 -39.73 20.46 16.76
CA ASP B 324 -40.65 21.57 16.51
C ASP B 324 -39.90 22.86 16.21
N LYS B 325 -38.89 23.15 17.01
CA LYS B 325 -38.13 24.36 16.80
C LYS B 325 -37.34 24.29 15.48
N PHE B 326 -36.73 23.14 15.24
CA PHE B 326 -36.01 22.92 14.00
C PHE B 326 -36.89 23.09 12.76
N GLU B 327 -38.08 22.51 12.81
CA GLU B 327 -38.99 22.65 11.66
C GLU B 327 -39.25 24.11 11.36
N GLN B 328 -39.54 24.91 12.37
CA GLN B 328 -39.87 26.28 12.13
C GLN B 328 -38.66 27.11 11.66
N ALA B 329 -37.50 26.86 12.23
CA ALA B 329 -36.30 27.62 11.89
C ALA B 329 -35.96 27.37 10.42
N LEU B 330 -36.13 26.11 10.01
CA LEU B 330 -35.92 25.71 8.63
C LEU B 330 -36.91 26.43 7.69
N ILE B 331 -38.18 26.32 8.01
CA ILE B 331 -39.22 27.02 7.25
C ILE B 331 -38.98 28.54 7.18
N ASP B 332 -38.59 29.18 8.29
CA ASP B 332 -38.32 30.64 8.31
C ASP B 332 -37.31 31.04 7.24
N ARG B 333 -36.28 30.20 7.09
CA ARG B 333 -35.23 30.46 6.12
C ARG B 333 -35.62 30.05 4.70
N VAL B 334 -36.38 28.96 4.55
CA VAL B 334 -36.83 28.53 3.24
C VAL B 334 -37.64 29.64 2.59
N LYS B 335 -38.46 30.34 3.37
CA LYS B 335 -39.28 31.44 2.85
C LYS B 335 -38.49 32.56 2.19
N LYS B 336 -37.21 32.69 2.57
N LYS B 336 -37.22 32.69 2.58
CA LYS B 336 -36.37 33.78 2.08
CA LYS B 336 -36.35 33.77 2.12
C LYS B 336 -35.42 33.38 0.96
C LYS B 336 -35.40 33.38 0.98
N ILE B 337 -35.39 32.10 0.59
CA ILE B 337 -34.49 31.66 -0.47
C ILE B 337 -34.81 32.42 -1.74
N LYS B 338 -33.79 33.01 -2.36
N LYS B 338 -33.79 33.01 -2.36
CA LYS B 338 -33.99 33.82 -3.58
CA LYS B 338 -33.99 33.81 -3.58
C LYS B 338 -33.86 32.99 -4.85
C LYS B 338 -33.86 32.98 -4.86
N LEU B 339 -34.97 32.85 -5.57
CA LEU B 339 -34.99 32.15 -6.83
C LEU B 339 -34.75 33.14 -7.96
N GLY B 340 -34.10 32.70 -9.02
CA GLY B 340 -33.90 33.56 -10.20
C GLY B 340 -32.91 33.01 -11.21
N ASN B 341 -32.47 33.91 -12.10
CA ASN B 341 -31.52 33.62 -13.16
C ASN B 341 -30.18 33.29 -12.55
N GLY B 342 -29.61 32.16 -12.96
CA GLY B 342 -28.32 31.76 -12.45
C GLY B 342 -27.19 32.75 -12.75
N PHE B 343 -27.37 33.55 -13.80
CA PHE B 343 -26.39 34.56 -14.14
C PHE B 343 -26.42 35.79 -13.24
N ASP B 344 -27.46 35.94 -12.42
CA ASP B 344 -27.59 37.07 -11.51
C ASP B 344 -27.02 36.77 -10.11
N ALA B 345 -26.13 37.63 -9.63
CA ALA B 345 -25.45 37.45 -8.34
C ALA B 345 -26.37 37.27 -7.13
N ASP B 346 -27.57 37.81 -7.19
CA ASP B 346 -28.50 37.71 -6.07
C ASP B 346 -29.23 36.38 -6.01
N THR B 347 -29.20 35.60 -7.08
CA THR B 347 -29.87 34.30 -7.10
C THR B 347 -29.21 33.29 -6.18
N GLU B 348 -30.04 32.63 -5.38
CA GLU B 348 -29.61 31.58 -4.46
C GLU B 348 -30.00 30.19 -4.96
N MET B 349 -31.10 30.10 -5.69
CA MET B 349 -31.54 28.83 -6.23
C MET B 349 -32.10 29.06 -7.63
N GLY B 350 -31.61 28.28 -8.57
CA GLY B 350 -32.05 28.35 -9.92
C GLY B 350 -33.23 27.39 -10.16
N PRO B 351 -33.58 27.19 -11.43
CA PRO B 351 -34.69 26.32 -11.82
C PRO B 351 -34.30 24.85 -11.78
N VAL B 352 -35.27 23.97 -11.96
CA VAL B 352 -34.95 22.57 -12.14
C VAL B 352 -34.68 22.34 -13.65
N ILE B 353 -34.17 21.16 -13.96
CA ILE B 353 -33.52 20.92 -15.24
C ILE B 353 -34.41 20.82 -16.46
N SER B 354 -35.62 20.29 -16.30
CA SER B 354 -36.47 20.05 -17.43
C SER B 354 -37.94 19.93 -17.06
N THR B 355 -38.76 19.94 -18.08
CA THR B 355 -40.19 19.81 -17.91
C THR B 355 -40.54 18.47 -17.28
N GLU B 356 -39.94 17.39 -17.79
CA GLU B 356 -40.17 16.07 -17.25
C GLU B 356 -39.81 16.03 -15.77
N HIS B 357 -38.69 16.64 -15.40
CA HIS B 357 -38.24 16.56 -14.02
C HIS B 357 -39.17 17.38 -13.13
N ARG B 358 -39.56 18.56 -13.58
CA ARG B 358 -40.50 19.34 -12.78
C ARG B 358 -41.83 18.61 -12.63
N ASN B 359 -42.27 17.91 -13.67
CA ASN B 359 -43.52 17.17 -13.57
C ASN B 359 -43.43 16.05 -12.55
N LYS B 360 -42.27 15.39 -12.49
CA LYS B 360 -42.09 14.33 -11.52
C LYS B 360 -42.18 14.89 -10.12
N ILE B 361 -41.59 16.07 -9.90
CA ILE B 361 -41.62 16.72 -8.59
C ILE B 361 -43.07 17.07 -8.22
N GLU B 362 -43.81 17.61 -9.17
CA GLU B 362 -45.23 17.93 -8.92
C GLU B 362 -46.06 16.71 -8.59
N SER B 363 -45.81 15.58 -9.27
CA SER B 363 -46.57 14.36 -8.98
C SER B 363 -46.24 13.84 -7.57
N TYR B 364 -44.99 14.03 -7.16
CA TYR B 364 -44.59 13.63 -5.82
C TYR B 364 -45.29 14.43 -4.73
N MET B 365 -45.58 15.71 -4.99
CA MET B 365 -46.32 16.51 -4.01
C MET B 365 -47.74 15.94 -3.87
N ASP B 366 -48.32 15.47 -4.98
CA ASP B 366 -49.62 14.82 -4.95
C ASP B 366 -49.57 13.54 -4.11
N VAL B 367 -48.48 12.79 -4.26
CA VAL B 367 -48.30 11.57 -3.49
C VAL B 367 -48.22 11.90 -2.01
N ALA B 368 -47.40 12.90 -1.67
CA ALA B 368 -47.26 13.32 -0.29
C ALA B 368 -48.60 13.64 0.33
N LYS B 369 -49.41 14.41 -0.38
CA LYS B 369 -50.73 14.75 0.12
C LYS B 369 -51.58 13.50 0.31
N ALA B 370 -51.65 12.65 -0.70
CA ALA B 370 -52.47 11.41 -0.65
C ALA B 370 -52.09 10.50 0.53
N GLU B 371 -50.80 10.48 0.87
CA GLU B 371 -50.30 9.70 2.01
C GLU B 371 -50.54 10.38 3.35
N GLY B 372 -51.00 11.62 3.37
CA GLY B 372 -51.29 12.31 4.63
C GLY B 372 -50.15 13.10 5.24
N ALA B 373 -49.11 13.38 4.45
CA ALA B 373 -48.03 14.25 4.93
C ALA B 373 -48.49 15.68 4.77
N THR B 374 -47.80 16.62 5.41
CA THR B 374 -48.13 18.03 5.32
C THR B 374 -47.11 18.78 4.47
N ILE B 375 -47.59 19.59 3.52
CA ILE B 375 -46.70 20.49 2.77
C ILE B 375 -46.54 21.73 3.62
N ALA B 376 -45.46 21.80 4.39
CA ALA B 376 -45.28 22.90 5.34
C ALA B 376 -44.96 24.23 4.68
N VAL B 377 -44.28 24.19 3.54
CA VAL B 377 -43.92 25.39 2.79
C VAL B 377 -43.51 25.00 1.37
N GLY B 378 -43.80 25.86 0.40
CA GLY B 378 -43.48 25.62 -0.99
C GLY B 378 -44.46 24.66 -1.63
N GLY B 379 -43.94 23.73 -2.42
CA GLY B 379 -44.77 22.69 -3.00
C GLY B 379 -45.46 23.08 -4.29
N LYS B 380 -45.09 24.20 -4.89
CA LYS B 380 -45.69 24.58 -6.17
C LYS B 380 -44.72 25.44 -6.98
N ARG B 381 -45.09 25.70 -8.23
CA ARG B 381 -44.31 26.58 -9.09
C ARG B 381 -44.48 28.00 -8.58
N PRO B 382 -43.40 28.81 -8.62
CA PRO B 382 -43.57 30.20 -8.22
C PRO B 382 -44.33 31.00 -9.28
N ASP B 383 -45.03 32.05 -8.82
CA ASP B 383 -45.86 32.91 -9.68
C ASP B 383 -45.15 34.12 -10.27
N ARG B 384 -44.13 34.61 -9.58
CA ARG B 384 -43.46 35.86 -9.94
C ARG B 384 -43.14 35.96 -11.44
N ASP B 385 -43.36 37.16 -11.99
N ASP B 385 -43.34 37.15 -12.00
CA ASP B 385 -43.21 37.41 -13.43
CA ASP B 385 -43.21 37.41 -13.43
C ASP B 385 -41.91 36.96 -14.06
C ASP B 385 -41.91 36.96 -14.06
N ASP B 386 -40.80 37.24 -13.40
CA ASP B 386 -39.48 36.87 -13.91
C ASP B 386 -39.20 35.37 -13.80
N LEU B 387 -40.03 34.65 -13.04
CA LEU B 387 -39.89 33.21 -12.86
C LEU B 387 -40.90 32.40 -13.68
N LYS B 388 -41.91 33.08 -14.20
CA LYS B 388 -43.01 32.45 -14.93
C LYS B 388 -42.59 31.58 -16.12
N ASP B 389 -41.57 32.00 -16.87
CA ASP B 389 -41.19 31.27 -18.07
C ASP B 389 -40.20 30.16 -17.86
N GLY B 390 -39.57 30.12 -16.69
CA GLY B 390 -38.55 29.10 -16.41
C GLY B 390 -39.10 27.91 -15.67
N LEU B 391 -38.26 26.90 -15.53
CA LEU B 391 -38.61 25.64 -14.87
C LEU B 391 -38.38 25.70 -13.37
N PHE B 392 -38.97 26.70 -12.73
CA PHE B 392 -38.79 26.88 -11.31
C PHE B 392 -39.76 26.10 -10.48
N PHE B 393 -39.32 25.74 -9.28
CA PHE B 393 -40.16 25.07 -8.30
C PHE B 393 -39.73 25.57 -6.94
N GLU B 394 -40.69 25.90 -6.09
CA GLU B 394 -40.35 26.48 -4.80
C GLU B 394 -39.65 25.48 -3.89
N PRO B 395 -38.68 25.97 -3.11
CA PRO B 395 -38.08 25.11 -2.12
C PRO B 395 -39.18 24.66 -1.16
N THR B 396 -39.18 23.37 -0.87
CA THR B 396 -40.28 22.74 -0.18
C THR B 396 -39.87 21.93 1.03
N VAL B 397 -40.68 22.01 2.09
CA VAL B 397 -40.49 21.22 3.28
C VAL B 397 -41.77 20.42 3.55
N ILE B 398 -41.61 19.10 3.64
CA ILE B 398 -42.71 18.19 3.93
C ILE B 398 -42.57 17.65 5.34
N THR B 399 -43.60 17.82 6.15
CA THR B 399 -43.58 17.40 7.55
C THR B 399 -44.62 16.32 7.81
N ASN B 400 -44.65 15.80 9.04
CA ASN B 400 -45.62 14.78 9.43
C ASN B 400 -45.63 13.61 8.49
N CYS B 401 -44.50 12.94 8.41
CA CYS B 401 -44.39 11.80 7.55
C CYS B 401 -43.62 10.73 8.25
N ASP B 402 -43.60 9.56 7.66
CA ASP B 402 -42.88 8.46 8.27
C ASP B 402 -42.28 7.53 7.23
N THR B 403 -41.41 6.66 7.72
CA THR B 403 -40.57 5.82 6.87
C THR B 403 -41.38 4.85 5.98
N SER B 404 -42.65 4.61 6.31
CA SER B 404 -43.48 3.74 5.47
C SER B 404 -43.98 4.45 4.19
N MET B 405 -43.90 5.77 4.14
CA MET B 405 -44.42 6.53 2.99
C MET B 405 -43.51 6.52 1.78
N ARG B 406 -44.14 6.59 0.61
CA ARG B 406 -43.40 6.65 -0.66
C ARG B 406 -42.53 7.88 -0.73
N ILE B 407 -43.05 8.99 -0.22
CA ILE B 407 -42.32 10.27 -0.26
C ILE B 407 -41.00 10.21 0.54
N VAL B 408 -40.96 9.34 1.55
CA VAL B 408 -39.73 9.12 2.31
C VAL B 408 -38.87 8.03 1.67
N GLN B 409 -39.49 6.97 1.16
CA GLN B 409 -38.74 5.87 0.56
C GLN B 409 -38.20 6.12 -0.83
N GLU B 410 -38.77 7.09 -1.56
CA GLU B 410 -38.38 7.36 -2.94
C GLU B 410 -37.73 8.72 -3.06
N GLU B 411 -36.63 8.77 -3.79
N GLU B 411 -36.61 8.78 -3.78
CA GLU B 411 -35.88 9.99 -4.01
CA GLU B 411 -35.89 10.03 -3.97
C GLU B 411 -36.53 10.79 -5.13
C GLU B 411 -36.53 10.79 -5.12
N VAL B 412 -36.78 12.07 -4.89
CA VAL B 412 -37.41 12.99 -5.85
C VAL B 412 -36.35 13.75 -6.67
N PHE B 413 -35.20 14.00 -6.05
N PHE B 413 -35.19 13.97 -6.06
CA PHE B 413 -34.12 14.67 -6.75
CA PHE B 413 -34.08 14.68 -6.67
C PHE B 413 -34.51 16.10 -7.11
C PHE B 413 -34.49 16.11 -7.10
N GLY B 414 -35.20 16.80 -6.20
CA GLY B 414 -35.65 18.17 -6.43
C GLY B 414 -35.48 19.01 -5.16
N PRO B 415 -35.98 20.26 -5.16
CA PRO B 415 -35.77 21.13 -4.01
C PRO B 415 -36.81 20.85 -2.94
N VAL B 416 -36.72 19.66 -2.38
CA VAL B 416 -37.72 19.14 -1.45
C VAL B 416 -37.03 18.32 -0.39
N VAL B 417 -37.42 18.57 0.87
CA VAL B 417 -36.92 17.78 1.98
C VAL B 417 -38.12 17.28 2.78
N THR B 418 -37.94 16.13 3.41
CA THR B 418 -38.89 15.60 4.34
C THR B 418 -38.29 15.71 5.69
N VAL B 419 -39.14 15.81 6.71
CA VAL B 419 -38.66 15.84 8.11
C VAL B 419 -39.33 14.75 8.96
N GLU B 420 -38.52 13.87 9.53
CA GLU B 420 -38.98 12.80 10.42
C GLU B 420 -38.34 13.02 11.77
N GLY B 421 -39.03 12.63 12.83
CA GLY B 421 -38.46 12.73 14.17
C GLY B 421 -37.89 11.39 14.62
N PHE B 422 -37.03 11.42 15.62
CA PHE B 422 -36.54 10.21 16.26
C PHE B 422 -36.29 10.50 17.73
N GLU B 423 -36.35 9.45 18.55
CA GLU B 423 -36.12 9.61 19.97
C GLU B 423 -34.69 9.27 20.42
N THR B 424 -34.15 8.18 19.89
CA THR B 424 -32.85 7.69 20.34
C THR B 424 -31.85 7.56 19.21
N GLU B 425 -30.58 7.49 19.60
CA GLU B 425 -29.51 7.24 18.69
C GLU B 425 -29.78 5.98 17.86
N GLN B 426 -30.22 4.90 18.54
CA GLN B 426 -30.50 3.62 17.89
C GLN B 426 -31.59 3.77 16.84
N GLU B 427 -32.62 4.51 17.19
CA GLU B 427 -33.73 4.76 16.26
C GLU B 427 -33.29 5.56 15.02
N ALA B 428 -32.44 6.56 15.22
CA ALA B 428 -31.98 7.37 14.10
C ALA B 428 -31.21 6.53 13.10
N ILE B 429 -30.39 5.63 13.62
CA ILE B 429 -29.61 4.73 12.76
C ILE B 429 -30.53 3.82 11.97
N GLN B 430 -31.45 3.18 12.66
CA GLN B 430 -32.43 2.27 12.06
C GLN B 430 -33.24 2.95 10.93
N LEU B 431 -33.69 4.18 11.18
CA LEU B 431 -34.49 4.93 10.20
C LEU B 431 -33.66 5.33 9.00
N ALA B 432 -32.46 5.86 9.28
CA ALA B 432 -31.56 6.27 8.22
C ALA B 432 -31.19 5.10 7.32
N ASN B 433 -30.95 3.92 7.90
CA ASN B 433 -30.61 2.73 7.10
C ASN B 433 -31.85 2.06 6.45
N ASP B 434 -33.06 2.51 6.78
CA ASP B 434 -34.31 1.94 6.23
C ASP B 434 -34.60 2.64 4.91
N SER B 435 -33.85 2.18 3.92
CA SER B 435 -33.83 2.77 2.61
C SER B 435 -33.14 1.76 1.69
N ILE B 436 -33.49 1.80 0.40
CA ILE B 436 -32.79 0.98 -0.57
C ILE B 436 -31.46 1.59 -0.99
N TYR B 437 -31.21 2.83 -0.59
CA TYR B 437 -30.06 3.56 -1.06
C TYR B 437 -28.89 3.48 -0.08
N GLY B 438 -27.73 4.03 -0.47
CA GLY B 438 -26.54 3.99 0.36
C GLY B 438 -25.40 4.90 -0.07
N LEU B 439 -25.74 6.12 -0.52
CA LEU B 439 -24.73 7.01 -1.12
C LEU B 439 -23.95 7.88 -0.13
N ALA B 440 -24.66 8.75 0.59
CA ALA B 440 -24.01 9.67 1.53
C ALA B 440 -24.99 10.13 2.57
N GLY B 441 -24.47 10.73 3.62
CA GLY B 441 -25.32 11.22 4.69
C GLY B 441 -24.48 11.94 5.74
N ALA B 442 -25.14 12.66 6.64
CA ALA B 442 -24.52 13.41 7.69
C ALA B 442 -25.10 13.14 9.09
N VAL B 443 -24.28 13.38 10.10
CA VAL B 443 -24.69 13.35 11.49
C VAL B 443 -24.24 14.69 12.07
N PHE B 444 -25.17 15.42 12.67
CA PHE B 444 -24.83 16.64 13.39
C PHE B 444 -25.01 16.46 14.92
N SER B 445 -23.94 16.70 15.65
CA SER B 445 -23.92 16.61 17.11
C SER B 445 -22.60 17.16 17.61
N LYS B 446 -22.63 17.89 18.72
CA LYS B 446 -21.40 18.34 19.35
C LYS B 446 -20.70 17.19 20.05
N ASP B 447 -21.43 16.08 20.28
CA ASP B 447 -20.87 14.88 20.89
C ASP B 447 -20.24 14.07 19.77
N ILE B 448 -18.94 14.30 19.58
CA ILE B 448 -18.20 13.69 18.45
C ILE B 448 -18.15 12.17 18.59
N GLY B 449 -18.07 11.67 19.82
CA GLY B 449 -18.05 10.23 20.03
C GLY B 449 -19.34 9.59 19.53
N LYS B 450 -20.46 10.21 19.83
CA LYS B 450 -21.76 9.75 19.37
C LYS B 450 -21.84 9.83 17.86
N ALA B 451 -21.39 10.94 17.32
CA ALA B 451 -21.41 11.08 15.85
C ALA B 451 -20.61 9.96 15.18
N GLN B 452 -19.46 9.64 15.73
N GLN B 452 -19.46 9.64 15.73
CA GLN B 452 -18.62 8.58 15.19
CA GLN B 452 -18.62 8.56 15.18
C GLN B 452 -19.31 7.21 15.32
C GLN B 452 -19.33 7.19 15.30
N ARG B 453 -20.05 6.98 16.38
CA ARG B 453 -20.81 5.70 16.54
C ARG B 453 -21.86 5.57 15.47
N VAL B 454 -22.59 6.64 15.24
CA VAL B 454 -23.61 6.68 14.18
C VAL B 454 -22.96 6.48 12.78
N ALA B 455 -21.89 7.22 12.51
CA ALA B 455 -21.18 7.08 11.25
C ALA B 455 -20.75 5.65 10.93
N ASN B 456 -20.28 4.94 11.94
CA ASN B 456 -19.82 3.59 11.71
C ASN B 456 -20.95 2.61 11.41
N LYS B 457 -22.17 2.94 11.82
CA LYS B 457 -23.31 2.07 11.61
C LYS B 457 -24.11 2.39 10.35
N LEU B 458 -23.93 3.57 9.78
CA LEU B 458 -24.70 3.96 8.59
C LEU B 458 -24.15 3.28 7.35
N LYS B 459 -25.02 2.62 6.58
CA LYS B 459 -24.57 1.93 5.37
C LYS B 459 -24.57 2.93 4.20
N LEU B 460 -23.52 3.76 4.20
CA LEU B 460 -23.36 4.83 3.23
C LEU B 460 -21.94 4.92 2.82
N GLY B 461 -21.70 5.26 1.54
CA GLY B 461 -20.32 5.37 1.08
C GLY B 461 -19.56 6.58 1.65
N THR B 462 -20.27 7.65 2.01
CA THR B 462 -19.66 8.85 2.62
C THR B 462 -20.53 9.29 3.81
N VAL B 463 -19.91 9.47 4.97
CA VAL B 463 -20.58 10.03 6.14
C VAL B 463 -19.85 11.30 6.57
N TRP B 464 -20.60 12.39 6.66
CA TRP B 464 -20.09 13.68 7.10
C TRP B 464 -20.46 13.88 8.59
N ILE B 465 -19.49 14.25 9.42
CA ILE B 465 -19.76 14.58 10.81
C ILE B 465 -19.65 16.10 10.93
N ASN B 466 -20.78 16.72 11.26
CA ASN B 466 -20.90 18.17 11.30
C ASN B 466 -20.53 18.91 10.03
N ASP B 467 -20.97 18.34 8.91
CA ASP B 467 -20.84 18.95 7.62
C ASP B 467 -21.91 18.35 6.69
N PHE B 468 -22.03 18.94 5.51
CA PHE B 468 -22.91 18.40 4.48
C PHE B 468 -22.38 18.82 3.10
N HIS B 469 -22.31 17.84 2.18
CA HIS B 469 -21.84 17.96 0.77
C HIS B 469 -20.39 17.64 0.40
N PRO B 470 -19.45 17.69 1.33
CA PRO B 470 -18.10 17.56 0.76
C PRO B 470 -17.75 16.27 0.05
N TYR B 471 -17.13 16.41 -1.13
CA TYR B 471 -16.53 15.31 -1.85
C TYR B 471 -15.28 15.90 -2.48
N PHE B 472 -14.29 15.08 -2.77
CA PHE B 472 -13.06 15.57 -3.40
C PHE B 472 -12.25 14.42 -3.99
N ALA B 473 -11.44 14.73 -4.99
CA ALA B 473 -10.72 13.73 -5.71
C ALA B 473 -9.88 12.77 -4.86
N GLN B 474 -9.46 13.23 -3.67
CA GLN B 474 -8.53 12.44 -2.83
C GLN B 474 -9.23 11.26 -2.13
N ALA B 475 -10.57 11.24 -2.12
CA ALA B 475 -11.34 10.19 -1.45
C ALA B 475 -12.39 9.55 -2.31
N PRO B 476 -12.51 8.22 -2.25
CA PRO B 476 -13.54 7.56 -3.04
C PRO B 476 -14.98 7.90 -2.65
N TRP B 477 -15.84 7.94 -3.69
CA TRP B 477 -17.24 8.25 -3.59
C TRP B 477 -18.07 7.19 -4.33
N GLY B 478 -19.12 6.71 -3.72
CA GLY B 478 -19.98 5.67 -4.37
C GLY B 478 -20.93 5.10 -3.35
N GLY B 479 -21.81 4.22 -3.81
CA GLY B 479 -22.86 3.80 -2.91
C GLY B 479 -22.88 2.36 -2.49
N TYR B 480 -23.42 2.11 -1.31
CA TYR B 480 -23.78 0.80 -0.85
C TYR B 480 -25.16 0.54 -1.46
N LYS B 481 -25.56 -0.71 -1.43
CA LYS B 481 -26.92 -1.09 -1.83
C LYS B 481 -27.30 -0.62 -3.26
N GLN B 482 -28.49 -0.03 -3.44
CA GLN B 482 -28.93 0.33 -4.80
C GLN B 482 -28.40 1.66 -5.26
N SER B 483 -27.51 2.28 -4.49
CA SER B 483 -26.94 3.55 -4.94
C SER B 483 -25.81 3.34 -5.94
N GLY B 484 -25.36 2.10 -6.11
CA GLY B 484 -24.31 1.81 -7.08
C GLY B 484 -23.46 0.56 -6.86
N ILE B 485 -22.44 0.46 -7.71
CA ILE B 485 -21.45 -0.55 -7.72
C ILE B 485 -20.14 0.15 -8.05
N GLY B 486 -19.14 -0.05 -7.20
CA GLY B 486 -17.80 0.54 -7.39
C GLY B 486 -17.62 1.93 -6.82
N ARG B 487 -16.48 2.54 -7.15
CA ARG B 487 -16.19 3.88 -6.65
C ARG B 487 -15.63 4.77 -7.72
N GLU B 488 -15.88 6.07 -7.58
CA GLU B 488 -15.23 7.08 -8.38
C GLU B 488 -14.41 7.93 -7.41
N LEU B 489 -13.37 8.55 -7.93
CA LEU B 489 -12.44 9.36 -7.12
C LEU B 489 -11.51 8.49 -6.26
N GLY B 490 -10.39 9.09 -5.86
CA GLY B 490 -9.38 8.42 -5.07
C GLY B 490 -8.66 7.32 -5.82
N LYS B 491 -7.81 6.63 -5.10
CA LYS B 491 -7.11 5.46 -5.66
C LYS B 491 -8.07 4.36 -6.10
N GLU B 492 -9.17 4.16 -5.35
CA GLU B 492 -10.16 3.16 -5.73
C GLU B 492 -10.81 3.53 -7.05
N GLY B 493 -11.03 4.82 -7.28
CA GLY B 493 -11.59 5.29 -8.54
C GLY B 493 -10.68 4.95 -9.70
N LEU B 494 -9.37 5.21 -9.54
CA LEU B 494 -8.41 4.86 -10.55
C LEU B 494 -8.43 3.33 -10.83
N GLU B 495 -8.52 2.53 -9.77
CA GLU B 495 -8.52 1.08 -9.91
C GLU B 495 -9.64 0.51 -10.78
N GLU B 496 -10.78 1.19 -10.91
CA GLU B 496 -11.84 0.74 -11.82
C GLU B 496 -11.34 0.68 -13.27
N TYR B 497 -10.32 1.49 -13.56
CA TYR B 497 -9.74 1.57 -14.92
C TYR B 497 -8.51 0.75 -15.14
N LEU B 498 -8.18 -0.14 -14.19
CA LEU B 498 -7.01 -1.00 -14.30
C LEU B 498 -7.46 -2.43 -14.25
N VAL B 499 -6.63 -3.31 -14.77
CA VAL B 499 -6.84 -4.75 -14.66
C VAL B 499 -5.51 -5.37 -14.23
N SER B 500 -5.58 -6.34 -13.31
CA SER B 500 -4.40 -7.03 -12.80
C SER B 500 -4.07 -8.27 -13.61
N LYS B 501 -2.79 -8.46 -13.86
CA LYS B 501 -2.25 -9.63 -14.50
C LYS B 501 -1.08 -10.19 -13.69
N HIS B 502 -1.22 -11.46 -13.30
CA HIS B 502 -0.18 -12.17 -12.58
C HIS B 502 0.71 -12.85 -13.62
N ILE B 503 1.95 -12.41 -13.71
CA ILE B 503 2.94 -13.05 -14.54
C ILE B 503 3.91 -13.84 -13.63
N LEU B 504 3.90 -15.16 -13.82
N LEU B 504 3.90 -15.16 -13.81
CA LEU B 504 4.69 -16.07 -13.03
CA LEU B 504 4.71 -16.07 -13.03
C LEU B 504 5.74 -16.72 -13.91
C LEU B 504 5.75 -16.71 -13.91
N THR B 505 7.01 -16.47 -13.61
CA THR B 505 8.11 -17.04 -14.36
C THR B 505 8.77 -18.15 -13.56
N ASN B 506 8.88 -19.33 -14.16
CA ASN B 506 9.61 -20.43 -13.54
C ASN B 506 11.05 -20.32 -14.01
N THR B 507 11.95 -20.00 -13.08
CA THR B 507 13.35 -19.74 -13.43
C THR B 507 14.22 -20.97 -13.42
N ASN B 508 13.67 -22.12 -13.08
CA ASN B 508 14.43 -23.36 -13.20
C ASN B 508 13.46 -24.48 -13.52
N PRO B 509 12.84 -24.40 -14.69
CA PRO B 509 11.78 -25.34 -15.00
C PRO B 509 12.25 -26.77 -15.16
N GLN B 510 11.52 -27.70 -14.55
CA GLN B 510 11.85 -29.13 -14.60
C GLN B 510 10.60 -29.88 -15.06
N LEU B 511 10.78 -31.01 -15.74
CA LEU B 511 9.62 -31.79 -16.12
C LEU B 511 8.94 -32.25 -14.85
N VAL B 512 7.62 -32.38 -14.90
CA VAL B 512 6.86 -32.87 -13.76
C VAL B 512 6.81 -34.39 -13.80
N ASN B 513 6.70 -34.96 -14.98
CA ASN B 513 6.62 -36.45 -15.14
C ASN B 513 5.50 -37.11 -14.32
N TRP B 514 4.33 -36.51 -14.37
CA TRP B 514 3.13 -37.08 -13.79
C TRP B 514 2.62 -38.22 -14.67
N PHE B 515 2.63 -38.01 -15.98
CA PHE B 515 2.18 -39.03 -16.90
C PHE B 515 3.30 -39.98 -17.32
N SER B 516 2.93 -41.19 -17.76
CA SER B 516 3.91 -42.24 -18.02
C SER B 516 4.78 -41.98 -19.22
N LYS B 517 5.92 -42.65 -19.17
CA LYS B 517 6.91 -42.71 -20.22
C LYS B 517 7.00 -44.18 -20.67
N MET C 22 28.37 36.69 -18.92
CA MET C 22 28.59 37.70 -17.84
C MET C 22 27.23 38.18 -17.28
N GLU C 23 26.27 38.40 -18.18
CA GLU C 23 24.90 38.75 -17.79
C GLU C 23 24.26 37.58 -17.02
N LEU C 24 24.80 36.37 -17.21
CA LEU C 24 24.30 35.16 -16.53
C LEU C 24 24.44 35.25 -15.01
N LEU C 25 25.49 35.93 -14.56
CA LEU C 25 25.78 36.15 -13.14
C LEU C 25 25.52 37.56 -12.65
N LYS C 26 25.24 38.48 -13.56
CA LYS C 26 25.11 39.88 -13.20
C LYS C 26 24.00 40.17 -12.18
N HIS C 27 22.93 39.37 -12.18
CA HIS C 27 21.81 39.58 -11.23
C HIS C 27 21.68 38.42 -10.24
N LEU C 28 22.63 37.51 -10.22
CA LEU C 28 22.52 36.35 -9.32
C LEU C 28 22.90 36.79 -7.92
N SER C 29 22.11 36.38 -6.94
N SER C 29 22.11 36.35 -6.93
CA SER C 29 22.39 36.77 -5.56
CA SER C 29 22.38 36.73 -5.54
C SER C 29 23.75 36.22 -5.10
C SER C 29 23.76 36.20 -5.10
N GLN C 30 24.42 36.94 -4.23
N GLN C 30 24.44 36.93 -4.22
CA GLN C 30 25.73 36.52 -3.69
CA GLN C 30 25.74 36.53 -3.68
C GLN C 30 25.61 36.16 -2.22
C GLN C 30 25.60 36.16 -2.21
N ARG C 31 24.38 36.14 -1.71
CA ARG C 31 24.14 35.98 -0.29
C ARG C 31 23.47 34.72 0.13
N GLN C 32 23.45 34.51 1.46
CA GLN C 32 22.70 33.44 2.07
C GLN C 32 21.23 33.85 2.13
N TYR C 33 20.35 32.90 2.44
CA TYR C 33 18.92 33.18 2.56
C TYR C 33 18.42 32.59 3.87
N ILE C 34 18.16 33.47 4.83
CA ILE C 34 17.78 33.05 6.16
C ILE C 34 16.55 33.77 6.65
N ASP C 35 15.52 32.98 7.01
CA ASP C 35 14.29 33.51 7.55
C ASP C 35 13.71 34.59 6.64
N GLY C 36 13.63 34.27 5.37
CA GLY C 36 13.00 35.16 4.41
C GLY C 36 13.81 36.36 3.94
N GLU C 37 15.10 36.43 4.30
CA GLU C 37 15.92 37.56 3.88
C GLU C 37 17.24 37.11 3.27
N TRP C 38 17.67 37.79 2.19
CA TRP C 38 18.99 37.54 1.60
C TRP C 38 19.99 38.28 2.47
N VAL C 39 20.91 37.55 3.10
CA VAL C 39 21.81 38.15 4.06
C VAL C 39 23.25 37.76 3.80
N GLU C 40 24.17 38.65 4.18
CA GLU C 40 25.57 38.36 4.09
C GLU C 40 25.92 37.44 5.25
N SER C 41 27.15 36.96 5.25
CA SER C 41 27.68 36.21 6.38
C SER C 41 27.77 37.16 7.59
N ALA C 42 27.60 36.62 8.78
CA ALA C 42 27.67 37.39 10.00
C ALA C 42 29.03 38.11 10.13
N ASN C 43 30.08 37.56 9.54
CA ASN C 43 31.39 38.19 9.61
C ASN C 43 31.82 38.78 8.25
N LYS C 44 30.89 38.88 7.31
CA LYS C 44 31.15 39.46 5.97
C LYS C 44 32.23 38.69 5.16
N ASN C 45 32.56 37.48 5.58
N ASN C 45 32.56 37.48 5.60
CA ASN C 45 33.50 36.67 4.85
CA ASN C 45 33.51 36.66 4.86
C ASN C 45 32.88 36.27 3.53
C ASN C 45 32.88 36.26 3.53
N THR C 46 33.73 36.06 2.52
CA THR C 46 33.31 35.66 1.18
C THR C 46 34.26 34.60 0.63
N ARG C 47 33.81 33.94 -0.43
CA ARG C 47 34.54 32.84 -1.04
C ARG C 47 34.47 33.07 -2.55
N ASP C 48 35.59 32.85 -3.22
CA ASP C 48 35.65 32.96 -4.65
C ASP C 48 35.31 31.61 -5.31
N ILE C 49 34.32 31.63 -6.19
CA ILE C 49 33.89 30.44 -6.92
C ILE C 49 34.60 30.37 -8.27
N ILE C 50 35.07 29.17 -8.59
CA ILE C 50 35.90 28.93 -9.75
C ILE C 50 35.22 28.09 -10.84
N ASN C 51 35.61 28.34 -12.08
CA ASN C 51 35.21 27.57 -13.25
C ASN C 51 36.32 26.57 -13.50
N PRO C 52 36.02 25.27 -13.40
CA PRO C 52 37.07 24.25 -13.53
C PRO C 52 37.67 24.17 -14.93
N TYR C 53 37.00 24.72 -15.94
CA TYR C 53 37.54 24.72 -17.29
C TYR C 53 38.82 25.54 -17.47
N ASN C 54 38.92 26.65 -16.75
CA ASN C 54 40.05 27.60 -16.89
C ASN C 54 40.61 28.04 -15.55
N GLN C 55 40.03 27.53 -14.45
CA GLN C 55 40.43 27.87 -13.10
C GLN C 55 40.27 29.36 -12.73
N GLU C 56 39.45 30.06 -13.50
CA GLU C 56 39.24 31.47 -13.27
C GLU C 56 38.13 31.66 -12.26
N VAL C 57 38.27 32.70 -11.45
CA VAL C 57 37.25 33.10 -10.52
C VAL C 57 36.09 33.67 -11.34
N ILE C 58 34.89 33.13 -11.14
CA ILE C 58 33.72 33.55 -11.89
C ILE C 58 32.68 34.26 -11.02
N PHE C 59 32.78 34.15 -9.70
CA PHE C 59 31.75 34.72 -8.83
C PHE C 59 32.23 34.72 -7.38
N THR C 60 31.64 35.60 -6.58
CA THR C 60 32.01 35.72 -5.16
C THR C 60 30.75 35.75 -4.33
N VAL C 61 30.71 34.85 -3.34
CA VAL C 61 29.53 34.67 -2.49
C VAL C 61 29.90 34.70 -1.02
N SER C 62 28.89 34.93 -0.18
CA SER C 62 29.05 34.89 1.26
C SER C 62 29.56 33.54 1.73
N GLU C 63 30.41 33.58 2.75
CA GLU C 63 30.95 32.38 3.39
C GLU C 63 30.41 32.46 4.82
N GLY C 64 29.32 31.75 5.09
CA GLY C 64 28.61 31.89 6.35
C GLY C 64 29.34 31.38 7.57
N THR C 65 28.84 31.79 8.74
CA THR C 65 29.37 31.35 10.02
C THR C 65 28.49 30.31 10.70
N LYS C 66 29.04 29.68 11.75
CA LYS C 66 28.27 28.71 12.50
C LYS C 66 27.04 29.36 13.14
N GLU C 67 27.15 30.63 13.53
CA GLU C 67 26.00 31.36 14.09
C GLU C 67 24.90 31.59 13.04
N ASP C 68 25.29 31.82 11.79
CA ASP C 68 24.34 31.91 10.66
C ASP C 68 23.56 30.58 10.52
N ALA C 69 24.28 29.46 10.58
CA ALA C 69 23.64 28.15 10.46
C ALA C 69 22.68 27.94 11.63
N GLU C 70 23.10 28.29 12.85
CA GLU C 70 22.22 28.16 14.01
C GLU C 70 20.95 29.00 13.86
N ARG C 71 21.13 30.22 13.36
CA ARG C 71 20.01 31.11 13.15
C ARG C 71 19.01 30.55 12.11
N ALA C 72 19.52 29.95 11.06
CA ALA C 72 18.65 29.35 10.04
C ALA C 72 17.84 28.17 10.65
N ILE C 73 18.52 27.35 11.44
CA ILE C 73 17.87 26.21 12.08
C ILE C 73 16.77 26.70 13.05
N LEU C 74 17.08 27.72 13.83
CA LEU C 74 16.08 28.29 14.75
C LEU C 74 14.90 28.92 14.00
N ALA C 75 15.18 29.54 12.85
CA ALA C 75 14.13 30.07 11.96
C ALA C 75 13.24 28.96 11.39
N ALA C 76 13.86 27.87 10.97
CA ALA C 76 13.11 26.73 10.46
C ALA C 76 12.20 26.14 11.53
N ARG C 77 12.71 26.06 12.75
CA ARG C 77 11.92 25.55 13.87
C ARG C 77 10.74 26.48 14.15
N ARG C 78 11.02 27.77 14.25
CA ARG C 78 9.95 28.74 14.46
C ARG C 78 8.84 28.58 13.41
N ALA C 79 9.23 28.50 12.15
CA ALA C 79 8.28 28.39 11.05
C ALA C 79 7.53 27.07 11.16
N PHE C 80 8.24 25.99 11.47
CA PHE C 80 7.58 24.70 11.60
C PHE C 80 6.52 24.77 12.71
N GLU C 81 6.89 25.34 13.85
CA GLU C 81 5.96 25.46 14.97
C GLU C 81 4.76 26.38 14.68
N SER C 82 4.93 27.38 13.80
CA SER C 82 3.86 28.30 13.47
C SER C 82 2.78 27.54 12.67
N GLY C 83 3.15 26.48 11.98
CA GLY C 83 2.21 25.64 11.22
C GLY C 83 1.78 26.13 9.85
N GLU C 84 2.24 27.31 9.44
CA GLU C 84 1.80 27.86 8.17
C GLU C 84 2.05 26.94 6.99
N TRP C 85 3.16 26.23 6.99
CA TRP C 85 3.47 25.28 5.93
C TRP C 85 3.18 23.84 6.36
N SER C 86 3.50 23.50 7.60
CA SER C 86 3.31 22.15 8.05
C SER C 86 1.82 21.83 8.10
N GLN C 87 0.96 22.83 8.32
CA GLN C 87 -0.50 22.59 8.39
C GLN C 87 -1.21 22.99 7.13
N GLU C 88 -0.46 23.42 6.11
CA GLU C 88 -1.07 23.66 4.83
C GLU C 88 -1.62 22.33 4.29
N THR C 89 -2.65 22.37 3.45
CA THR C 89 -3.18 21.13 2.89
C THR C 89 -2.10 20.49 2.01
N ALA C 90 -2.08 19.16 1.95
CA ALA C 90 -1.10 18.46 1.07
C ALA C 90 -1.34 18.85 -0.40
N GLU C 91 -2.62 19.02 -0.78
CA GLU C 91 -2.93 19.42 -2.17
C GLU C 91 -2.28 20.76 -2.53
N THR C 92 -2.39 21.72 -1.61
CA THR C 92 -1.75 23.01 -1.83
C THR C 92 -0.23 22.94 -1.84
N ARG C 93 0.36 22.13 -0.94
CA ARG C 93 1.81 21.96 -0.93
C ARG C 93 2.27 21.40 -2.28
N GLY C 94 1.49 20.47 -2.82
CA GLY C 94 1.77 19.92 -4.14
C GLY C 94 1.71 20.96 -5.26
N LYS C 95 0.74 21.85 -5.23
CA LYS C 95 0.67 22.95 -6.21
C LYS C 95 1.94 23.81 -6.16
N LYS C 96 2.40 24.14 -4.96
CA LYS C 96 3.63 24.93 -4.75
C LYS C 96 4.89 24.20 -5.23
N VAL C 97 4.99 22.90 -4.95
CA VAL C 97 6.10 22.12 -5.45
C VAL C 97 6.03 22.05 -6.99
N ARG C 98 4.82 21.95 -7.54
CA ARG C 98 4.67 21.97 -8.99
C ARG C 98 5.11 23.33 -9.62
N ALA C 99 4.77 24.42 -8.94
CA ALA C 99 5.21 25.73 -9.38
C ALA C 99 6.75 25.78 -9.43
N ILE C 100 7.43 25.15 -8.46
CA ILE C 100 8.89 25.08 -8.56
C ILE C 100 9.31 24.37 -9.87
N ALA C 101 8.74 23.19 -10.10
CA ALA C 101 9.03 22.44 -11.29
C ALA C 101 8.90 23.31 -12.57
N ASP C 102 7.80 24.06 -12.64
CA ASP C 102 7.55 24.93 -13.75
C ASP C 102 8.61 26.03 -13.90
N LYS C 103 9.12 26.55 -12.77
CA LYS C 103 10.21 27.54 -12.78
C LYS C 103 11.46 26.96 -13.39
N ILE C 104 11.72 25.70 -13.08
CA ILE C 104 12.94 25.02 -13.57
C ILE C 104 12.89 24.94 -15.08
N LYS C 105 11.74 24.55 -15.62
CA LYS C 105 11.59 24.46 -17.07
C LYS C 105 11.65 25.84 -17.70
N GLU C 106 10.99 26.80 -17.09
CA GLU C 106 11.01 28.17 -17.61
C GLU C 106 12.45 28.72 -17.76
N HIS C 107 13.30 28.41 -16.77
CA HIS C 107 14.67 28.92 -16.72
C HIS C 107 15.71 27.87 -17.08
N ARG C 108 15.27 26.87 -17.83
CA ARG C 108 16.09 25.74 -18.23
C ARG C 108 17.41 26.13 -18.87
N GLU C 109 17.35 27.06 -19.79
CA GLU C 109 18.58 27.47 -20.51
C GLU C 109 19.61 28.10 -19.61
N ALA C 110 19.21 29.10 -18.83
CA ALA C 110 20.14 29.78 -17.93
C ALA C 110 20.62 28.87 -16.79
N LEU C 111 19.77 27.97 -16.32
CA LEU C 111 20.16 27.07 -15.24
C LEU C 111 21.19 26.06 -15.74
N ALA C 112 20.97 25.53 -16.90
CA ALA C 112 21.93 24.60 -17.54
C ALA C 112 23.31 25.25 -17.74
N ARG C 113 23.30 26.49 -18.24
CA ARG C 113 24.56 27.21 -18.46
C ARG C 113 25.27 27.48 -17.15
N LEU C 114 24.52 27.85 -16.12
CA LEU C 114 25.10 28.07 -14.80
C LEU C 114 25.73 26.81 -14.23
N GLU C 115 25.04 25.67 -14.38
CA GLU C 115 25.57 24.37 -13.87
C GLU C 115 26.85 23.99 -14.61
N THR C 116 26.91 24.27 -15.92
CA THR C 116 28.10 23.98 -16.70
C THR C 116 29.27 24.88 -16.28
N LEU C 117 28.97 26.14 -16.03
CA LEU C 117 29.97 27.13 -15.62
C LEU C 117 30.58 26.73 -14.29
N ASP C 118 29.72 26.32 -13.37
CA ASP C 118 30.13 25.99 -12.02
C ASP C 118 30.77 24.60 -11.92
N THR C 119 30.26 23.62 -12.66
CA THR C 119 30.71 22.24 -12.46
C THR C 119 31.60 21.68 -13.55
N GLY C 120 31.63 22.33 -14.68
CA GLY C 120 32.44 21.88 -15.82
C GLY C 120 31.80 20.86 -16.75
N LYS C 121 30.69 20.22 -16.36
CA LYS C 121 30.08 19.22 -17.26
C LYS C 121 29.53 19.85 -18.53
N THR C 122 29.33 19.04 -19.57
CA THR C 122 28.89 19.59 -20.86
C THR C 122 27.49 20.18 -20.74
N LEU C 123 27.24 21.14 -21.61
CA LEU C 123 25.97 21.80 -21.69
C LEU C 123 24.88 20.79 -22.00
N GLU C 124 25.19 19.80 -22.85
CA GLU C 124 24.17 18.74 -23.13
C GLU C 124 23.82 17.94 -21.86
N GLU C 125 24.83 17.63 -21.07
CA GLU C 125 24.60 17.00 -19.77
C GLU C 125 23.78 17.90 -18.83
N SER C 126 24.05 19.20 -18.83
CA SER C 126 23.30 20.11 -17.97
C SER C 126 21.85 20.24 -18.44
N TYR C 127 21.61 20.23 -19.73
CA TYR C 127 20.25 20.27 -20.26
C TYR C 127 19.43 19.05 -19.83
N ALA C 128 20.02 17.88 -20.00
CA ALA C 128 19.41 16.63 -19.55
C ALA C 128 19.08 16.70 -18.08
N ASP C 129 20.01 17.23 -17.30
CA ASP C 129 19.83 17.44 -15.87
C ASP C 129 18.60 18.26 -15.52
N MET C 130 18.46 19.41 -16.19
CA MET C 130 17.37 20.33 -15.92
C MET C 130 16.03 19.69 -16.27
N ASP C 131 16.00 18.89 -17.34
CA ASP C 131 14.79 18.14 -17.69
C ASP C 131 14.46 17.15 -16.57
N ASP C 132 15.48 16.46 -16.08
CA ASP C 132 15.29 15.55 -14.94
C ASP C 132 14.84 16.27 -13.66
N ILE C 133 15.46 17.41 -13.37
CA ILE C 133 15.12 18.15 -12.14
C ILE C 133 13.65 18.58 -12.19
N HIS C 134 13.21 19.05 -13.35
CA HIS C 134 11.80 19.36 -13.55
C HIS C 134 10.94 18.16 -13.19
N ASN C 135 11.32 17.00 -13.69
CA ASN C 135 10.54 15.79 -13.46
C ASN C 135 10.55 15.33 -11.98
N VAL C 136 11.62 15.61 -11.27
CA VAL C 136 11.74 15.31 -9.82
C VAL C 136 10.74 16.15 -9.05
N PHE C 137 10.76 17.47 -9.25
CA PHE C 137 9.77 18.30 -8.59
C PHE C 137 8.37 17.89 -8.98
N MET C 138 8.16 17.61 -10.27
CA MET C 138 6.80 17.22 -10.71
C MET C 138 6.31 15.94 -10.02
N TYR C 139 7.20 14.96 -9.88
CA TYR C 139 6.87 13.68 -9.25
C TYR C 139 6.44 13.87 -7.81
N PHE C 140 7.24 14.61 -7.08
CA PHE C 140 6.89 14.87 -5.68
C PHE C 140 5.66 15.76 -5.48
N ALA C 141 5.45 16.73 -6.38
CA ALA C 141 4.26 17.57 -6.36
C ALA C 141 3.03 16.63 -6.42
N GLY C 142 3.08 15.67 -7.34
CA GLY C 142 1.99 14.70 -7.55
C GLY C 142 1.83 13.74 -6.41
N LEU C 143 2.90 13.47 -5.69
CA LEU C 143 2.85 12.53 -4.57
C LEU C 143 2.33 13.16 -3.26
N ALA C 144 2.41 14.49 -3.16
CA ALA C 144 2.19 15.18 -1.88
C ALA C 144 0.93 14.80 -1.18
N ASP C 145 -0.16 14.66 -1.94
CA ASP C 145 -1.45 14.43 -1.32
C ASP C 145 -1.99 13.02 -1.45
N LYS C 146 -1.11 12.05 -1.74
CA LYS C 146 -1.54 10.69 -2.02
C LYS C 146 -1.54 9.69 -0.84
N ASP C 147 -1.09 10.05 0.36
CA ASP C 147 -1.15 9.10 1.53
C ASP C 147 -0.94 9.80 2.89
N GLY C 148 -1.99 9.95 3.68
CA GLY C 148 -1.87 10.61 4.99
C GLY C 148 -1.78 9.67 6.18
N GLY C 149 -1.64 8.37 5.92
CA GLY C 149 -1.60 7.40 7.01
C GLY C 149 -2.57 6.23 6.82
N GLU C 150 -2.84 5.52 7.90
CA GLU C 150 -3.60 4.27 7.89
C GLU C 150 -4.64 4.19 8.97
N MET C 151 -5.72 3.46 8.72
CA MET C 151 -6.64 3.05 9.76
C MET C 151 -6.21 1.66 10.12
N ILE C 152 -6.10 1.40 11.42
CA ILE C 152 -5.68 0.11 11.89
C ILE C 152 -6.85 -0.62 12.47
N ASP C 153 -6.91 -1.91 12.20
CA ASP C 153 -7.91 -2.75 12.84
C ASP C 153 -7.42 -3.11 14.21
N SER C 154 -7.92 -2.39 15.20
CA SER C 154 -7.43 -2.57 16.56
C SER C 154 -7.81 -3.90 17.15
N PRO C 155 -6.86 -4.53 17.86
CA PRO C 155 -7.14 -5.77 18.55
C PRO C 155 -7.83 -5.55 19.93
N ILE C 156 -8.05 -4.29 20.32
CA ILE C 156 -8.73 -4.00 21.57
C ILE C 156 -10.16 -3.54 21.24
N PRO C 157 -11.17 -4.26 21.76
CA PRO C 157 -12.51 -3.81 21.43
C PRO C 157 -12.77 -2.39 21.93
N ASP C 158 -13.64 -1.69 21.22
CA ASP C 158 -14.04 -0.33 21.58
C ASP C 158 -12.81 0.61 21.64
N THR C 159 -11.99 0.51 20.60
CA THR C 159 -10.91 1.47 20.41
C THR C 159 -10.81 1.75 18.92
N GLU C 160 -10.34 2.93 18.59
CA GLU C 160 -10.06 3.30 17.22
C GLU C 160 -8.57 3.54 17.17
N SER C 161 -7.91 2.99 16.14
CA SER C 161 -6.47 3.07 15.99
C SER C 161 -6.19 3.63 14.61
N LYS C 162 -5.43 4.70 14.57
CA LYS C 162 -4.99 5.24 13.31
C LYS C 162 -3.55 5.68 13.33
N ILE C 163 -2.91 5.66 12.15
CA ILE C 163 -1.53 6.10 12.02
C ILE C 163 -1.59 7.33 11.16
N VAL C 164 -1.18 8.46 11.71
CA VAL C 164 -1.18 9.70 10.94
C VAL C 164 0.26 10.00 10.58
N LYS C 165 0.51 10.32 9.32
CA LYS C 165 1.85 10.65 8.86
C LYS C 165 1.98 12.15 8.93
N GLU C 166 3.02 12.63 9.60
CA GLU C 166 3.30 14.05 9.72
C GLU C 166 4.66 14.36 9.11
N PRO C 167 4.90 15.65 8.79
CA PRO C 167 6.25 16.00 8.40
C PRO C 167 7.20 15.65 9.56
N VAL C 168 8.37 15.15 9.21
CA VAL C 168 9.37 14.78 10.19
C VAL C 168 9.76 15.97 11.06
N GLY C 169 9.77 17.16 10.49
CA GLY C 169 10.02 18.38 11.26
C GLY C 169 10.99 19.27 10.55
N VAL C 170 12.06 19.64 11.26
CA VAL C 170 13.10 20.51 10.74
C VAL C 170 14.18 19.63 10.17
N VAL C 171 14.56 19.89 8.93
N VAL C 171 14.56 19.89 8.93
CA VAL C 171 15.53 19.04 8.26
CA VAL C 171 15.54 19.04 8.28
C VAL C 171 16.71 19.86 7.76
C VAL C 171 16.72 19.86 7.77
N THR C 172 17.91 19.30 7.89
CA THR C 172 19.10 19.94 7.35
C THR C 172 19.55 19.08 6.17
N GLN C 173 20.01 19.75 5.12
CA GLN C 173 20.25 19.13 3.85
C GLN C 173 21.59 19.61 3.36
N ILE C 174 22.51 18.68 3.16
CA ILE C 174 23.86 19.01 2.68
C ILE C 174 24.10 18.26 1.40
N THR C 175 24.42 19.02 0.36
CA THR C 175 24.54 18.45 -0.98
C THR C 175 25.97 18.51 -1.54
N PRO C 176 26.28 17.67 -2.56
CA PRO C 176 27.60 17.56 -3.09
C PRO C 176 27.85 18.40 -4.32
N TRP C 177 29.10 18.33 -4.81
CA TRP C 177 29.47 19.10 -5.96
C TRP C 177 29.20 18.43 -7.31
N ASN C 178 28.92 17.14 -7.38
N ASN C 178 28.92 17.12 -7.31
CA ASN C 178 28.79 16.52 -8.71
CA ASN C 178 28.58 16.40 -8.54
C ASN C 178 27.62 16.99 -9.59
C ASN C 178 27.09 16.35 -8.65
N TYR C 179 26.42 16.95 -9.03
N TYR C 179 26.59 17.16 -9.58
CA TYR C 179 25.17 17.38 -9.66
CA TYR C 179 25.17 17.41 -9.75
C TYR C 179 24.50 18.16 -8.54
C TYR C 179 24.52 18.15 -8.55
N PRO C 180 24.99 19.38 -8.27
CA PRO C 180 24.49 20.21 -7.19
C PRO C 180 22.97 20.42 -7.21
N LEU C 181 22.42 20.91 -8.33
CA LEU C 181 21.01 21.22 -8.35
C LEU C 181 20.17 19.96 -8.43
N LEU C 182 20.66 18.93 -9.11
CA LEU C 182 19.91 17.66 -9.11
C LEU C 182 19.80 17.10 -7.70
N GLN C 183 20.93 17.04 -6.99
CA GLN C 183 20.92 16.51 -5.61
C GLN C 183 20.11 17.38 -4.66
N ALA C 184 20.13 18.68 -4.90
CA ALA C 184 19.28 19.62 -4.15
C ALA C 184 17.80 19.33 -4.38
N SER C 185 17.45 19.09 -5.64
CA SER C 185 16.06 18.76 -5.97
C SER C 185 15.56 17.47 -5.26
N TRP C 186 16.43 16.48 -5.15
CA TRP C 186 16.08 15.19 -4.54
C TRP C 186 15.72 15.35 -3.07
N LYS C 187 16.27 16.38 -2.46
CA LYS C 187 16.06 16.67 -1.05
C LYS C 187 14.97 17.69 -0.82
N ILE C 188 14.97 18.77 -1.57
CA ILE C 188 13.98 19.81 -1.41
C ILE C 188 12.58 19.37 -1.75
N ALA C 189 12.41 18.63 -2.84
CA ALA C 189 11.10 18.27 -3.31
C ALA C 189 10.27 17.51 -2.27
N PRO C 190 10.83 16.42 -1.67
CA PRO C 190 10.04 15.74 -0.66
C PRO C 190 9.85 16.55 0.61
N ALA C 191 10.90 17.27 1.02
CA ALA C 191 10.82 18.07 2.22
C ALA C 191 9.66 19.06 2.16
N LEU C 192 9.53 19.75 1.04
CA LEU C 192 8.44 20.70 0.88
C LEU C 192 7.11 20.02 0.72
N ALA C 193 7.07 18.94 -0.06
CA ALA C 193 5.82 18.25 -0.30
C ALA C 193 5.19 17.75 1.00
N THR C 194 6.03 17.33 1.93
CA THR C 194 5.54 16.77 3.16
C THR C 194 5.23 17.81 4.26
N GLY C 195 5.67 19.04 4.07
CA GLY C 195 5.42 20.11 5.03
C GLY C 195 6.56 20.40 6.00
N CYS C 196 7.75 19.89 5.74
CA CYS C 196 8.89 20.20 6.59
C CYS C 196 9.36 21.63 6.36
N SER C 197 10.22 22.08 7.26
CA SER C 197 11.03 23.30 7.09
C SER C 197 12.47 22.84 6.92
N LEU C 198 13.21 23.49 6.02
CA LEU C 198 14.52 23.01 5.68
C LEU C 198 15.62 24.09 5.74
N VAL C 199 16.82 23.63 6.01
CA VAL C 199 18.05 24.44 5.92
C VAL C 199 18.98 23.67 5.00
N MET C 200 19.32 24.26 3.86
CA MET C 200 20.22 23.62 2.92
C MET C 200 21.59 24.30 2.81
N LYS C 201 22.63 23.49 2.70
N LYS C 201 22.64 23.49 2.69
CA LYS C 201 23.97 23.97 2.43
CA LYS C 201 24.00 23.97 2.44
C LYS C 201 24.58 23.19 1.26
C LYS C 201 24.60 23.19 1.27
N PRO C 202 24.76 23.84 0.11
CA PRO C 202 25.36 23.20 -1.03
C PRO C 202 26.87 23.12 -0.84
N SER C 203 27.54 22.34 -1.69
CA SER C 203 28.99 22.22 -1.64
C SER C 203 29.56 23.64 -1.75
N GLU C 204 30.55 23.91 -0.91
CA GLU C 204 31.18 25.21 -0.90
C GLU C 204 31.74 25.63 -2.28
N ILE C 205 32.14 24.66 -3.10
CA ILE C 205 32.74 24.96 -4.39
C ILE C 205 31.76 25.11 -5.56
N THR C 206 30.50 24.69 -5.37
CA THR C 206 29.48 24.74 -6.44
C THR C 206 28.13 25.25 -5.97
N PRO C 207 28.04 26.51 -5.54
CA PRO C 207 26.73 26.96 -5.02
C PRO C 207 25.78 27.63 -5.99
N LEU C 208 26.22 27.86 -7.22
CA LEU C 208 25.49 28.83 -8.10
C LEU C 208 24.04 28.48 -8.47
N THR C 209 23.80 27.28 -8.99
CA THR C 209 22.45 26.84 -9.30
C THR C 209 21.60 26.74 -8.04
N THR C 210 22.21 26.45 -6.88
CA THR C 210 21.45 26.34 -5.65
C THR C 210 20.99 27.73 -5.19
N ILE C 211 21.87 28.73 -5.31
CA ILE C 211 21.42 30.10 -5.07
C ILE C 211 20.24 30.42 -6.02
N ARG C 212 20.41 30.09 -7.29
CA ARG C 212 19.36 30.41 -8.26
C ARG C 212 18.02 29.72 -7.93
N VAL C 213 18.04 28.45 -7.57
CA VAL C 213 16.81 27.76 -7.27
C VAL C 213 16.17 28.38 -6.03
N PHE C 214 16.99 28.90 -5.09
CA PHE C 214 16.39 29.61 -3.94
C PHE C 214 15.71 30.92 -4.33
N GLU C 215 16.27 31.66 -5.30
CA GLU C 215 15.57 32.82 -5.83
C GLU C 215 14.19 32.42 -6.39
N LEU C 216 14.16 31.29 -7.12
CA LEU C 216 12.96 30.82 -7.80
C LEU C 216 11.90 30.35 -6.81
N MET C 217 12.34 29.63 -5.79
CA MET C 217 11.49 29.19 -4.71
C MET C 217 10.91 30.39 -3.93
N GLU C 218 11.71 31.43 -3.71
CA GLU C 218 11.23 32.65 -3.09
C GLU C 218 10.14 33.28 -3.95
N GLU C 219 10.32 33.29 -5.26
CA GLU C 219 9.28 33.80 -6.17
C GLU C 219 7.99 33.00 -6.04
N VAL C 220 8.09 31.68 -5.94
CA VAL C 220 6.90 30.85 -5.82
C VAL C 220 6.14 31.26 -4.57
N GLY C 221 6.89 31.48 -3.47
CA GLY C 221 6.26 31.98 -2.25
C GLY C 221 6.02 30.92 -1.22
N PHE C 222 6.79 30.98 -0.14
CA PHE C 222 6.67 30.08 0.99
C PHE C 222 6.75 30.85 2.27
N PRO C 223 6.11 30.35 3.33
CA PRO C 223 6.20 31.08 4.59
C PRO C 223 7.63 31.31 5.03
N LYS C 224 7.87 32.46 5.59
CA LYS C 224 9.17 32.83 6.07
C LYS C 224 9.72 31.73 6.97
N GLY C 225 10.96 31.32 6.72
CA GLY C 225 11.66 30.31 7.53
C GLY C 225 11.49 28.88 7.04
N THR C 226 10.55 28.67 6.10
CA THR C 226 10.29 27.33 5.55
C THR C 226 11.55 26.82 4.81
N ILE C 227 12.22 27.72 4.11
CA ILE C 227 13.44 27.38 3.36
C ILE C 227 14.55 28.36 3.73
N ASN C 228 15.74 27.82 3.90
CA ASN C 228 16.88 28.63 4.25
C ASN C 228 18.09 28.05 3.55
N LEU C 229 18.97 28.94 3.10
CA LEU C 229 20.19 28.56 2.42
C LEU C 229 21.43 29.11 3.16
N ILE C 230 22.32 28.21 3.55
CA ILE C 230 23.61 28.55 4.18
C ILE C 230 24.72 28.23 3.18
N LEU C 231 25.71 29.10 3.10
CA LEU C 231 26.80 28.91 2.14
C LEU C 231 28.15 28.79 2.85
N GLY C 232 28.97 27.88 2.35
CA GLY C 232 30.33 27.80 2.82
C GLY C 232 30.78 26.51 3.42
N ALA C 233 31.99 26.57 3.93
CA ALA C 233 32.60 25.44 4.62
C ALA C 233 33.24 26.06 5.86
N GLY C 234 32.55 27.06 6.41
CA GLY C 234 33.01 27.77 7.62
C GLY C 234 33.18 26.84 8.81
N SER C 235 34.03 27.25 9.76
CA SER C 235 34.28 26.46 10.92
C SER C 235 33.00 26.05 11.65
N GLU C 236 32.86 24.73 11.82
CA GLU C 236 31.77 24.13 12.59
C GLU C 236 30.39 24.31 11.96
N VAL C 237 30.32 24.83 10.75
CA VAL C 237 29.00 24.98 10.10
C VAL C 237 28.30 23.62 9.86
N GLY C 238 29.05 22.66 9.31
CA GLY C 238 28.59 21.31 9.15
C GLY C 238 28.18 20.68 10.47
N ASP C 239 28.99 20.90 11.49
CA ASP C 239 28.71 20.39 12.82
C ASP C 239 27.43 20.96 13.40
N VAL C 240 27.16 22.23 13.15
CA VAL C 240 25.90 22.80 13.62
C VAL C 240 24.71 22.15 12.86
N MET C 241 24.85 21.98 11.55
CA MET C 241 23.76 21.40 10.75
C MET C 241 23.48 19.93 11.06
N SER C 242 24.48 19.22 11.56
CA SER C 242 24.32 17.81 11.91
C SER C 242 24.06 17.59 13.38
N GLY C 243 24.44 18.53 14.22
CA GLY C 243 24.38 18.31 15.68
C GLY C 243 23.45 19.18 16.48
N HIS C 244 22.65 20.00 15.82
CA HIS C 244 21.75 20.91 16.53
C HIS C 244 20.55 20.17 17.11
N LYS C 245 20.16 20.53 18.34
CA LYS C 245 19.05 19.83 18.98
C LYS C 245 17.68 20.05 18.33
N GLU C 246 17.54 21.10 17.54
CA GLU C 246 16.26 21.41 16.87
C GLU C 246 16.06 20.74 15.53
N VAL C 247 17.04 19.95 15.09
CA VAL C 247 16.97 19.24 13.84
C VAL C 247 16.34 17.84 14.07
N ASP C 248 15.44 17.45 13.18
CA ASP C 248 14.76 16.15 13.26
C ASP C 248 15.30 15.15 12.24
N LEU C 249 15.89 15.65 11.15
CA LEU C 249 16.56 14.78 10.17
C LEU C 249 17.71 15.52 9.55
N VAL C 250 18.83 14.81 9.40
CA VAL C 250 19.98 15.32 8.71
C VAL C 250 20.11 14.44 7.51
N SER C 251 20.08 15.05 6.31
CA SER C 251 20.22 14.31 5.05
C SER C 251 21.44 14.79 4.33
N PHE C 252 22.40 13.89 4.13
CA PHE C 252 23.72 14.30 3.63
C PHE C 252 24.11 13.46 2.43
N THR C 253 24.63 14.11 1.41
CA THR C 253 25.14 13.41 0.25
C THR C 253 26.53 13.93 0.05
N GLY C 254 27.49 13.02 -0.03
CA GLY C 254 28.88 13.41 -0.21
C GLY C 254 29.85 12.30 0.14
N SER C 255 31.00 12.69 0.68
CA SER C 255 32.05 11.73 0.88
C SER C 255 31.80 10.84 2.08
N ILE C 256 32.35 9.64 2.01
CA ILE C 256 32.17 8.68 3.08
C ILE C 256 32.73 9.19 4.41
N GLU C 257 33.91 9.79 4.40
N GLU C 257 33.90 9.80 4.40
CA GLU C 257 34.51 10.28 5.63
CA GLU C 257 34.49 10.30 5.66
C GLU C 257 33.63 11.36 6.29
C GLU C 257 33.60 11.36 6.32
N THR C 258 33.11 12.29 5.50
CA THR C 258 32.28 13.36 6.01
C THR C 258 30.96 12.80 6.52
N GLY C 259 30.40 11.84 5.77
CA GLY C 259 29.13 11.23 6.16
C GLY C 259 29.22 10.55 7.50
N LYS C 260 30.28 9.76 7.71
CA LYS C 260 30.48 9.10 9.03
C LYS C 260 30.53 10.12 10.16
N HIS C 261 31.26 11.21 9.96
CA HIS C 261 31.37 12.30 10.95
C HIS C 261 30.00 12.92 11.25
N ILE C 262 29.26 13.18 10.18
CA ILE C 262 27.90 13.71 10.30
C ILE C 262 27.00 12.78 11.08
N MET C 263 27.04 11.48 10.79
CA MET C 263 26.21 10.52 11.55
C MET C 263 26.60 10.49 13.04
N LYS C 264 27.90 10.57 13.32
CA LYS C 264 28.35 10.58 14.72
C LYS C 264 27.83 11.82 15.44
N ASN C 265 27.79 12.94 14.75
N ASN C 265 27.78 12.94 14.74
CA ASN C 265 27.30 14.18 15.36
CA ASN C 265 27.25 14.18 15.32
C ASN C 265 25.78 14.13 15.57
C ASN C 265 25.77 14.11 15.57
N ALA C 266 25.08 13.54 14.60
CA ALA C 266 23.63 13.40 14.69
C ALA C 266 23.23 12.56 15.88
N ALA C 267 24.11 11.63 16.26
CA ALA C 267 23.85 10.78 17.41
C ALA C 267 23.68 11.57 18.71
N ASN C 268 24.33 12.73 18.83
CA ASN C 268 24.26 13.50 20.08
C ASN C 268 22.85 13.90 20.45
N ASN C 269 21.95 13.96 19.47
CA ASN C 269 20.54 14.22 19.71
C ASN C 269 19.60 13.09 19.20
N VAL C 270 20.18 11.94 18.88
CA VAL C 270 19.48 10.75 18.39
C VAL C 270 18.69 11.15 17.15
N THR C 271 19.35 11.88 16.27
CA THR C 271 18.69 12.45 15.08
C THR C 271 18.69 11.52 13.88
N ASN C 272 17.55 11.42 13.20
CA ASN C 272 17.42 10.59 12.03
C ASN C 272 18.47 11.03 11.02
N ILE C 273 19.14 10.08 10.39
CA ILE C 273 20.04 10.39 9.30
C ILE C 273 19.67 9.67 8.03
N ALA C 274 19.93 10.35 6.93
CA ALA C 274 19.83 9.79 5.61
C ALA C 274 21.18 10.14 4.95
N LEU C 275 21.86 9.13 4.42
CA LEU C 275 23.15 9.29 3.82
C LEU C 275 23.26 8.64 2.45
N GLU C 276 23.89 9.35 1.53
N GLU C 276 23.89 9.36 1.54
CA GLU C 276 24.20 8.83 0.21
CA GLU C 276 24.22 8.85 0.25
C GLU C 276 25.65 9.16 0.03
C GLU C 276 25.66 9.17 0.05
N LEU C 277 26.51 8.14 0.06
CA LEU C 277 27.95 8.35 0.03
C LEU C 277 28.70 7.85 -1.20
N GLY C 278 27.98 7.57 -2.28
CA GLY C 278 28.59 7.07 -3.51
C GLY C 278 29.00 5.60 -3.41
N GLY C 279 29.68 5.11 -4.43
CA GLY C 279 30.13 3.75 -4.47
C GLY C 279 30.93 3.37 -5.70
N LYS C 280 31.60 2.24 -5.59
CA LYS C 280 32.33 1.58 -6.64
C LYS C 280 31.19 0.79 -7.24
N ASN C 281 30.72 1.23 -8.39
CA ASN C 281 29.63 0.59 -9.09
C ASN C 281 30.13 -0.36 -10.17
N PRO C 282 29.84 -1.68 -10.04
CA PRO C 282 30.42 -2.65 -10.97
C PRO C 282 29.65 -2.73 -12.27
N ASN C 283 30.39 -2.95 -13.36
CA ASN C 283 29.82 -3.15 -14.69
C ASN C 283 30.27 -4.53 -15.16
N ILE C 284 29.36 -5.49 -15.07
CA ILE C 284 29.62 -6.89 -15.37
C ILE C 284 29.21 -7.24 -16.82
N ILE C 285 30.19 -7.62 -17.61
CA ILE C 285 30.01 -7.89 -19.01
C ILE C 285 30.33 -9.34 -19.30
N PHE C 286 29.29 -10.09 -19.64
CA PHE C 286 29.45 -11.50 -20.00
C PHE C 286 29.87 -11.64 -21.48
N ASP C 287 30.47 -12.79 -21.83
CA ASP C 287 30.85 -12.97 -23.22
C ASP C 287 29.63 -13.04 -24.15
N ASP C 288 28.43 -13.31 -23.64
CA ASP C 288 27.23 -13.29 -24.49
C ASP C 288 26.49 -11.94 -24.48
N ALA C 289 27.14 -10.90 -23.99
CA ALA C 289 26.60 -9.56 -24.09
C ALA C 289 26.62 -9.14 -25.56
N ASP C 290 25.82 -8.14 -25.92
CA ASP C 290 25.93 -7.45 -27.21
C ASP C 290 27.24 -6.67 -27.11
N PHE C 291 28.24 -7.06 -27.89
CA PHE C 291 29.60 -6.53 -27.68
C PHE C 291 29.73 -5.05 -27.85
N GLU C 292 29.26 -4.56 -29.00
CA GLU C 292 29.36 -3.11 -29.24
C GLU C 292 28.53 -2.30 -28.23
N LEU C 293 27.39 -2.84 -27.78
CA LEU C 293 26.59 -2.17 -26.73
C LEU C 293 27.38 -2.07 -25.46
N ALA C 294 28.04 -3.17 -25.09
CA ALA C 294 28.80 -3.24 -23.85
C ALA C 294 30.00 -2.30 -23.84
N VAL C 295 30.65 -2.13 -24.99
CA VAL C 295 31.77 -1.19 -25.06
C VAL C 295 31.23 0.23 -24.92
N ASP C 296 30.17 0.53 -25.68
CA ASP C 296 29.56 1.85 -25.67
C ASP C 296 29.15 2.21 -24.22
N GLN C 297 28.50 1.27 -23.53
CA GLN C 297 28.03 1.55 -22.18
C GLN C 297 29.14 1.55 -21.14
N ALA C 298 30.25 0.88 -21.45
CA ALA C 298 31.41 0.90 -20.55
C ALA C 298 32.03 2.28 -20.59
N LEU C 299 32.07 2.85 -21.79
CA LEU C 299 32.56 4.21 -21.97
C LEU C 299 31.63 5.18 -21.22
N ASN C 300 30.34 5.05 -21.47
CA ASN C 300 29.36 5.92 -20.86
C ASN C 300 29.42 5.79 -19.34
N GLY C 301 29.50 4.57 -18.86
CA GLY C 301 29.61 4.33 -17.41
C GLY C 301 30.87 4.94 -16.81
N GLY C 302 31.98 4.82 -17.51
CA GLY C 302 33.25 5.31 -16.99
C GLY C 302 33.46 6.81 -17.06
N TYR C 303 32.96 7.45 -18.11
CA TYR C 303 33.38 8.83 -18.46
C TYR C 303 32.32 9.93 -18.57
N PHE C 304 31.03 9.63 -18.49
CA PHE C 304 30.01 10.69 -18.37
C PHE C 304 30.38 11.55 -17.14
N HIS C 305 30.35 12.89 -17.27
CA HIS C 305 30.79 13.85 -16.22
C HIS C 305 32.19 13.56 -15.67
N ALA C 306 33.05 13.15 -16.58
CA ALA C 306 34.41 12.79 -16.25
C ALA C 306 34.44 11.73 -15.16
N GLY C 307 33.44 10.86 -15.17
CA GLY C 307 33.38 9.78 -14.20
C GLY C 307 32.99 10.19 -12.81
N GLN C 308 32.44 11.40 -12.68
CA GLN C 308 32.15 11.97 -11.37
C GLN C 308 30.70 11.85 -10.98
N VAL C 309 29.83 11.40 -11.86
CA VAL C 309 28.43 11.27 -11.52
C VAL C 309 28.32 10.13 -10.49
N CME C 310 27.32 10.17 -9.62
CA CME C 310 27.20 9.14 -8.55
CB CME C 310 26.20 9.63 -7.49
SG CME C 310 24.51 9.15 -7.70
SD CME C 310 23.84 9.65 -9.47
CE CME C 310 23.30 11.31 -9.18
CZ CME C 310 24.18 12.28 -9.99
OH CME C 310 25.50 12.37 -9.42
C CME C 310 26.89 7.76 -9.11
O CME C 310 27.24 6.75 -8.51
N SER C 311 26.29 7.71 -10.30
CA SER C 311 26.03 6.46 -11.01
C SER C 311 27.25 5.92 -11.82
N ALA C 312 28.38 6.64 -11.84
CA ALA C 312 29.57 6.18 -12.59
C ALA C 312 29.96 4.72 -12.32
N GLY C 313 30.38 4.03 -13.39
CA GLY C 313 30.87 2.65 -13.31
C GLY C 313 32.36 2.52 -13.50
N SER C 314 33.13 2.56 -12.41
N SER C 314 33.12 2.54 -12.41
CA SER C 314 34.59 2.50 -12.49
CA SER C 314 34.59 2.48 -12.48
C SER C 314 35.15 1.09 -12.46
C SER C 314 35.17 1.08 -12.46
N ARG C 315 34.35 0.10 -12.10
CA ARG C 315 34.82 -1.28 -11.96
C ARG C 315 34.25 -2.22 -12.97
N ILE C 316 34.98 -2.43 -14.06
CA ILE C 316 34.50 -3.30 -15.10
C ILE C 316 34.97 -4.71 -14.79
N LEU C 317 34.02 -5.65 -14.86
CA LEU C 317 34.29 -7.07 -14.72
C LEU C 317 33.87 -7.71 -16.03
N VAL C 318 34.83 -8.24 -16.81
CA VAL C 318 34.53 -8.75 -18.16
C VAL C 318 34.94 -10.21 -18.29
N GLN C 319 34.08 -11.02 -18.87
CA GLN C 319 34.34 -12.44 -18.95
C GLN C 319 35.57 -12.71 -19.78
N ASN C 320 36.36 -13.68 -19.32
CA ASN C 320 37.70 -13.87 -19.89
C ASN C 320 37.78 -14.14 -21.38
N SER C 321 36.80 -14.81 -21.94
CA SER C 321 36.84 -15.12 -23.35
C SER C 321 36.70 -13.90 -24.30
N ILE C 322 36.14 -12.80 -23.82
CA ILE C 322 36.10 -11.59 -24.65
C ILE C 322 36.98 -10.47 -24.09
N LYS C 323 37.68 -10.71 -23.00
CA LYS C 323 38.41 -9.66 -22.27
C LYS C 323 39.45 -8.93 -23.11
N ASP C 324 40.30 -9.66 -23.82
CA ASP C 324 41.32 -9.05 -24.68
C ASP C 324 40.70 -8.20 -25.78
N LYS C 325 39.70 -8.73 -26.45
CA LYS C 325 39.05 -7.93 -27.48
C LYS C 325 38.35 -6.70 -26.86
N PHE C 326 37.68 -6.91 -25.73
CA PHE C 326 37.01 -5.81 -25.03
C PHE C 326 37.99 -4.73 -24.60
N GLU C 327 39.11 -5.12 -24.01
CA GLU C 327 40.07 -4.13 -23.56
C GLU C 327 40.55 -3.26 -24.72
N GLN C 328 40.83 -3.86 -25.87
CA GLN C 328 41.35 -3.08 -26.99
C GLN C 328 40.29 -2.18 -27.61
N ALA C 329 39.06 -2.69 -27.72
CA ALA C 329 37.97 -1.90 -28.26
C ALA C 329 37.75 -0.67 -27.38
N LEU C 330 37.76 -0.89 -26.07
CA LEU C 330 37.55 0.19 -25.09
C LEU C 330 38.67 1.24 -25.24
N ILE C 331 39.90 0.79 -25.20
CA ILE C 331 41.04 1.69 -25.36
C ILE C 331 40.99 2.46 -26.69
N ASP C 332 40.68 1.79 -27.80
CA ASP C 332 40.57 2.47 -29.11
C ASP C 332 39.63 3.65 -29.04
N ARG C 333 38.51 3.49 -28.32
CA ARG C 333 37.52 4.55 -28.18
C ARG C 333 37.94 5.60 -27.16
N VAL C 334 38.57 5.17 -26.08
CA VAL C 334 39.03 6.13 -25.07
C VAL C 334 39.98 7.15 -25.70
N LYS C 335 40.86 6.69 -26.58
CA LYS C 335 41.80 7.58 -27.27
C LYS C 335 41.13 8.72 -28.07
N LYS C 336 39.88 8.52 -28.45
CA LYS C 336 39.17 9.50 -29.27
C LYS C 336 38.22 10.40 -28.48
N ILE C 337 38.07 10.17 -27.19
CA ILE C 337 37.17 10.99 -26.41
C ILE C 337 37.62 12.45 -26.50
N LYS C 338 36.69 13.33 -26.82
CA LYS C 338 36.97 14.75 -26.98
C LYS C 338 36.84 15.53 -25.69
N LEU C 339 37.99 15.99 -25.20
CA LEU C 339 38.00 16.82 -24.00
C LEU C 339 37.92 18.27 -24.41
N GLY C 340 37.27 19.09 -23.59
CA GLY C 340 37.23 20.54 -23.88
C GLY C 340 36.26 21.29 -22.99
N ASN C 341 35.94 22.50 -23.43
CA ASN C 341 34.99 23.38 -22.73
C ASN C 341 33.57 22.81 -22.78
N GLY C 342 32.92 22.74 -21.64
CA GLY C 342 31.57 22.21 -21.58
C GLY C 342 30.58 22.99 -22.39
N PHE C 343 30.86 24.26 -22.62
CA PHE C 343 30.00 25.09 -23.45
C PHE C 343 30.09 24.79 -24.95
N ASP C 344 31.12 24.05 -25.36
CA ASP C 344 31.29 23.72 -26.77
C ASP C 344 30.60 22.39 -27.08
N ALA C 345 29.73 22.40 -28.08
CA ALA C 345 28.94 21.23 -28.48
C ALA C 345 29.74 19.97 -28.80
N ASP C 346 30.98 20.13 -29.23
CA ASP C 346 31.81 19.00 -29.61
C ASP C 346 32.46 18.31 -28.42
N THR C 347 32.44 18.96 -27.26
CA THR C 347 33.05 18.39 -26.10
C THR C 347 32.27 17.15 -25.65
N GLU C 348 33.00 16.09 -25.38
CA GLU C 348 32.44 14.86 -24.86
C GLU C 348 32.75 14.67 -23.38
N MET C 349 33.88 15.22 -22.92
CA MET C 349 34.22 15.16 -21.52
C MET C 349 34.87 16.46 -21.07
N GLY C 350 34.35 17.02 -19.99
CA GLY C 350 34.88 18.21 -19.41
C GLY C 350 35.99 17.91 -18.40
N PRO C 351 36.44 18.95 -17.67
CA PRO C 351 37.42 18.81 -16.61
C PRO C 351 36.85 18.15 -15.36
N VAL C 352 37.73 17.83 -14.41
CA VAL C 352 37.26 17.42 -13.10
C VAL C 352 37.04 18.69 -12.25
N ILE C 353 36.39 18.48 -11.12
CA ILE C 353 35.79 19.58 -10.37
C ILE C 353 36.74 20.58 -9.69
N SER C 354 37.86 20.09 -9.20
CA SER C 354 38.72 20.96 -8.42
C SER C 354 40.15 20.46 -8.34
N THR C 355 41.02 21.33 -7.85
CA THR C 355 42.41 20.99 -7.67
C THR C 355 42.54 19.80 -6.70
N GLU C 356 41.81 19.85 -5.59
CA GLU C 356 41.87 18.79 -4.60
C GLU C 356 41.43 17.46 -5.18
N HIS C 357 40.38 17.49 -5.99
CA HIS C 357 39.90 16.27 -6.58
C HIS C 357 40.88 15.75 -7.62
N ARG C 358 41.42 16.62 -8.47
CA ARG C 358 42.38 16.16 -9.44
C ARG C 358 43.61 15.58 -8.72
N ASN C 359 43.99 16.16 -7.60
CA ASN C 359 45.13 15.63 -6.84
C ASN C 359 44.83 14.23 -6.30
N LYS C 360 43.58 13.99 -5.87
CA LYS C 360 43.20 12.65 -5.36
C LYS C 360 43.30 11.63 -6.47
N ILE C 361 42.90 12.01 -7.68
CA ILE C 361 42.98 11.14 -8.84
C ILE C 361 44.43 10.83 -9.17
N GLU C 362 45.30 11.86 -9.12
CA GLU C 362 46.70 11.63 -9.41
C GLU C 362 47.32 10.69 -8.39
N SER C 363 46.95 10.81 -7.13
N SER C 363 46.93 10.82 -7.12
CA SER C 363 47.51 9.94 -6.09
CA SER C 363 47.47 9.93 -6.08
C SER C 363 47.07 8.49 -6.31
C SER C 363 47.07 8.49 -6.31
N TYR C 364 45.86 8.30 -6.82
CA TYR C 364 45.36 6.98 -7.13
C TYR C 364 46.14 6.33 -8.28
N MET C 365 46.59 7.11 -9.26
CA MET C 365 47.39 6.55 -10.34
C MET C 365 48.75 6.06 -9.78
N ASP C 366 49.28 6.80 -8.81
CA ASP C 366 50.51 6.38 -8.14
C ASP C 366 50.28 5.04 -7.43
N VAL C 367 49.13 4.92 -6.78
CA VAL C 367 48.80 3.67 -6.10
C VAL C 367 48.69 2.52 -7.08
N ALA C 368 47.99 2.76 -8.18
CA ALA C 368 47.87 1.73 -9.22
C ALA C 368 49.24 1.23 -9.70
N LYS C 369 50.15 2.16 -9.97
CA LYS C 369 51.49 1.79 -10.41
C LYS C 369 52.20 0.99 -9.34
N ALA C 370 52.18 1.48 -8.10
CA ALA C 370 52.86 0.78 -7.00
C ALA C 370 52.34 -0.67 -6.80
N GLU C 371 51.05 -0.88 -7.04
CA GLU C 371 50.44 -2.21 -6.94
C GLU C 371 50.73 -3.10 -8.16
N GLY C 372 51.35 -2.55 -9.21
CA GLY C 372 51.67 -3.36 -10.39
C GLY C 372 50.58 -3.46 -11.44
N ALA C 373 49.56 -2.62 -11.36
CA ALA C 373 48.54 -2.60 -12.39
C ALA C 373 49.15 -1.87 -13.58
N THR C 374 48.53 -2.00 -14.75
CA THR C 374 48.98 -1.33 -15.95
C THR C 374 48.10 -0.14 -16.31
N ILE C 375 48.69 1.04 -16.53
CA ILE C 375 47.94 2.19 -17.02
C ILE C 375 47.88 2.00 -18.52
N ALA C 376 46.81 1.40 -19.01
CA ALA C 376 46.69 1.06 -20.41
C ALA C 376 46.54 2.26 -21.31
N VAL C 377 45.92 3.32 -20.80
CA VAL C 377 45.73 4.54 -21.57
C VAL C 377 45.33 5.69 -20.60
N GLY C 378 45.76 6.90 -20.92
CA GLY C 378 45.47 8.07 -20.07
C GLY C 378 46.36 8.12 -18.84
N GLY C 379 45.79 8.47 -17.70
CA GLY C 379 46.51 8.47 -16.44
C GLY C 379 47.30 9.74 -16.14
N LYS C 380 47.13 10.79 -16.95
CA LYS C 380 47.82 12.04 -16.67
C LYS C 380 46.98 13.22 -17.16
N ARG C 381 47.45 14.42 -16.85
CA ARG C 381 46.84 15.68 -17.31
C ARG C 381 47.13 15.82 -18.78
N PRO C 382 46.15 16.31 -19.56
CA PRO C 382 46.43 16.47 -20.98
C PRO C 382 47.32 17.66 -21.21
N ASP C 383 48.09 17.61 -22.30
CA ASP C 383 49.07 18.64 -22.65
C ASP C 383 48.51 19.76 -23.51
N ARG C 384 47.50 19.45 -24.32
CA ARG C 384 47.00 20.38 -25.34
C ARG C 384 46.80 21.80 -24.81
N ASP C 385 47.17 22.78 -25.63
CA ASP C 385 47.14 24.20 -25.26
C ASP C 385 45.83 24.69 -24.68
N ASP C 386 44.72 24.33 -25.31
CA ASP C 386 43.40 24.78 -24.84
C ASP C 386 42.95 24.09 -23.56
N LEU C 387 43.66 23.03 -23.18
CA LEU C 387 43.35 22.27 -21.98
C LEU C 387 44.29 22.56 -20.81
N LYS C 388 45.39 23.22 -21.12
CA LYS C 388 46.46 23.48 -20.16
C LYS C 388 46.01 24.21 -18.88
N ASP C 389 45.08 25.15 -19.01
CA ASP C 389 44.69 25.95 -17.86
C ASP C 389 43.58 25.35 -17.04
N GLY C 390 42.88 24.34 -17.55
CA GLY C 390 41.75 23.76 -16.81
C GLY C 390 42.15 22.54 -16.01
N LEU C 391 41.20 22.06 -15.21
CA LEU C 391 41.38 20.89 -14.35
C LEU C 391 41.06 19.58 -15.09
N PHE C 392 41.72 19.40 -16.22
CA PHE C 392 41.48 18.22 -17.03
C PHE C 392 42.33 17.06 -16.58
N PHE C 393 41.78 15.87 -16.80
CA PHE C 393 42.50 14.64 -16.56
C PHE C 393 42.05 13.69 -17.66
N GLU C 394 43.00 12.99 -18.27
CA GLU C 394 42.68 12.11 -19.40
C GLU C 394 41.81 10.95 -18.95
N PRO C 395 40.86 10.55 -19.82
CA PRO C 395 40.12 9.34 -19.53
C PRO C 395 41.10 8.18 -19.49
N THR C 396 40.98 7.38 -18.45
CA THR C 396 41.97 6.38 -18.12
C THR C 396 41.40 4.98 -17.99
N VAL C 397 42.16 4.01 -18.47
CA VAL C 397 41.85 2.60 -18.30
C VAL C 397 43.02 1.91 -17.63
N ILE C 398 42.73 1.25 -16.52
CA ILE C 398 43.71 0.50 -15.77
C ILE C 398 43.41 -1.00 -15.94
N THR C 399 44.42 -1.76 -16.39
CA THR C 399 44.27 -3.18 -16.66
C THR C 399 45.19 -3.96 -15.77
N ASN C 400 45.08 -5.29 -15.84
CA ASN C 400 45.92 -6.18 -15.05
C ASN C 400 45.88 -5.86 -13.58
N CYS C 401 44.68 -5.98 -13.02
CA CYS C 401 44.50 -5.72 -11.62
C CYS C 401 43.60 -6.77 -11.04
N ASP C 402 43.48 -6.77 -9.72
CA ASP C 402 42.64 -7.75 -9.07
C ASP C 402 42.02 -7.17 -7.83
N THR C 403 41.03 -7.91 -7.31
N THR C 403 41.04 -7.91 -7.33
CA THR C 403 40.20 -7.45 -6.20
CA THR C 403 40.20 -7.47 -6.24
C THR C 403 40.96 -7.20 -4.89
C THR C 403 40.94 -7.24 -4.91
N SER C 404 42.16 -7.75 -4.77
CA SER C 404 42.96 -7.51 -3.57
C SER C 404 43.58 -6.09 -3.57
N MET C 405 43.59 -5.42 -4.71
CA MET C 405 44.27 -4.11 -4.82
C MET C 405 43.45 -2.97 -4.26
N ARG C 406 44.15 -1.97 -3.73
CA ARG C 406 43.49 -0.79 -3.20
C ARG C 406 42.75 -0.06 -4.29
N ILE C 407 43.31 -0.06 -5.50
CA ILE C 407 42.67 0.65 -6.61
C ILE C 407 41.33 0.04 -6.98
N VAL C 408 41.14 -1.24 -6.68
CA VAL C 408 39.89 -1.90 -6.99
C VAL C 408 38.94 -1.79 -5.78
N GLN C 409 39.49 -1.86 -4.57
CA GLN C 409 38.72 -1.70 -3.36
C GLN C 409 38.29 -0.29 -2.99
N GLU C 410 39.00 0.72 -3.50
CA GLU C 410 38.65 2.11 -3.19
C GLU C 410 38.19 2.86 -4.43
N GLU C 411 37.13 3.62 -4.28
CA GLU C 411 36.58 4.43 -5.37
C GLU C 411 37.32 5.75 -5.41
N VAL C 412 37.66 6.19 -6.62
CA VAL C 412 38.32 7.47 -6.84
C VAL C 412 37.38 8.55 -7.41
N PHE C 413 36.26 8.13 -8.03
CA PHE C 413 35.23 9.11 -8.49
C PHE C 413 35.77 10.07 -9.56
N GLY C 414 36.49 9.52 -10.54
CA GLY C 414 37.12 10.30 -11.61
C GLY C 414 36.98 9.60 -12.93
N PRO C 415 37.62 10.11 -13.99
CA PRO C 415 37.48 9.48 -15.30
C PRO C 415 38.45 8.31 -15.46
N VAL C 416 38.22 7.30 -14.65
CA VAL C 416 39.13 6.18 -14.55
C VAL C 416 38.31 4.92 -14.35
N VAL C 417 38.66 3.87 -15.07
CA VAL C 417 38.04 2.59 -14.90
C VAL C 417 39.12 1.56 -14.70
N THR C 418 38.80 0.51 -13.99
CA THR C 418 39.67 -0.64 -13.86
C THR C 418 39.00 -1.79 -14.62
N VAL C 419 39.80 -2.71 -15.14
CA VAL C 419 39.27 -3.89 -15.81
C VAL C 419 39.79 -5.16 -15.19
N GLU C 420 38.86 -6.00 -14.71
CA GLU C 420 39.15 -7.32 -14.12
C GLU C 420 38.47 -8.37 -14.95
N GLY C 421 39.07 -9.54 -15.04
CA GLY C 421 38.47 -10.62 -15.78
C GLY C 421 37.79 -11.58 -14.83
N PHE C 422 36.90 -12.39 -15.35
CA PHE C 422 36.26 -13.44 -14.55
C PHE C 422 35.94 -14.60 -15.49
N GLU C 423 35.82 -15.78 -14.92
N GLU C 423 35.84 -15.81 -14.94
CA GLU C 423 35.57 -16.96 -15.69
CA GLU C 423 35.54 -17.00 -15.75
C GLU C 423 34.11 -17.41 -15.67
C GLU C 423 34.07 -17.41 -15.69
N THR C 424 33.50 -17.36 -14.49
CA THR C 424 32.16 -17.86 -14.29
C THR C 424 31.19 -16.82 -13.74
N GLU C 425 29.92 -17.10 -13.90
CA GLU C 425 28.87 -16.30 -13.30
C GLU C 425 29.06 -16.15 -11.79
N GLN C 426 29.34 -17.27 -11.10
N GLN C 426 29.32 -17.26 -11.09
CA GLN C 426 29.53 -17.29 -9.65
CA GLN C 426 29.49 -17.24 -9.64
C GLN C 426 30.70 -16.37 -9.27
C GLN C 426 30.69 -16.37 -9.26
N GLU C 427 31.76 -16.45 -10.03
CA GLU C 427 32.95 -15.62 -9.78
C GLU C 427 32.67 -14.12 -9.98
N ALA C 428 31.92 -13.76 -11.02
CA ALA C 428 31.56 -12.37 -11.27
C ALA C 428 30.78 -11.79 -10.08
N ILE C 429 29.84 -12.57 -9.56
CA ILE C 429 29.01 -12.14 -8.43
C ILE C 429 29.89 -11.94 -7.19
N GLN C 430 30.72 -12.94 -6.88
CA GLN C 430 31.62 -12.91 -5.74
C GLN C 430 32.55 -11.68 -5.80
N LEU C 431 33.12 -11.42 -6.97
CA LEU C 431 34.02 -10.27 -7.16
C LEU C 431 33.27 -8.97 -6.99
N ALA C 432 32.12 -8.86 -7.65
CA ALA C 432 31.34 -7.63 -7.63
C ALA C 432 30.90 -7.32 -6.20
N ASN C 433 30.56 -8.34 -5.41
CA ASN C 433 30.16 -8.13 -4.01
C ASN C 433 31.34 -7.93 -3.04
N ASP C 434 32.58 -8.12 -3.52
CA ASP C 434 33.78 -8.03 -2.70
C ASP C 434 34.18 -6.56 -2.70
N SER C 435 33.44 -5.79 -1.89
CA SER C 435 33.50 -4.36 -1.87
C SER C 435 32.78 -3.89 -0.63
N ILE C 436 33.19 -2.73 -0.10
CA ILE C 436 32.47 -2.10 0.99
C ILE C 436 31.23 -1.35 0.54
N TYR C 437 31.08 -1.18 -0.78
CA TYR C 437 30.03 -0.30 -1.32
C TYR C 437 28.83 -1.09 -1.74
N GLY C 438 27.76 -0.37 -2.10
CA GLY C 438 26.50 -1.03 -2.46
C GLY C 438 25.47 -0.14 -3.15
N LEU C 439 25.92 0.76 -4.02
CA LEU C 439 25.05 1.75 -4.59
C LEU C 439 24.30 1.31 -5.86
N ALA C 440 25.03 0.99 -6.92
CA ALA C 440 24.44 0.61 -8.22
C ALA C 440 25.39 -0.23 -9.02
N GLY C 441 24.89 -0.87 -10.07
CA GLY C 441 25.74 -1.69 -10.94
C GLY C 441 24.92 -2.23 -12.08
N ALA C 442 25.59 -2.79 -13.06
CA ALA C 442 24.99 -3.37 -14.25
C ALA C 442 25.48 -4.75 -14.57
N VAL C 443 24.60 -5.49 -15.28
CA VAL C 443 24.94 -6.78 -15.85
C VAL C 443 24.58 -6.72 -17.32
N PHE C 444 25.55 -7.00 -18.19
CA PHE C 444 25.31 -7.07 -19.64
C PHE C 444 25.38 -8.51 -20.13
N SER C 445 24.27 -8.99 -20.69
CA SER C 445 24.19 -10.34 -21.24
C SER C 445 22.91 -10.46 -22.03
N LYS C 446 22.96 -11.14 -23.17
CA LYS C 446 21.73 -11.41 -23.94
C LYS C 446 20.89 -12.48 -23.22
N ASP C 447 21.49 -13.20 -22.28
CA ASP C 447 20.80 -14.25 -21.52
C ASP C 447 20.15 -13.56 -20.33
N ILE C 448 18.89 -13.20 -20.50
CA ILE C 448 18.16 -12.37 -19.51
C ILE C 448 17.97 -13.13 -18.23
N GLY C 449 17.79 -14.44 -18.34
CA GLY C 449 17.64 -15.26 -17.11
C GLY C 449 18.89 -15.20 -16.25
N LYS C 450 20.04 -15.27 -16.91
CA LYS C 450 21.34 -15.14 -16.22
C LYS C 450 21.49 -13.75 -15.62
N ALA C 451 21.18 -12.72 -16.41
CA ALA C 451 21.29 -11.33 -15.89
C ALA C 451 20.43 -11.14 -14.65
N GLN C 452 19.24 -11.72 -14.65
N GLN C 452 19.23 -11.71 -14.65
CA GLN C 452 18.33 -11.63 -13.50
CA GLN C 452 18.34 -11.61 -13.49
C GLN C 452 18.89 -12.37 -12.29
C GLN C 452 18.91 -12.36 -12.29
N ARG C 453 19.55 -13.50 -12.52
CA ARG C 453 20.17 -14.25 -11.39
C ARG C 453 21.24 -13.42 -10.72
N VAL C 454 22.09 -12.81 -11.55
CA VAL C 454 23.16 -11.97 -11.06
C VAL C 454 22.58 -10.78 -10.32
N ALA C 455 21.60 -10.11 -10.92
CA ALA C 455 20.95 -8.94 -10.30
C ALA C 455 20.40 -9.24 -8.92
N ASN C 456 19.78 -10.39 -8.76
CA ASN C 456 19.26 -10.75 -7.45
C ASN C 456 20.34 -10.97 -6.38
N LYS C 457 21.54 -11.34 -6.81
CA LYS C 457 22.60 -11.65 -5.86
C LYS C 457 23.49 -10.45 -5.56
N LEU C 458 23.46 -9.42 -6.39
CA LEU C 458 24.30 -8.25 -6.16
C LEU C 458 23.75 -7.40 -5.03
N LYS C 459 24.60 -7.08 -4.04
CA LYS C 459 24.16 -6.24 -2.94
C LYS C 459 24.28 -4.77 -3.29
N LEU C 460 23.33 -4.30 -4.11
CA LEU C 460 23.32 -2.94 -4.65
C LEU C 460 21.90 -2.40 -4.65
N GLY C 461 21.74 -1.11 -4.39
CA GLY C 461 20.40 -0.52 -4.36
C GLY C 461 19.71 -0.44 -5.74
N THR C 462 20.51 -0.38 -6.79
CA THR C 462 20.01 -0.34 -8.17
C THR C 462 20.86 -1.25 -9.04
N VAL C 463 20.21 -2.11 -9.78
CA VAL C 463 20.87 -2.96 -10.75
C VAL C 463 20.23 -2.75 -12.11
N TRP C 464 21.07 -2.43 -13.08
CA TRP C 464 20.66 -2.28 -14.48
C TRP C 464 20.94 -3.55 -15.27
N ILE C 465 19.97 -4.05 -16.03
CA ILE C 465 20.20 -5.19 -16.91
C ILE C 465 20.27 -4.60 -18.33
N ASN C 466 21.45 -4.74 -18.95
CA ASN C 466 21.70 -4.18 -20.30
C ASN C 466 21.46 -2.68 -20.42
N ASP C 467 21.89 -1.97 -19.39
CA ASP C 467 21.86 -0.53 -19.36
C ASP C 467 22.91 -0.04 -18.34
N PHE C 468 23.14 1.26 -18.37
CA PHE C 468 24.03 1.90 -17.38
C PHE C 468 23.62 3.34 -17.19
N HIS C 469 23.47 3.73 -15.92
CA HIS C 469 23.10 5.09 -15.44
C HIS C 469 21.63 5.39 -15.07
N PRO C 470 20.65 4.66 -15.60
CA PRO C 470 19.35 5.20 -15.27
C PRO C 470 18.94 5.33 -13.79
N TYR C 471 18.40 6.48 -13.43
CA TYR C 471 17.74 6.73 -12.15
C TYR C 471 16.56 7.67 -12.46
N PHE C 472 15.53 7.69 -11.64
CA PHE C 472 14.39 8.54 -11.88
C PHE C 472 13.52 8.65 -10.66
N ALA C 473 12.82 9.77 -10.56
CA ALA C 473 12.02 10.09 -9.37
C ALA C 473 11.06 8.99 -8.96
N GLN C 474 10.61 8.16 -9.90
CA GLN C 474 9.61 7.14 -9.56
C GLN C 474 10.15 5.97 -8.74
N ALA C 475 11.48 5.79 -8.71
CA ALA C 475 12.08 4.63 -8.02
C ALA C 475 13.18 5.05 -7.01
N PRO C 476 13.25 4.38 -5.89
CA PRO C 476 14.19 4.77 -4.86
C PRO C 476 15.61 4.43 -5.23
N TRP C 477 16.51 5.28 -4.75
CA TRP C 477 17.92 5.19 -5.01
C TRP C 477 18.66 5.32 -3.66
N GLY C 478 19.61 4.45 -3.44
CA GLY C 478 20.39 4.51 -2.20
C GLY C 478 21.25 3.31 -2.11
N GLY C 479 22.06 3.25 -1.09
CA GLY C 479 23.05 2.19 -1.08
C GLY C 479 22.96 1.22 0.05
N TYR C 480 23.38 -0.03 -0.25
CA TYR C 480 23.61 -1.03 0.78
C TYR C 480 24.97 -0.69 1.39
N LYS C 481 25.25 -1.28 2.55
CA LYS C 481 26.59 -1.22 3.12
C LYS C 481 27.11 0.22 3.31
N GLN C 482 28.34 0.51 2.90
CA GLN C 482 28.91 1.83 3.18
C GLN C 482 28.48 2.90 2.18
N SER C 483 27.58 2.54 1.25
CA SER C 483 27.15 3.54 0.27
C SER C 483 26.04 4.42 0.83
N GLY C 484 25.50 4.08 1.98
CA GLY C 484 24.50 4.96 2.59
C GLY C 484 23.57 4.35 3.63
N ILE C 485 22.63 5.18 4.04
CA ILE C 485 21.53 4.81 4.94
C ILE C 485 20.33 5.51 4.37
N GLY C 486 19.31 4.74 4.11
CA GLY C 486 18.02 5.29 3.61
C GLY C 486 17.96 5.39 2.11
N ARG C 487 16.90 6.03 1.61
CA ARG C 487 16.66 6.16 0.19
C ARG C 487 16.26 7.57 -0.17
N GLU C 488 16.59 7.96 -1.40
CA GLU C 488 16.09 9.20 -1.99
C GLU C 488 15.33 8.78 -3.27
N LEU C 489 14.39 9.61 -3.67
CA LEU C 489 13.46 9.32 -4.80
C LEU C 489 12.41 8.27 -4.42
N GLY C 490 11.33 8.27 -5.19
CA GLY C 490 10.23 7.33 -4.97
C GLY C 490 9.48 7.58 -3.68
N LYS C 491 8.50 6.72 -3.41
CA LYS C 491 7.75 6.80 -2.15
C LYS C 491 8.69 6.66 -0.96
N GLU C 492 9.70 5.79 -1.02
CA GLU C 492 10.63 5.66 0.11
C GLU C 492 11.35 6.93 0.36
N GLY C 493 11.67 7.66 -0.71
CA GLY C 493 12.36 8.93 -0.51
C GLY C 493 11.51 9.92 0.24
N LEU C 494 10.23 9.98 -0.15
CA LEU C 494 9.27 10.83 0.56
C LEU C 494 9.20 10.45 2.05
N GLU C 495 9.22 9.16 2.32
CA GLU C 495 9.06 8.66 3.65
C GLU C 495 10.17 9.08 4.62
N GLU C 496 11.35 9.43 4.11
CA GLU C 496 12.41 9.97 4.98
C GLU C 496 11.93 11.28 5.61
N TYR C 497 10.98 11.94 4.98
CA TYR C 497 10.51 13.24 5.47
C TYR C 497 9.19 13.20 6.23
N LEU C 498 8.80 12.03 6.64
CA LEU C 498 7.58 11.82 7.38
C LEU C 498 7.88 11.12 8.68
N VAL C 499 6.98 11.26 9.61
CA VAL C 499 7.05 10.55 10.87
C VAL C 499 5.62 10.00 11.16
N SER C 500 5.56 8.78 11.68
CA SER C 500 4.30 8.12 12.04
C SER C 500 3.93 8.36 13.51
N LYS C 501 2.66 8.64 13.73
CA LYS C 501 2.07 8.83 15.01
C LYS C 501 0.83 7.94 15.12
N HIS C 502 0.85 7.08 16.12
CA HIS C 502 -0.28 6.19 16.42
C HIS C 502 -1.19 6.90 17.39
N ILE C 503 -2.39 7.25 16.92
CA ILE C 503 -3.38 7.82 17.81
C ILE C 503 -4.44 6.74 18.10
N LEU C 504 -4.54 6.36 19.37
N LEU C 504 -4.53 6.38 19.37
CA LEU C 504 -5.44 5.33 19.82
CA LEU C 504 -5.46 5.36 19.80
C LEU C 504 -6.48 5.93 20.75
C LEU C 504 -6.47 5.96 20.73
N THR C 505 -7.75 5.87 20.34
CA THR C 505 -8.82 6.41 21.15
C THR C 505 -9.60 5.28 21.77
N ASN C 506 -9.78 5.33 23.08
CA ASN C 506 -10.63 4.36 23.77
C ASN C 506 -12.05 4.98 23.84
N THR C 507 -12.98 4.36 23.10
CA THR C 507 -14.30 4.90 22.94
C THR C 507 -15.28 4.43 23.99
N ASN C 508 -14.84 3.59 24.91
CA ASN C 508 -15.68 3.22 26.02
C ASN C 508 -14.78 2.96 27.24
N PRO C 509 -14.09 4.01 27.70
CA PRO C 509 -13.09 3.81 28.73
C PRO C 509 -13.72 3.35 30.05
N GLN C 510 -13.13 2.33 30.64
CA GLN C 510 -13.57 1.80 31.95
C GLN C 510 -12.42 1.83 32.93
N LEU C 511 -12.68 1.98 34.21
CA LEU C 511 -11.58 1.97 35.17
C LEU C 511 -10.95 0.59 35.12
N VAL C 512 -9.64 0.54 35.35
CA VAL C 512 -8.94 -0.76 35.38
C VAL C 512 -9.01 -1.37 36.79
N ASN C 513 -8.94 -0.53 37.82
CA ASN C 513 -9.00 -1.00 39.22
C ASN C 513 -7.96 -2.09 39.60
N TRP C 514 -6.74 -1.89 39.13
CA TRP C 514 -5.64 -2.74 39.48
C TRP C 514 -5.17 -2.35 40.89
N PHE C 515 -5.06 -1.05 41.16
CA PHE C 515 -4.63 -0.59 42.47
C PHE C 515 -5.80 -0.45 43.41
N SER C 516 -5.54 -0.77 44.67
CA SER C 516 -6.56 -0.83 45.69
C SER C 516 -7.18 0.55 46.01
N LYS C 517 -8.45 0.54 46.44
CA LYS C 517 -9.22 1.76 46.73
C LYS C 517 -9.27 2.11 48.22
N LEU D 17 16.41 -26.69 48.95
CA LEU D 17 15.42 -27.69 49.45
C LEU D 17 14.30 -27.79 48.44
N TYR D 18 14.02 -28.99 47.95
CA TYR D 18 13.08 -29.14 46.84
C TYR D 18 11.68 -28.56 47.06
N PHE D 19 11.13 -28.01 45.98
CA PHE D 19 9.74 -27.57 45.91
C PHE D 19 9.43 -27.57 44.43
N GLN D 20 8.15 -27.62 44.11
N GLN D 20 8.16 -27.62 44.09
CA GLN D 20 7.72 -27.73 42.72
CA GLN D 20 7.79 -27.75 42.67
C GLN D 20 8.22 -26.61 41.78
C GLN D 20 8.24 -26.60 41.75
N GLY D 21 8.40 -25.40 42.30
CA GLY D 21 8.93 -24.29 41.50
C GLY D 21 10.36 -24.47 40.97
N MET D 22 11.11 -25.47 41.48
CA MET D 22 12.48 -25.79 40.97
C MET D 22 12.49 -26.38 39.54
N GLU D 23 11.38 -27.00 39.18
CA GLU D 23 11.26 -27.57 37.84
C GLU D 23 11.36 -26.48 36.80
N LEU D 24 11.23 -25.26 37.27
CA LEU D 24 11.28 -24.13 36.38
C LEU D 24 12.66 -23.84 35.81
N LEU D 25 13.71 -23.96 36.61
CA LEU D 25 15.09 -23.72 36.18
C LEU D 25 15.91 -24.98 36.05
N LYS D 26 15.39 -26.11 36.49
CA LYS D 26 16.18 -27.31 36.52
C LYS D 26 16.73 -27.78 35.21
N HIS D 27 16.00 -27.55 34.14
CA HIS D 27 16.43 -28.00 32.81
C HIS D 27 16.74 -26.82 31.91
N LEU D 28 16.74 -25.60 32.44
CA LEU D 28 16.98 -24.40 31.61
C LEU D 28 18.46 -24.31 31.25
N SER D 29 18.75 -24.03 29.98
CA SER D 29 20.13 -23.93 29.55
C SER D 29 20.85 -22.78 30.26
N GLN D 30 22.15 -22.93 30.46
CA GLN D 30 22.95 -21.89 31.11
C GLN D 30 23.94 -21.27 30.12
N ARG D 31 23.81 -21.67 28.86
CA ARG D 31 24.81 -21.33 27.87
C ARG D 31 24.36 -20.36 26.78
N GLN D 32 25.34 -19.89 26.00
CA GLN D 32 25.06 -19.12 24.82
C GLN D 32 24.67 -20.09 23.69
N TYR D 33 24.18 -19.54 22.58
CA TYR D 33 23.77 -20.34 21.46
C TYR D 33 24.35 -19.74 20.20
N ILE D 34 25.38 -20.39 19.69
CA ILE D 34 26.12 -19.85 18.56
C ILE D 34 26.28 -20.89 17.46
N ASP D 35 25.84 -20.54 16.25
CA ASP D 35 26.01 -21.40 15.07
C ASP D 35 25.48 -22.80 15.36
N GLY D 36 24.27 -22.84 15.88
CA GLY D 36 23.58 -24.10 16.08
C GLY D 36 24.00 -24.93 17.26
N GLU D 37 24.84 -24.38 18.15
CA GLU D 37 25.31 -25.15 19.33
C GLU D 37 25.21 -24.35 20.61
N TRP D 38 24.79 -25.01 21.69
CA TRP D 38 24.77 -24.41 23.02
C TRP D 38 26.20 -24.44 23.50
N VAL D 39 26.79 -23.27 23.71
CA VAL D 39 28.21 -23.21 24.05
C VAL D 39 28.45 -22.31 25.24
N GLU D 40 29.49 -22.65 26.01
CA GLU D 40 29.90 -21.83 27.13
C GLU D 40 30.63 -20.60 26.58
N SER D 41 30.96 -19.67 27.47
CA SER D 41 31.77 -18.55 27.10
C SER D 41 33.16 -19.09 26.70
N ALA D 42 33.84 -18.38 25.80
CA ALA D 42 35.17 -18.78 25.36
C ALA D 42 36.16 -18.91 26.52
N ASN D 43 35.96 -18.13 27.59
CA ASN D 43 36.83 -18.22 28.76
C ASN D 43 36.13 -18.84 29.96
N LYS D 44 34.97 -19.48 29.74
CA LYS D 44 34.21 -20.16 30.80
C LYS D 44 33.69 -19.23 31.90
N ASN D 45 33.72 -17.91 31.67
CA ASN D 45 33.23 -16.94 32.64
C ASN D 45 31.75 -17.09 32.80
N THR D 46 31.24 -16.77 33.98
CA THR D 46 29.79 -16.87 34.27
C THR D 46 29.31 -15.63 35.04
N ARG D 47 28.00 -15.50 35.13
CA ARG D 47 27.37 -14.41 35.86
C ARG D 47 26.22 -14.98 36.70
N ASP D 48 26.03 -14.46 37.89
CA ASP D 48 24.95 -14.90 38.75
C ASP D 48 23.74 -14.01 38.55
N ILE D 49 22.62 -14.65 38.24
CA ILE D 49 21.37 -13.94 38.02
C ILE D 49 20.58 -13.89 39.32
N ILE D 50 19.98 -12.73 39.58
CA ILE D 50 19.29 -12.44 40.85
C ILE D 50 17.80 -12.22 40.72
N ASN D 51 17.08 -12.59 41.76
CA ASN D 51 15.64 -12.32 41.89
C ASN D 51 15.51 -11.02 42.70
N PRO D 52 14.96 -9.95 42.12
CA PRO D 52 14.88 -8.66 42.81
C PRO D 52 13.95 -8.65 44.03
N TYR D 53 13.08 -9.64 44.16
CA TYR D 53 12.20 -9.73 45.34
C TYR D 53 12.93 -9.99 46.66
N ASN D 54 14.00 -10.79 46.61
CA ASN D 54 14.75 -11.20 47.80
C ASN D 54 16.26 -11.07 47.64
N GLN D 55 16.70 -10.59 46.48
CA GLN D 55 18.12 -10.42 46.16
C GLN D 55 18.93 -11.71 46.18
N GLU D 56 18.24 -12.86 46.10
CA GLU D 56 18.90 -14.16 46.08
C GLU D 56 19.33 -14.56 44.67
N VAL D 57 20.47 -15.23 44.59
CA VAL D 57 20.96 -15.78 43.33
C VAL D 57 20.04 -16.94 42.95
N ILE D 58 19.47 -16.88 41.75
CA ILE D 58 18.54 -17.90 41.29
C ILE D 58 19.06 -18.76 40.15
N PHE D 59 20.15 -18.33 39.49
CA PHE D 59 20.66 -19.05 38.35
C PHE D 59 22.02 -18.51 37.93
N THR D 60 22.79 -19.34 37.26
CA THR D 60 24.14 -18.94 36.80
C THR D 60 24.26 -19.28 35.32
N VAL D 61 24.69 -18.30 34.55
CA VAL D 61 24.81 -18.42 33.11
C VAL D 61 26.16 -17.96 32.60
N SER D 62 26.50 -18.40 31.40
CA SER D 62 27.70 -17.97 30.70
C SER D 62 27.74 -16.46 30.52
N GLU D 63 28.94 -15.92 30.64
CA GLU D 63 29.21 -14.51 30.44
C GLU D 63 30.17 -14.50 29.26
N GLY D 64 29.64 -14.24 28.08
CA GLY D 64 30.43 -14.36 26.86
C GLY D 64 31.50 -13.33 26.67
N THR D 65 32.39 -13.60 25.71
CA THR D 65 33.48 -12.70 25.37
C THR D 65 33.22 -11.96 24.05
N LYS D 66 34.05 -10.95 23.78
CA LYS D 66 33.94 -10.24 22.54
C LYS D 66 34.20 -11.18 21.36
N GLU D 67 35.09 -12.15 21.53
CA GLU D 67 35.36 -13.14 20.48
C GLU D 67 34.13 -14.04 20.21
N ASP D 68 33.37 -14.36 21.25
CA ASP D 68 32.10 -15.10 21.11
C ASP D 68 31.13 -14.30 20.26
N ALA D 69 31.04 -12.99 20.51
CA ALA D 69 30.13 -12.13 19.74
C ALA D 69 30.58 -12.08 18.26
N GLU D 70 31.89 -11.95 18.03
CA GLU D 70 32.41 -11.92 16.64
C GLU D 70 32.08 -13.21 15.93
N ARG D 71 32.23 -14.31 16.65
CA ARG D 71 31.97 -15.62 16.09
C ARG D 71 30.49 -15.79 15.69
N ALA D 72 29.60 -15.30 16.55
CA ALA D 72 28.18 -15.35 16.26
C ALA D 72 27.88 -14.52 15.00
N ILE D 73 28.48 -13.34 14.89
CA ILE D 73 28.23 -12.46 13.75
C ILE D 73 28.72 -13.13 12.47
N LEU D 74 29.91 -13.71 12.51
CA LEU D 74 30.44 -14.40 11.34
C LEU D 74 29.58 -15.62 10.96
N ALA D 75 29.06 -16.33 11.96
CA ALA D 75 28.11 -17.44 11.73
C ALA D 75 26.80 -16.95 11.07
N ALA D 76 26.28 -15.81 11.52
CA ALA D 76 25.09 -15.23 10.92
C ALA D 76 25.32 -14.87 9.46
N ARG D 77 26.47 -14.27 9.17
CA ARG D 77 26.83 -13.87 7.82
C ARG D 77 26.93 -15.11 6.93
N ARG D 78 27.66 -16.12 7.42
N ARG D 78 27.68 -16.09 7.38
CA ARG D 78 27.81 -17.38 6.66
CA ARG D 78 27.82 -17.34 6.61
C ARG D 78 26.42 -17.92 6.29
C ARG D 78 26.45 -17.95 6.29
N ALA D 79 25.55 -18.00 7.28
CA ALA D 79 24.22 -18.52 7.08
C ALA D 79 23.46 -17.66 6.10
N PHE D 80 23.55 -16.34 6.26
CA PHE D 80 22.82 -15.46 5.39
C PHE D 80 23.29 -15.68 3.95
N GLU D 81 24.60 -15.77 3.74
CA GLU D 81 25.16 -16.00 2.40
C GLU D 81 24.82 -17.41 1.80
N SER D 82 24.61 -18.40 2.67
N SER D 82 24.67 -18.42 2.66
CA SER D 82 24.24 -19.74 2.23
CA SER D 82 24.30 -19.76 2.22
C SER D 82 22.83 -19.72 1.63
C SER D 82 22.82 -19.79 1.71
N GLY D 83 22.01 -18.80 2.10
CA GLY D 83 20.64 -18.62 1.58
C GLY D 83 19.55 -19.55 2.08
N GLU D 84 19.88 -20.48 2.94
N GLU D 84 19.87 -20.47 2.97
CA GLU D 84 18.91 -21.47 3.39
CA GLU D 84 18.89 -21.47 3.37
C GLU D 84 17.69 -20.82 4.02
C GLU D 84 17.67 -20.81 4.01
N TRP D 85 17.89 -19.73 4.74
CA TRP D 85 16.76 -19.01 5.36
C TRP D 85 16.37 -17.76 4.52
N SER D 86 17.37 -17.05 4.02
CA SER D 86 17.09 -15.82 3.28
C SER D 86 16.39 -16.13 1.96
N GLN D 87 16.62 -17.31 1.38
CA GLN D 87 15.97 -17.70 0.17
C GLN D 87 14.80 -18.66 0.40
N GLU D 88 14.48 -18.98 1.65
CA GLU D 88 13.28 -19.76 1.92
C GLU D 88 12.06 -18.95 1.48
N THR D 89 10.97 -19.62 1.12
CA THR D 89 9.78 -18.88 0.76
C THR D 89 9.26 -18.06 1.95
N ALA D 90 8.65 -16.91 1.68
CA ALA D 90 8.08 -16.10 2.72
C ALA D 90 6.96 -16.83 3.43
N GLU D 91 6.18 -17.58 2.68
CA GLU D 91 5.12 -18.38 3.31
C GLU D 91 5.72 -19.32 4.34
N THR D 92 6.79 -20.02 3.96
CA THR D 92 7.39 -20.98 4.86
C THR D 92 8.00 -20.29 6.06
N ARG D 93 8.66 -19.16 5.85
CA ARG D 93 9.19 -18.40 6.98
C ARG D 93 8.04 -18.05 7.95
N GLY D 94 6.88 -17.68 7.40
CA GLY D 94 5.68 -17.37 8.21
C GLY D 94 5.21 -18.53 9.02
N LYS D 95 5.21 -19.72 8.43
CA LYS D 95 4.85 -20.94 9.18
C LYS D 95 5.78 -21.15 10.38
N LYS D 96 7.08 -20.96 10.17
CA LYS D 96 8.07 -21.10 11.22
C LYS D 96 7.89 -20.06 12.31
N VAL D 97 7.64 -18.83 11.93
CA VAL D 97 7.36 -17.79 12.93
C VAL D 97 6.07 -18.12 13.72
N ARG D 98 5.08 -18.67 13.04
CA ARG D 98 3.85 -19.08 13.70
C ARG D 98 4.11 -20.21 14.68
N ALA D 99 4.97 -21.15 14.30
CA ALA D 99 5.34 -22.23 15.23
C ALA D 99 5.96 -21.67 16.51
N ILE D 100 6.76 -20.61 16.39
CA ILE D 100 7.28 -19.95 17.60
C ILE D 100 6.14 -19.41 18.45
N ALA D 101 5.21 -18.71 17.82
CA ALA D 101 4.09 -18.18 18.53
C ALA D 101 3.39 -19.27 19.32
N ASP D 102 3.17 -20.41 18.65
CA ASP D 102 2.46 -21.53 19.31
C ASP D 102 3.24 -22.08 20.53
N LYS D 103 4.57 -22.08 20.43
CA LYS D 103 5.42 -22.51 21.53
C LYS D 103 5.22 -21.60 22.72
N ILE D 104 5.10 -20.30 22.45
CA ILE D 104 4.92 -19.32 23.54
C ILE D 104 3.64 -19.61 24.30
N LYS D 105 2.55 -19.86 23.58
CA LYS D 105 1.27 -20.15 24.21
C LYS D 105 1.33 -21.49 24.93
N GLU D 106 1.94 -22.48 24.31
CA GLU D 106 2.10 -23.79 24.95
C GLU D 106 2.82 -23.71 26.31
N HIS D 107 3.85 -22.86 26.39
N HIS D 107 3.89 -22.90 26.42
CA HIS D 107 4.66 -22.72 27.58
CA HIS D 107 4.63 -22.77 27.68
C HIS D 107 4.37 -21.44 28.37
C HIS D 107 4.35 -21.47 28.44
N ARG D 108 3.17 -20.91 28.19
CA ARG D 108 2.74 -19.64 28.78
C ARG D 108 2.94 -19.57 30.28
N GLU D 109 2.55 -20.63 30.95
CA GLU D 109 2.63 -20.66 32.43
C GLU D 109 4.06 -20.59 32.89
N ALA D 110 4.91 -21.46 32.38
CA ALA D 110 6.30 -21.47 32.80
C ALA D 110 7.06 -20.19 32.37
N LEU D 111 6.72 -19.66 31.23
CA LEU D 111 7.43 -18.48 30.73
C LEU D 111 7.06 -17.28 31.60
N ALA D 112 5.78 -17.14 31.92
CA ALA D 112 5.34 -16.07 32.81
C ALA D 112 6.04 -16.12 34.17
N ARG D 113 6.14 -17.33 34.70
CA ARG D 113 6.72 -17.50 36.06
C ARG D 113 8.17 -17.15 36.00
N LEU D 114 8.82 -17.53 34.90
CA LEU D 114 10.21 -17.25 34.74
C LEU D 114 10.48 -15.75 34.60
N GLU D 115 9.61 -15.04 33.88
CA GLU D 115 9.74 -13.59 33.71
C GLU D 115 9.53 -12.87 35.04
N THR D 116 8.59 -13.34 35.84
CA THR D 116 8.33 -12.79 37.19
C THR D 116 9.51 -13.04 38.15
N LEU D 117 10.10 -14.24 38.07
CA LEU D 117 11.28 -14.59 38.83
C LEU D 117 12.50 -13.70 38.52
N ASP D 118 12.75 -13.51 37.25
CA ASP D 118 13.86 -12.73 36.75
C ASP D 118 13.65 -11.21 36.87
N THR D 119 12.43 -10.72 36.58
CA THR D 119 12.23 -9.26 36.55
C THR D 119 11.52 -8.63 37.74
N GLY D 120 10.85 -9.45 38.56
CA GLY D 120 10.10 -8.95 39.69
C GLY D 120 8.67 -8.56 39.45
N LYS D 121 8.25 -8.36 38.19
CA LYS D 121 6.87 -7.91 37.95
C LYS D 121 5.87 -8.97 38.35
N THR D 122 4.60 -8.57 38.52
CA THR D 122 3.60 -9.51 39.03
C THR D 122 3.37 -10.58 38.01
N LEU D 123 2.96 -11.72 38.51
CA LEU D 123 2.57 -12.84 37.66
C LEU D 123 1.43 -12.47 36.73
N GLU D 124 0.46 -11.67 37.20
CA GLU D 124 -0.62 -11.23 36.27
C GLU D 124 -0.05 -10.39 35.11
N GLU D 125 0.89 -9.50 35.40
CA GLU D 125 1.59 -8.74 34.35
C GLU D 125 2.38 -9.65 33.41
N SER D 126 3.02 -10.67 33.94
CA SER D 126 3.73 -11.62 33.08
C SER D 126 2.80 -12.45 32.21
N TYR D 127 1.64 -12.84 32.74
CA TYR D 127 0.66 -13.56 31.93
C TYR D 127 0.21 -12.71 30.72
N ALA D 128 -0.16 -11.46 31.00
CA ALA D 128 -0.56 -10.53 29.95
C ALA D 128 0.54 -10.38 28.92
N ASP D 129 1.78 -10.31 29.41
CA ASP D 129 2.92 -10.24 28.54
C ASP D 129 2.99 -11.40 27.57
N MET D 130 2.86 -12.62 28.12
CA MET D 130 2.99 -13.81 27.26
C MET D 130 1.89 -13.87 26.20
N ASP D 131 0.69 -13.41 26.56
CA ASP D 131 -0.40 -13.35 25.59
C ASP D 131 -0.01 -12.40 24.47
N ASP D 132 0.52 -11.24 24.85
N ASP D 132 0.53 -11.26 24.84
CA ASP D 132 0.99 -10.24 23.90
CA ASP D 132 0.90 -10.31 23.85
C ASP D 132 2.09 -10.79 23.00
C ASP D 132 2.06 -10.82 22.98
N ILE D 133 3.05 -11.47 23.62
CA ILE D 133 4.21 -12.02 22.89
C ILE D 133 3.73 -13.03 21.83
N HIS D 134 2.82 -13.90 22.21
CA HIS D 134 2.20 -14.81 21.26
C HIS D 134 1.62 -14.04 20.09
N ASN D 135 0.88 -12.96 20.37
CA ASN D 135 0.25 -12.18 19.32
C ASN D 135 1.25 -11.46 18.44
N VAL D 136 2.40 -11.09 19.01
CA VAL D 136 3.47 -10.45 18.23
C VAL D 136 3.98 -11.45 17.21
N PHE D 137 4.38 -12.64 17.66
CA PHE D 137 4.85 -13.64 16.71
C PHE D 137 3.77 -13.97 15.67
N MET D 138 2.51 -14.04 16.10
N MET D 138 2.51 -14.05 16.09
CA MET D 138 1.45 -14.38 15.17
CA MET D 138 1.39 -14.35 15.17
C MET D 138 1.24 -13.31 14.11
C MET D 138 1.27 -13.29 14.09
N TYR D 139 1.32 -12.04 14.51
CA TYR D 139 1.15 -10.91 13.62
C TYR D 139 2.22 -10.92 12.54
N PHE D 140 3.47 -11.03 12.95
CA PHE D 140 4.55 -11.12 11.97
C PHE D 140 4.56 -12.37 11.09
N ALA D 141 4.11 -13.51 11.65
CA ALA D 141 3.97 -14.76 10.88
C ALA D 141 3.03 -14.50 9.71
N GLY D 142 1.93 -13.81 10.01
CA GLY D 142 0.90 -13.46 9.04
C GLY D 142 1.36 -12.43 8.03
N LEU D 143 2.25 -11.55 8.46
CA LEU D 143 2.76 -10.51 7.58
C LEU D 143 3.83 -10.99 6.60
N ALA D 144 4.50 -12.08 6.94
CA ALA D 144 5.73 -12.49 6.24
C ALA D 144 5.62 -12.54 4.73
N ASP D 145 4.53 -13.06 4.23
CA ASP D 145 4.38 -13.24 2.78
C ASP D 145 3.41 -12.28 2.11
N LYS D 146 3.16 -11.11 2.74
CA LYS D 146 2.17 -10.15 2.22
C LYS D 146 2.72 -8.97 1.39
N ASP D 147 4.04 -8.82 1.24
CA ASP D 147 4.57 -7.75 0.30
C ASP D 147 6.04 -7.94 -0.13
N GLY D 148 6.28 -8.31 -1.39
CA GLY D 148 7.65 -8.55 -1.86
C GLY D 148 8.25 -7.43 -2.67
N GLY D 149 7.56 -6.30 -2.74
CA GLY D 149 8.00 -5.19 -3.56
C GLY D 149 6.93 -4.66 -4.50
N GLU D 150 7.38 -3.89 -5.48
CA GLU D 150 6.54 -3.06 -6.30
C GLU D 150 6.94 -3.12 -7.77
N MET D 151 5.96 -3.00 -8.67
CA MET D 151 6.27 -2.77 -10.06
C MET D 151 6.17 -1.28 -10.22
N ILE D 152 7.12 -0.70 -10.93
CA ILE D 152 7.16 0.71 -11.15
C ILE D 152 6.86 1.03 -12.62
N ASP D 153 6.05 2.05 -12.83
N ASP D 153 6.16 2.15 -12.79
CA ASP D 153 5.75 2.47 -14.17
CA ASP D 153 5.78 2.72 -14.07
C ASP D 153 6.93 3.38 -14.60
C ASP D 153 7.00 3.44 -14.57
N SER D 154 7.82 2.79 -15.37
CA SER D 154 9.05 3.46 -15.79
C SER D 154 8.83 4.61 -16.76
N PRO D 155 9.54 5.74 -16.55
CA PRO D 155 9.40 6.84 -17.44
C PRO D 155 10.27 6.66 -18.69
N ILE D 156 11.05 5.58 -18.76
CA ILE D 156 11.90 5.35 -19.91
C ILE D 156 11.21 4.30 -20.76
N PRO D 157 10.93 4.63 -22.03
CA PRO D 157 10.31 3.60 -22.89
C PRO D 157 11.18 2.35 -23.02
N ASP D 158 10.51 1.22 -23.20
CA ASP D 158 11.19 -0.06 -23.38
C ASP D 158 12.10 -0.38 -22.20
N THR D 159 11.57 -0.19 -21.00
CA THR D 159 12.25 -0.65 -19.77
C THR D 159 11.20 -1.17 -18.82
N GLU D 160 11.61 -2.09 -17.97
CA GLU D 160 10.80 -2.63 -16.91
C GLU D 160 11.53 -2.26 -15.61
N SER D 161 10.77 -1.74 -14.65
CA SER D 161 11.30 -1.25 -13.40
C SER D 161 10.54 -1.92 -12.26
N LYS D 162 11.28 -2.58 -11.39
CA LYS D 162 10.70 -3.19 -10.22
C LYS D 162 11.54 -2.95 -8.98
N ILE D 163 10.87 -2.93 -7.84
CA ILE D 163 11.53 -2.81 -6.57
C ILE D 163 11.31 -4.13 -5.84
N VAL D 164 12.40 -4.82 -5.55
CA VAL D 164 12.33 -6.08 -4.81
C VAL D 164 12.79 -5.84 -3.38
N LYS D 165 12.01 -6.32 -2.40
CA LYS D 165 12.36 -6.16 -1.02
C LYS D 165 13.12 -7.39 -0.60
N GLU D 166 14.30 -7.22 -0.03
CA GLU D 166 15.12 -8.29 0.43
C GLU D 166 15.35 -8.15 1.92
N PRO D 167 15.68 -9.25 2.57
CA PRO D 167 16.05 -9.09 3.98
C PRO D 167 17.25 -8.12 4.05
N VAL D 168 17.26 -7.27 5.05
CA VAL D 168 18.34 -6.31 5.25
C VAL D 168 19.70 -6.97 5.40
N GLY D 169 19.73 -8.17 5.99
CA GLY D 169 20.95 -8.96 6.06
C GLY D 169 21.18 -9.51 7.45
N VAL D 170 22.36 -9.22 7.98
CA VAL D 170 22.74 -9.68 9.32
C VAL D 170 22.36 -8.58 10.31
N VAL D 171 21.63 -8.94 11.35
N VAL D 171 21.62 -8.93 11.35
CA VAL D 171 21.16 -7.96 12.28
CA VAL D 171 21.12 -7.95 12.27
C VAL D 171 21.59 -8.30 13.69
C VAL D 171 21.57 -8.30 13.68
N THR D 172 21.99 -7.30 14.44
CA THR D 172 22.34 -7.47 15.86
C THR D 172 21.21 -6.81 16.65
N GLN D 173 20.84 -7.44 17.74
CA GLN D 173 19.68 -7.06 18.51
C GLN D 173 20.00 -7.08 19.99
N ILE D 174 19.84 -5.93 20.64
CA ILE D 174 20.20 -5.76 22.03
C ILE D 174 18.97 -5.30 22.75
N THR D 175 18.56 -6.08 23.74
CA THR D 175 17.33 -5.85 24.44
C THR D 175 17.49 -5.44 25.91
N PRO D 176 16.43 -4.83 26.51
CA PRO D 176 16.56 -4.28 27.86
C PRO D 176 16.04 -5.18 28.96
N TRP D 177 16.17 -4.72 30.20
CA TRP D 177 15.73 -5.53 31.35
C TRP D 177 14.26 -5.36 31.71
N ASN D 178 13.55 -4.35 31.20
N ASN D 178 13.63 -4.34 31.12
CA ASN D 178 12.17 -4.14 31.67
CA ASN D 178 12.22 -4.05 31.31
C ASN D 178 11.15 -5.26 31.30
C ASN D 178 11.41 -4.68 30.18
N TYR D 179 11.05 -5.57 30.02
N TYR D 179 10.83 -5.83 30.49
CA TYR D 179 10.16 -6.59 29.45
CA TYR D 179 10.06 -6.64 29.53
C TYR D 179 11.07 -7.33 28.48
C TYR D 179 10.99 -7.38 28.54
N PRO D 180 11.98 -8.15 29.03
CA PRO D 180 13.01 -8.85 28.24
C PRO D 180 12.46 -9.67 27.08
N LEU D 181 11.53 -10.56 27.35
CA LEU D 181 11.01 -11.42 26.30
C LEU D 181 10.10 -10.65 25.35
N LEU D 182 9.35 -9.68 25.87
CA LEU D 182 8.49 -8.88 24.97
C LEU D 182 9.36 -8.14 23.97
N GLN D 183 10.39 -7.46 24.49
CA GLN D 183 11.27 -6.69 23.61
C GLN D 183 12.04 -7.57 22.65
N ALA D 184 12.40 -8.76 23.10
CA ALA D 184 12.99 -9.76 22.22
C ALA D 184 12.03 -10.17 21.09
N SER D 185 10.77 -10.41 21.43
CA SER D 185 9.77 -10.78 20.39
C SER D 185 9.61 -9.70 19.33
N TRP D 186 9.65 -8.44 19.74
CA TRP D 186 9.51 -7.31 18.79
C TRP D 186 10.60 -7.27 17.74
N LYS D 187 11.76 -7.80 18.11
CA LYS D 187 12.89 -7.80 17.23
C LYS D 187 13.02 -9.11 16.46
N ILE D 188 12.91 -10.22 17.16
CA ILE D 188 13.08 -11.51 16.52
C ILE D 188 12.02 -11.78 15.43
N ALA D 189 10.79 -11.41 15.72
CA ALA D 189 9.67 -11.79 14.84
C ALA D 189 9.82 -11.21 13.45
N PRO D 190 10.09 -9.91 13.33
CA PRO D 190 10.27 -9.40 11.94
C PRO D 190 11.56 -9.87 11.28
N ALA D 191 12.62 -10.00 12.05
CA ALA D 191 13.89 -10.46 11.54
C ALA D 191 13.79 -11.84 10.89
N LEU D 192 13.14 -12.76 11.57
CA LEU D 192 12.91 -14.09 11.01
C LEU D 192 11.90 -14.09 9.90
N ALA D 193 10.83 -13.31 10.03
CA ALA D 193 9.81 -13.28 9.00
C ALA D 193 10.38 -12.78 7.64
N THR D 194 11.33 -11.85 7.69
CA THR D 194 11.90 -11.30 6.51
C THR D 194 13.09 -12.08 5.92
N GLY D 195 13.62 -13.04 6.64
CA GLY D 195 14.71 -13.86 6.15
C GLY D 195 16.09 -13.39 6.59
N CYS D 196 16.15 -12.50 7.58
CA CYS D 196 17.46 -12.09 8.13
C CYS D 196 18.05 -13.18 8.98
N SER D 197 19.35 -13.03 9.26
CA SER D 197 20.04 -13.82 10.27
C SER D 197 20.33 -12.86 11.41
N LEU D 198 20.17 -13.33 12.65
CA LEU D 198 20.28 -12.44 13.78
C LEU D 198 21.25 -12.94 14.90
N VAL D 199 21.81 -11.97 15.64
CA VAL D 199 22.58 -12.21 16.87
C VAL D 199 21.95 -11.36 17.97
N MET D 200 21.41 -11.99 19.00
CA MET D 200 20.73 -11.27 20.05
C MET D 200 21.46 -11.36 21.37
N LYS D 201 21.47 -10.24 22.08
CA LYS D 201 22.06 -10.15 23.42
C LYS D 201 21.07 -9.49 24.37
N PRO D 202 20.46 -10.28 25.27
CA PRO D 202 19.54 -9.71 26.26
C PRO D 202 20.31 -8.97 27.37
N SER D 203 19.58 -8.28 28.26
CA SER D 203 20.19 -7.56 29.35
C SER D 203 20.96 -8.55 30.21
N GLU D 204 22.17 -8.18 30.60
CA GLU D 204 22.98 -9.09 31.40
C GLU D 204 22.27 -9.53 32.68
N ILE D 205 21.39 -8.69 33.24
CA ILE D 205 20.71 -9.01 34.49
C ILE D 205 19.39 -9.78 34.35
N THR D 206 18.84 -9.89 33.13
CA THR D 206 17.57 -10.60 32.88
C THR D 206 17.59 -11.50 31.63
N PRO D 207 18.40 -12.56 31.61
CA PRO D 207 18.46 -13.37 30.41
C PRO D 207 17.54 -14.60 30.36
N LEU D 208 16.82 -14.90 31.41
CA LEU D 208 16.21 -16.24 31.53
C LEU D 208 15.17 -16.60 30.47
N THR D 209 14.18 -15.73 30.26
CA THR D 209 13.15 -15.99 29.27
C THR D 209 13.74 -15.95 27.85
N THR D 210 14.81 -15.18 27.65
CA THR D 210 15.44 -15.12 26.36
C THR D 210 16.15 -16.44 26.07
N ILE D 211 16.82 -17.01 27.09
CA ILE D 211 17.41 -18.33 26.90
C ILE D 211 16.29 -19.33 26.56
N ARG D 212 15.21 -19.30 27.32
CA ARG D 212 14.13 -20.22 27.07
C ARG D 212 13.56 -20.07 25.65
N VAL D 213 13.36 -18.85 25.18
CA VAL D 213 12.78 -18.69 23.83
C VAL D 213 13.76 -19.19 22.75
N PHE D 214 15.07 -19.11 23.01
CA PHE D 214 16.03 -19.75 22.09
C PHE D 214 15.94 -21.28 22.09
N GLU D 215 15.68 -21.90 23.26
CA GLU D 215 15.45 -23.35 23.27
C GLU D 215 14.24 -23.69 22.39
N LEU D 216 13.18 -22.88 22.50
CA LEU D 216 11.92 -23.10 21.80
C LEU D 216 12.09 -22.92 20.30
N MET D 217 12.80 -21.88 19.92
CA MET D 217 13.16 -21.61 18.52
C MET D 217 14.01 -22.72 17.92
N GLU D 218 14.98 -23.24 18.66
CA GLU D 218 15.76 -24.37 18.22
C GLU D 218 14.85 -25.58 17.99
N GLU D 219 13.88 -25.82 18.85
CA GLU D 219 12.91 -26.91 18.63
C GLU D 219 12.16 -26.75 17.30
N VAL D 220 11.72 -25.53 17.03
CA VAL D 220 11.01 -25.25 15.81
C VAL D 220 11.88 -25.63 14.61
N GLY D 221 13.16 -25.26 14.66
CA GLY D 221 14.09 -25.66 13.61
C GLY D 221 14.40 -24.57 12.62
N PHE D 222 15.61 -24.04 12.70
CA PHE D 222 16.11 -23.02 11.73
C PHE D 222 17.52 -23.40 11.27
N PRO D 223 17.91 -22.96 10.07
CA PRO D 223 19.24 -23.31 9.59
C PRO D 223 20.30 -22.77 10.54
N LYS D 224 21.34 -23.56 10.68
CA LYS D 224 22.40 -23.25 11.55
C LYS D 224 22.95 -21.84 11.26
N GLY D 225 23.09 -21.04 12.31
CA GLY D 225 23.59 -19.65 12.19
C GLY D 225 22.54 -18.58 11.99
N THR D 226 21.31 -18.98 11.67
CA THR D 226 20.21 -18.03 11.49
C THR D 226 19.88 -17.25 12.74
N ILE D 227 19.95 -17.93 13.89
CA ILE D 227 19.73 -17.29 15.19
C ILE D 227 20.90 -17.60 16.11
N ASN D 228 21.31 -16.59 16.88
CA ASN D 228 22.41 -16.76 17.81
C ASN D 228 22.13 -15.92 19.03
N LEU D 229 22.50 -16.45 20.17
CA LEU D 229 22.31 -15.78 21.47
C LEU D 229 23.64 -15.59 22.15
N ILE D 230 23.99 -14.32 22.40
CA ILE D 230 25.16 -13.97 23.23
C ILE D 230 24.66 -13.52 24.59
N LEU D 231 25.40 -13.88 25.66
CA LEU D 231 25.03 -13.48 27.01
C LEU D 231 26.10 -12.65 27.65
N GLY D 232 25.69 -11.61 28.37
CA GLY D 232 26.61 -10.85 29.19
C GLY D 232 26.72 -9.37 28.96
N ALA D 233 27.68 -8.78 29.63
CA ALA D 233 27.98 -7.39 29.47
C ALA D 233 29.50 -7.34 29.41
N GLY D 234 30.09 -8.37 28.80
CA GLY D 234 31.54 -8.50 28.68
C GLY D 234 32.18 -7.34 27.96
N SER D 235 33.44 -7.08 28.28
CA SER D 235 34.16 -5.96 27.70
C SER D 235 34.08 -6.01 26.18
N GLU D 236 33.64 -4.89 25.61
CA GLU D 236 33.59 -4.68 24.18
C GLU D 236 32.60 -5.56 23.43
N VAL D 237 31.79 -6.35 24.14
CA VAL D 237 30.76 -7.18 23.47
C VAL D 237 29.79 -6.27 22.74
N GLY D 238 29.31 -5.24 23.42
CA GLY D 238 28.42 -4.24 22.81
C GLY D 238 29.04 -3.57 21.60
N ASP D 239 30.29 -3.21 21.74
CA ASP D 239 31.05 -2.59 20.65
C ASP D 239 31.17 -3.50 19.42
N VAL D 240 31.36 -4.79 19.63
CA VAL D 240 31.45 -5.71 18.51
C VAL D 240 30.09 -5.81 17.84
N MET D 241 29.02 -5.87 18.63
CA MET D 241 27.69 -5.96 18.08
C MET D 241 27.21 -4.73 17.30
N SER D 242 27.74 -3.55 17.65
CA SER D 242 27.39 -2.33 17.00
C SER D 242 28.40 -1.92 15.93
N GLY D 243 29.63 -2.40 16.02
CA GLY D 243 30.68 -1.89 15.13
C GLY D 243 31.27 -2.88 14.15
N HIS D 244 30.74 -4.10 14.10
CA HIS D 244 31.31 -5.11 13.22
C HIS D 244 30.91 -4.84 11.75
N LYS D 245 31.86 -5.06 10.84
CA LYS D 245 31.58 -4.74 9.44
C LYS D 245 30.53 -5.64 8.77
N GLU D 246 30.32 -6.82 9.32
CA GLU D 246 29.38 -7.77 8.72
C GLU D 246 27.93 -7.57 9.16
N VAL D 247 27.67 -6.57 9.98
CA VAL D 247 26.32 -6.26 10.45
C VAL D 247 25.66 -5.24 9.52
N ASP D 248 24.40 -5.45 9.19
CA ASP D 248 23.64 -4.55 8.31
C ASP D 248 22.65 -3.66 9.04
N LEU D 249 22.21 -4.09 10.22
CA LEU D 249 21.37 -3.29 11.04
C LEU D 249 21.65 -3.62 12.49
N VAL D 250 21.73 -2.57 13.31
CA VAL D 250 21.88 -2.72 14.75
C VAL D 250 20.59 -2.18 15.33
N SER D 251 19.85 -3.02 16.09
CA SER D 251 18.58 -2.61 16.73
C SER D 251 18.75 -2.68 18.23
N PHE D 252 18.71 -1.52 18.91
CA PHE D 252 19.03 -1.44 20.33
C PHE D 252 17.87 -0.80 21.07
N THR D 253 17.51 -1.40 22.19
CA THR D 253 16.53 -0.84 23.07
C THR D 253 17.18 -0.76 24.43
N GLY D 254 17.19 0.42 25.03
CA GLY D 254 17.80 0.62 26.33
C GLY D 254 18.05 2.08 26.64
N SER D 255 19.12 2.34 27.35
CA SER D 255 19.34 3.68 27.83
C SER D 255 19.79 4.64 26.70
N ILE D 256 19.50 5.91 26.90
CA ILE D 256 19.91 6.92 25.96
C ILE D 256 21.43 7.02 25.79
N GLU D 257 22.18 6.97 26.88
N GLU D 257 22.19 6.96 26.89
CA GLU D 257 23.63 7.08 26.78
CA GLU D 257 23.65 7.09 26.78
C GLU D 257 24.22 5.93 25.98
C GLU D 257 24.26 5.93 26.01
N THR D 258 23.74 4.72 26.22
CA THR D 258 24.22 3.55 25.51
C THR D 258 23.85 3.62 24.03
N GLY D 259 22.62 4.05 23.77
CA GLY D 259 22.10 4.15 22.39
C GLY D 259 22.93 5.10 21.55
N LYS D 260 23.23 6.28 22.07
CA LYS D 260 24.10 7.21 21.37
C LYS D 260 25.47 6.58 21.06
N HIS D 261 26.08 5.91 22.04
CA HIS D 261 27.39 5.23 21.83
C HIS D 261 27.29 4.18 20.73
N ILE D 262 26.21 3.42 20.77
CA ILE D 262 25.93 2.43 19.76
C ILE D 262 25.80 3.05 18.37
N MET D 263 25.06 4.15 18.24
CA MET D 263 24.92 4.80 16.95
C MET D 263 26.25 5.32 16.42
N LYS D 264 27.08 5.86 17.32
CA LYS D 264 28.38 6.36 16.92
C LYS D 264 29.26 5.22 16.42
N ASN D 265 29.15 4.06 17.05
CA ASN D 265 29.93 2.90 16.61
C ASN D 265 29.41 2.36 15.26
N ALA D 266 28.09 2.34 15.11
CA ALA D 266 27.47 1.89 13.86
C ALA D 266 27.92 2.74 12.71
N ALA D 267 28.18 4.02 12.97
CA ALA D 267 28.65 4.91 11.89
C ALA D 267 29.95 4.44 11.23
N ASN D 268 30.80 3.74 11.94
CA ASN D 268 32.10 3.31 11.39
C ASN D 268 31.93 2.43 10.17
N ASN D 269 30.79 1.76 10.03
CA ASN D 269 30.49 0.96 8.83
C ASN D 269 29.25 1.48 8.07
N VAL D 270 28.78 2.68 8.40
CA VAL D 270 27.58 3.29 7.84
C VAL D 270 26.37 2.35 8.02
N THR D 271 26.25 1.80 9.22
CA THR D 271 25.26 0.73 9.50
C THR D 271 23.92 1.27 9.94
N ASN D 272 22.85 0.73 9.39
CA ASN D 272 21.52 1.15 9.75
C ASN D 272 21.36 0.98 11.27
N ILE D 273 20.71 1.92 11.94
CA ILE D 273 20.36 1.76 13.32
C ILE D 273 18.87 1.97 13.51
N ALA D 274 18.33 1.21 14.48
CA ALA D 274 16.99 1.34 15.00
C ALA D 274 17.15 1.45 16.51
N LEU D 275 16.64 2.51 17.09
CA LEU D 275 16.80 2.76 18.51
C LEU D 275 15.50 3.07 19.21
N GLU D 276 15.33 2.51 20.40
N GLU D 276 15.24 2.46 20.38
CA GLU D 276 14.21 2.80 21.26
CA GLU D 276 14.15 2.92 21.26
C GLU D 276 14.82 3.09 22.63
C GLU D 276 14.78 3.11 22.64
N LEU D 277 14.80 4.35 23.05
CA LEU D 277 15.51 4.77 24.25
C LEU D 277 14.66 5.26 25.40
N GLY D 278 13.36 4.95 25.38
CA GLY D 278 12.46 5.38 26.45
C GLY D 278 12.09 6.85 26.36
N GLY D 279 11.39 7.34 27.38
CA GLY D 279 10.97 8.71 27.38
C GLY D 279 10.16 9.13 28.58
N LYS D 280 10.09 10.44 28.76
CA LYS D 280 9.29 11.08 29.77
C LYS D 280 7.92 11.28 29.12
N ASN D 281 7.02 10.34 29.41
CA ASN D 281 5.73 10.27 28.75
C ASN D 281 4.69 11.07 29.52
N PRO D 282 4.08 12.08 28.86
CA PRO D 282 3.15 12.94 29.59
C PRO D 282 1.76 12.36 29.66
N ASN D 283 1.09 12.64 30.78
CA ASN D 283 -0.29 12.25 31.03
C ASN D 283 -1.08 13.55 31.33
N ILE D 284 -1.77 14.04 30.31
CA ILE D 284 -2.47 15.31 30.35
C ILE D 284 -3.94 15.10 30.74
N ILE D 285 -4.33 15.68 31.87
CA ILE D 285 -5.66 15.52 32.43
C ILE D 285 -6.38 16.84 32.51
N PHE D 286 -7.43 16.99 31.71
CA PHE D 286 -8.18 18.24 31.67
C PHE D 286 -9.24 18.21 32.77
N ASP D 287 -9.74 19.38 33.15
N ASP D 287 -9.77 19.39 33.13
CA ASP D 287 -10.78 19.40 34.19
CA ASP D 287 -10.86 19.49 34.13
C ASP D 287 -12.08 18.72 33.73
C ASP D 287 -12.05 18.62 33.72
N ASP D 288 -12.29 18.55 32.41
CA ASP D 288 -13.46 17.82 31.91
C ASP D 288 -13.20 16.33 31.64
N ALA D 289 -12.08 15.83 32.17
CA ALA D 289 -11.83 14.38 32.15
C ALA D 289 -12.81 13.69 33.11
N ASP D 290 -13.05 12.40 32.89
CA ASP D 290 -13.76 11.54 33.80
C ASP D 290 -12.78 11.43 34.97
N PHE D 291 -13.14 12.02 36.10
CA PHE D 291 -12.19 12.20 37.19
C PHE D 291 -11.68 10.87 37.77
N GLU D 292 -12.59 9.99 38.14
CA GLU D 292 -12.17 8.70 38.68
C GLU D 292 -11.35 7.89 37.65
N LEU D 293 -11.69 7.97 36.34
CA LEU D 293 -10.93 7.31 35.30
C LEU D 293 -9.49 7.86 35.24
N ALA D 294 -9.38 9.18 35.31
CA ALA D 294 -8.08 9.84 35.23
C ALA D 294 -7.18 9.49 36.42
N VAL D 295 -7.76 9.40 37.62
CA VAL D 295 -6.97 9.03 38.81
C VAL D 295 -6.51 7.58 38.67
N ASP D 296 -7.43 6.70 38.24
CA ASP D 296 -7.14 5.30 38.03
C ASP D 296 -5.99 5.11 37.02
N GLN D 297 -6.08 5.84 35.93
CA GLN D 297 -5.08 5.69 34.86
C GLN D 297 -3.78 6.40 35.19
N ALA D 298 -3.84 7.39 36.07
CA ALA D 298 -2.59 8.08 36.49
C ALA D 298 -1.81 7.12 37.34
N LEU D 299 -2.53 6.37 38.17
CA LEU D 299 -1.90 5.33 38.99
C LEU D 299 -1.30 4.26 38.07
N ASN D 300 -2.09 3.80 37.11
CA ASN D 300 -1.64 2.77 36.16
C ASN D 300 -0.45 3.24 35.39
N GLY D 301 -0.48 4.49 34.96
CA GLY D 301 0.60 5.05 34.19
C GLY D 301 1.85 5.20 34.99
N GLY D 302 1.70 5.58 36.26
CA GLY D 302 2.86 5.79 37.07
C GLY D 302 3.53 4.54 37.58
N TYR D 303 2.71 3.54 37.93
CA TYR D 303 3.17 2.45 38.80
C TYR D 303 3.11 1.00 38.29
N PHE D 304 2.52 0.73 37.16
CA PHE D 304 2.65 -0.61 36.56
C PHE D 304 4.13 -0.93 36.41
N HIS D 305 4.52 -2.17 36.76
CA HIS D 305 5.93 -2.62 36.78
C HIS D 305 6.84 -1.67 37.56
N ALA D 306 6.28 -1.10 38.61
CA ALA D 306 6.98 -0.13 39.40
C ALA D 306 7.49 1.05 38.56
N GLY D 307 6.77 1.38 37.50
CA GLY D 307 7.08 2.55 36.71
C GLY D 307 8.24 2.30 35.75
N GLN D 308 8.60 1.03 35.57
CA GLN D 308 9.72 0.66 34.76
C GLN D 308 9.34 0.23 33.34
N VAL D 309 8.05 0.11 33.05
CA VAL D 309 7.64 -0.25 31.69
C VAL D 309 8.00 0.93 30.77
N CME D 310 8.26 0.66 29.49
CA CME D 310 8.62 1.76 28.59
CB CME D 310 9.22 1.16 27.28
SG CME D 310 8.12 0.85 25.91
SD CME D 310 6.60 -0.32 26.43
CE CME D 310 7.29 -1.94 26.24
CZ CME D 310 7.41 -2.58 27.64
OH CME D 310 8.48 -1.97 28.40
C CME D 310 7.47 2.74 28.33
O CME D 310 7.68 3.93 28.00
N SER D 311 6.25 2.26 28.47
CA SER D 311 5.06 3.11 28.30
C SER D 311 4.70 3.93 29.59
N ALA D 312 5.47 3.79 30.69
CA ALA D 312 5.21 4.53 31.97
C ALA D 312 5.00 6.03 31.80
N GLY D 313 3.99 6.55 32.50
CA GLY D 313 3.66 7.98 32.50
C GLY D 313 4.05 8.68 33.77
N SER D 314 5.28 9.19 33.79
CA SER D 314 5.82 9.81 34.98
C SER D 314 5.54 11.30 35.06
N ARG D 315 5.07 11.92 33.97
CA ARG D 315 4.84 13.36 33.95
C ARG D 315 3.38 13.69 33.84
N ILE D 316 2.73 13.96 34.98
CA ILE D 316 1.33 14.29 34.95
C ILE D 316 1.20 15.80 34.82
N LEU D 317 0.38 16.22 33.87
CA LEU D 317 0.01 17.62 33.64
C LEU D 317 -1.50 17.69 33.91
N VAL D 318 -1.91 18.36 34.99
CA VAL D 318 -3.35 18.39 35.36
C VAL D 318 -3.89 19.80 35.39
N GLN D 319 -5.07 20.01 34.82
CA GLN D 319 -5.61 21.35 34.72
C GLN D 319 -5.86 21.95 36.10
N ASN D 320 -5.55 23.22 36.24
CA ASN D 320 -5.49 23.85 37.57
C ASN D 320 -6.77 23.79 38.42
N SER D 321 -7.93 23.83 37.77
N SER D 321 -7.95 23.85 37.81
CA SER D 321 -9.19 23.82 38.52
CA SER D 321 -9.17 23.85 38.65
C SER D 321 -9.47 22.50 39.23
C SER D 321 -9.44 22.50 39.29
N ILE D 322 -8.86 21.41 38.78
CA ILE D 322 -9.05 20.11 39.47
C ILE D 322 -7.78 19.59 40.10
N LYS D 323 -6.69 20.36 39.97
CA LYS D 323 -5.39 19.92 40.46
C LYS D 323 -5.34 19.53 41.95
N ASP D 324 -5.86 20.37 42.83
CA ASP D 324 -5.85 20.08 44.29
C ASP D 324 -6.60 18.80 44.58
N LYS D 325 -7.79 18.66 44.00
CA LYS D 325 -8.58 17.47 44.26
C LYS D 325 -7.87 16.26 43.68
N PHE D 326 -7.34 16.42 42.47
CA PHE D 326 -6.59 15.33 41.85
C PHE D 326 -5.38 14.90 42.68
N GLU D 327 -4.61 15.86 43.16
CA GLU D 327 -3.41 15.53 43.91
C GLU D 327 -3.79 14.71 45.13
N GLN D 328 -4.85 15.09 45.82
CA GLN D 328 -5.21 14.35 47.03
C GLN D 328 -5.78 12.96 46.73
N ALA D 329 -6.61 12.86 45.69
CA ALA D 329 -7.18 11.59 45.30
C ALA D 329 -6.06 10.60 44.95
N LEU D 330 -5.08 11.10 44.20
CA LEU D 330 -3.94 10.29 43.76
C LEU D 330 -3.16 9.80 44.97
N ILE D 331 -2.81 10.72 45.85
CA ILE D 331 -2.08 10.41 47.08
C ILE D 331 -2.85 9.43 47.95
N ASP D 332 -4.16 9.64 48.13
CA ASP D 332 -4.99 8.70 48.91
C ASP D 332 -4.86 7.27 48.38
N ARG D 333 -4.83 7.10 47.07
CA ARG D 333 -4.72 5.79 46.46
C ARG D 333 -3.28 5.26 46.51
N VAL D 334 -2.29 6.13 46.30
CA VAL D 334 -0.91 5.70 46.34
C VAL D 334 -0.58 5.06 47.71
N LYS D 335 -1.13 5.63 48.77
CA LYS D 335 -0.93 5.09 50.12
C LYS D 335 -1.40 3.65 50.29
N LYS D 336 -2.33 3.21 49.43
CA LYS D 336 -2.91 1.88 49.50
C LYS D 336 -2.33 0.86 48.53
N ILE D 337 -1.41 1.28 47.66
CA ILE D 337 -0.84 0.36 46.70
C ILE D 337 -0.12 -0.77 47.44
N LYS D 338 -0.42 -2.01 47.06
CA LYS D 338 0.15 -3.18 47.74
C LYS D 338 1.43 -3.65 47.10
N LEU D 339 2.52 -3.47 47.82
CA LEU D 339 3.82 -3.94 47.37
C LEU D 339 4.05 -5.36 47.91
N GLY D 340 4.76 -6.18 47.15
CA GLY D 340 5.09 -7.54 47.61
C GLY D 340 5.69 -8.42 46.53
N ASN D 341 5.70 -9.72 46.80
CA ASN D 341 6.19 -10.74 45.88
C ASN D 341 5.31 -10.81 44.62
N GLY D 342 5.93 -10.76 43.47
CA GLY D 342 5.18 -10.84 42.24
C GLY D 342 4.39 -12.12 42.06
N PHE D 343 4.81 -13.17 42.71
CA PHE D 343 4.09 -14.44 42.64
C PHE D 343 2.79 -14.44 43.44
N ASP D 344 2.64 -13.48 44.35
CA ASP D 344 1.44 -13.43 45.18
C ASP D 344 0.37 -12.61 44.51
N ALA D 345 -0.82 -13.19 44.37
CA ALA D 345 -1.95 -12.56 43.69
C ALA D 345 -2.35 -11.18 44.21
N ASP D 346 -2.10 -10.90 45.48
CA ASP D 346 -2.49 -9.63 46.08
C ASP D 346 -1.52 -8.49 45.79
N THR D 347 -0.33 -8.83 45.30
CA THR D 347 0.64 -7.82 44.99
C THR D 347 0.16 -6.97 43.83
N GLU D 348 0.25 -5.66 44.03
CA GLU D 348 -0.06 -4.67 43.01
C GLU D 348 1.18 -4.05 42.40
N MET D 349 2.25 -3.97 43.16
CA MET D 349 3.51 -3.46 42.64
C MET D 349 4.69 -4.24 43.22
N GLY D 350 5.57 -4.70 42.34
CA GLY D 350 6.75 -5.45 42.72
C GLY D 350 7.93 -4.51 42.94
N PRO D 351 9.12 -5.11 43.18
CA PRO D 351 10.35 -4.35 43.41
C PRO D 351 10.91 -3.75 42.15
N VAL D 352 11.94 -2.91 42.29
CA VAL D 352 12.63 -2.43 41.10
C VAL D 352 13.70 -3.47 40.76
N ILE D 353 14.30 -3.29 39.61
CA ILE D 353 15.11 -4.34 39.00
C ILE D 353 16.45 -4.66 39.66
N SER D 354 17.12 -3.66 40.20
CA SER D 354 18.47 -3.88 40.70
C SER D 354 18.90 -2.82 41.70
N THR D 355 20.02 -3.09 42.34
CA THR D 355 20.61 -2.17 43.28
C THR D 355 20.98 -0.84 42.61
N GLU D 356 21.63 -0.92 41.46
CA GLU D 356 22.05 0.26 40.70
C GLU D 356 20.84 1.11 40.32
N HIS D 357 19.76 0.46 39.90
CA HIS D 357 18.57 1.20 39.52
C HIS D 357 17.91 1.85 40.74
N ARG D 358 17.78 1.10 41.83
CA ARG D 358 17.19 1.69 43.02
C ARG D 358 18.03 2.88 43.50
N ASN D 359 19.35 2.78 43.37
CA ASN D 359 20.21 3.89 43.78
C ASN D 359 19.95 5.13 42.93
N LYS D 360 19.73 4.93 41.63
CA LYS D 360 19.46 6.05 40.72
C LYS D 360 18.19 6.76 41.14
N ILE D 361 17.18 5.97 41.51
CA ILE D 361 15.90 6.51 41.96
C ILE D 361 16.11 7.31 43.26
N GLU D 362 16.87 6.75 44.20
CA GLU D 362 17.15 7.48 45.44
C GLU D 362 17.90 8.79 45.20
N SER D 363 18.85 8.81 44.28
CA SER D 363 19.59 10.05 43.98
C SER D 363 18.65 11.11 43.34
N TYR D 364 17.68 10.65 42.56
CA TYR D 364 16.69 11.57 41.99
C TYR D 364 15.77 12.22 43.02
N MET D 365 15.46 11.52 44.10
CA MET D 365 14.69 12.13 45.19
C MET D 365 15.51 13.27 45.84
N ASP D 366 16.82 13.07 45.96
CA ASP D 366 17.71 14.11 46.48
C ASP D 366 17.71 15.32 45.57
N VAL D 367 17.70 15.07 44.26
CA VAL D 367 17.64 16.15 43.29
C VAL D 367 16.33 16.92 43.43
N ALA D 368 15.21 16.19 43.50
CA ALA D 368 13.90 16.81 43.69
C ALA D 368 13.88 17.76 44.89
N LYS D 369 14.42 17.29 46.02
CA LYS D 369 14.46 18.11 47.21
C LYS D 369 15.32 19.35 46.99
N ALA D 370 16.54 19.17 46.47
CA ALA D 370 17.44 20.29 46.22
C ALA D 370 16.83 21.36 45.32
N GLU D 371 16.01 20.94 44.37
CA GLU D 371 15.32 21.85 43.45
C GLU D 371 14.09 22.50 44.07
N GLY D 372 13.69 22.09 45.27
CA GLY D 372 12.53 22.71 45.92
C GLY D 372 11.17 22.09 45.62
N ALA D 373 11.16 20.89 45.06
CA ALA D 373 9.89 20.18 44.84
C ALA D 373 9.51 19.53 46.16
N THR D 374 8.27 19.10 46.27
CA THR D 374 7.78 18.46 47.47
C THR D 374 7.59 16.97 47.25
N ILE D 375 8.13 16.14 48.14
CA ILE D 375 7.84 14.71 48.09
C ILE D 375 6.53 14.54 48.81
N ALA D 376 5.44 14.45 48.06
CA ALA D 376 4.12 14.41 48.67
C ALA D 376 3.84 13.10 49.37
N VAL D 377 4.39 12.02 48.83
CA VAL D 377 4.18 10.69 49.38
C VAL D 377 5.23 9.73 48.81
N GLY D 378 5.65 8.75 49.62
CA GLY D 378 6.65 7.78 49.21
C GLY D 378 8.03 8.40 49.27
N GLY D 379 8.84 8.11 48.26
CA GLY D 379 10.17 8.68 48.19
C GLY D 379 11.24 7.94 48.96
N LYS D 380 10.94 6.74 49.45
CA LYS D 380 11.95 5.96 50.20
C LYS D 380 11.68 4.46 50.09
N ARG D 381 12.60 3.66 50.59
CA ARG D 381 12.43 2.21 50.65
C ARG D 381 11.40 1.88 51.70
N PRO D 382 10.55 0.88 51.44
CA PRO D 382 9.59 0.51 52.48
C PRO D 382 10.28 -0.21 53.66
N ASP D 383 9.67 -0.09 54.84
CA ASP D 383 10.20 -0.68 56.09
C ASP D 383 9.73 -2.11 56.39
N ARG D 384 8.53 -2.44 55.92
CA ARG D 384 7.88 -3.70 56.27
C ARG D 384 8.80 -4.93 56.16
N ASP D 385 8.68 -5.83 57.12
CA ASP D 385 9.53 -7.02 57.23
C ASP D 385 9.64 -7.89 56.02
N ASP D 386 8.52 -8.17 55.36
CA ASP D 386 8.52 -8.99 54.15
C ASP D 386 9.09 -8.27 52.91
N LEU D 387 9.29 -6.95 53.02
CA LEU D 387 9.84 -6.14 51.93
C LEU D 387 11.30 -5.77 52.14
N LYS D 388 11.78 -5.98 53.36
CA LYS D 388 13.12 -5.56 53.76
C LYS D 388 14.25 -6.14 52.91
N ASP D 389 14.13 -7.38 52.45
CA ASP D 389 15.21 -7.99 51.68
C ASP D 389 15.18 -7.75 50.17
N GLY D 390 14.06 -7.26 49.66
CA GLY D 390 13.96 -7.03 48.23
C GLY D 390 14.29 -5.60 47.84
N LEU D 391 14.35 -5.38 46.52
CA LEU D 391 14.69 -4.08 45.94
C LEU D 391 13.44 -3.20 45.76
N PHE D 392 12.71 -3.00 46.85
CA PHE D 392 11.48 -2.24 46.82
C PHE D 392 11.72 -0.77 46.98
N PHE D 393 10.83 0.00 46.39
CA PHE D 393 10.84 1.45 46.56
C PHE D 393 9.39 1.88 46.55
N GLU D 394 9.01 2.74 47.49
CA GLU D 394 7.62 3.16 47.59
C GLU D 394 7.14 3.93 46.34
N PRO D 395 5.88 3.72 45.97
CA PRO D 395 5.31 4.55 44.91
C PRO D 395 5.31 5.98 45.41
N THR D 396 5.77 6.87 44.55
CA THR D 396 6.05 8.24 44.93
C THR D 396 5.34 9.28 44.06
N VAL D 397 4.89 10.35 44.68
CA VAL D 397 4.33 11.48 44.02
C VAL D 397 5.10 12.73 44.41
N ILE D 398 5.58 13.43 43.40
CA ILE D 398 6.29 14.68 43.60
C ILE D 398 5.44 15.84 43.11
N THR D 399 5.23 16.83 43.97
CA THR D 399 4.37 17.97 43.68
C THR D 399 5.17 19.25 43.70
N ASN D 400 4.52 20.36 43.34
CA ASN D 400 5.15 21.67 43.38
C ASN D 400 6.46 21.67 42.61
N CYS D 401 6.34 21.39 41.33
CA CYS D 401 7.50 21.40 40.48
C CYS D 401 7.17 22.07 39.18
N ASP D 402 8.18 22.28 38.37
CA ASP D 402 7.96 22.93 37.09
C ASP D 402 8.92 22.42 36.04
N THR D 403 8.63 22.80 34.80
CA THR D 403 9.34 22.30 33.63
C THR D 403 10.82 22.65 33.60
N SER D 404 11.26 23.63 34.38
CA SER D 404 12.69 23.98 34.43
C SER D 404 13.53 23.01 35.29
N MET D 405 12.88 22.20 36.11
CA MET D 405 13.58 21.29 37.02
C MET D 405 14.09 20.03 36.33
N ARG D 406 15.21 19.53 36.85
CA ARG D 406 15.80 18.29 36.36
C ARG D 406 14.86 17.13 36.57
N ILE D 407 14.16 17.12 37.70
CA ILE D 407 13.23 16.04 38.04
C ILE D 407 12.07 15.94 37.01
N VAL D 408 11.74 17.06 36.37
CA VAL D 408 10.74 17.07 35.29
C VAL D 408 11.37 16.80 33.93
N GLN D 409 12.54 17.36 33.69
CA GLN D 409 13.24 17.16 32.43
C GLN D 409 13.92 15.80 32.23
N GLU D 410 14.22 15.08 33.31
CA GLU D 410 14.93 13.81 33.22
C GLU D 410 14.07 12.67 33.69
N GLU D 411 14.08 11.58 32.93
N GLU D 411 14.12 11.58 32.95
CA GLU D 411 13.30 10.39 33.21
CA GLU D 411 13.29 10.42 33.25
C GLU D 411 14.03 9.54 34.23
C GLU D 411 14.02 9.50 34.22
N VAL D 412 13.32 9.12 35.28
CA VAL D 412 13.88 8.29 36.35
C VAL D 412 13.67 6.80 36.07
N PHE D 413 12.60 6.47 35.36
N PHE D 413 12.61 6.49 35.33
CA PHE D 413 12.35 5.07 35.01
CA PHE D 413 12.24 5.11 35.02
C PHE D 413 12.03 4.27 36.28
C PHE D 413 12.06 4.30 36.30
N GLY D 414 11.31 4.86 37.24
CA GLY D 414 10.96 4.19 38.51
C GLY D 414 9.51 4.50 38.94
N PRO D 415 9.11 4.09 40.15
CA PRO D 415 7.73 4.27 40.57
C PRO D 415 7.55 5.69 41.15
N VAL D 416 7.70 6.66 40.28
CA VAL D 416 7.69 8.04 40.63
C VAL D 416 6.94 8.84 39.57
N VAL D 417 6.05 9.74 40.01
CA VAL D 417 5.39 10.66 39.09
C VAL D 417 5.60 12.07 39.62
N THR D 418 5.62 13.01 38.69
CA THR D 418 5.63 14.42 39.04
C THR D 418 4.26 14.96 38.66
N VAL D 419 3.81 16.00 39.35
CA VAL D 419 2.54 16.66 38.99
C VAL D 419 2.75 18.16 38.76
N GLU D 420 2.41 18.61 37.56
CA GLU D 420 2.48 20.01 37.18
C GLU D 420 1.03 20.44 36.88
N GLY D 421 0.73 21.70 37.12
CA GLY D 421 -0.56 22.25 36.74
C GLY D 421 -0.47 23.01 35.40
N PHE D 422 -1.62 23.22 34.77
CA PHE D 422 -1.70 24.05 33.54
C PHE D 422 -3.05 24.71 33.51
N GLU D 423 -3.14 25.81 32.83
CA GLU D 423 -4.35 26.56 32.77
C GLU D 423 -5.14 26.32 31.48
N THR D 424 -4.42 26.32 30.36
CA THR D 424 -5.07 26.23 29.06
C THR D 424 -4.59 25.05 28.24
N GLU D 425 -5.40 24.70 27.25
CA GLU D 425 -5.06 23.69 26.28
C GLU D 425 -3.68 23.99 25.64
N GLN D 426 -3.49 25.23 25.23
N GLN D 426 -3.46 25.22 25.21
CA GLN D 426 -2.24 25.65 24.59
CA GLN D 426 -2.18 25.58 24.58
C GLN D 426 -1.04 25.44 25.53
C GLN D 426 -1.03 25.36 25.55
N GLU D 427 -1.22 25.78 26.80
CA GLU D 427 -0.18 25.62 27.79
C GLU D 427 0.18 24.15 28.02
N ALA D 428 -0.83 23.29 28.08
CA ALA D 428 -0.59 21.88 28.30
C ALA D 428 0.27 21.32 27.17
N ILE D 429 -0.08 21.68 25.91
CA ILE D 429 0.65 21.21 24.75
C ILE D 429 2.12 21.68 24.83
N GLN D 430 2.31 22.98 25.07
N GLN D 430 2.30 22.97 25.04
CA GLN D 430 3.64 23.58 25.20
CA GLN D 430 3.65 23.51 25.10
C GLN D 430 4.51 22.86 26.25
C GLN D 430 4.46 22.77 26.19
N LEU D 431 3.90 22.60 27.39
CA LEU D 431 4.63 21.96 28.52
C LEU D 431 4.96 20.53 28.20
N ALA D 432 3.96 19.82 27.68
CA ALA D 432 4.15 18.42 27.31
C ALA D 432 5.27 18.29 26.25
N ASN D 433 5.34 19.20 25.28
CA ASN D 433 6.37 19.12 24.24
C ASN D 433 7.72 19.67 24.68
N ASP D 434 7.78 20.26 25.88
CA ASP D 434 9.05 20.87 26.42
C ASP D 434 9.84 19.77 27.10
N SER D 435 10.50 18.98 26.27
CA SER D 435 11.15 17.75 26.66
C SER D 435 12.03 17.29 25.54
N ILE D 436 13.10 16.57 25.87
CA ILE D 436 13.95 15.99 24.84
C ILE D 436 13.37 14.69 24.28
N TYR D 437 12.31 14.17 24.91
CA TYR D 437 11.80 12.88 24.57
C TYR D 437 10.59 12.99 23.65
N GLY D 438 10.10 11.86 23.19
CA GLY D 438 9.00 11.83 22.20
C GLY D 438 8.39 10.45 21.97
N LEU D 439 8.27 9.67 23.06
CA LEU D 439 7.81 8.25 22.91
C LEU D 439 6.29 8.07 22.88
N ALA D 440 5.60 8.44 23.98
CA ALA D 440 4.16 8.21 24.07
C ALA D 440 3.58 9.16 25.09
N GLY D 441 2.27 9.27 25.11
CA GLY D 441 1.60 10.13 26.06
C GLY D 441 0.10 9.98 25.89
N ALA D 442 -0.64 10.55 26.84
CA ALA D 442 -2.10 10.48 26.87
C ALA D 442 -2.74 11.84 27.10
N VAL D 443 -4.00 11.93 26.66
CA VAL D 443 -4.83 13.10 26.91
C VAL D 443 -6.13 12.57 27.46
N PHE D 444 -6.53 13.03 28.62
CA PHE D 444 -7.82 12.67 29.19
C PHE D 444 -8.77 13.85 29.15
N SER D 445 -9.91 13.67 28.51
CA SER D 445 -10.96 14.69 28.44
C SER D 445 -12.17 14.06 27.83
N LYS D 446 -13.35 14.38 28.36
CA LYS D 446 -14.61 13.94 27.73
C LYS D 446 -14.85 14.68 26.41
N ASP D 447 -14.13 15.79 26.18
CA ASP D 447 -14.23 16.56 24.94
C ASP D 447 -13.27 15.94 23.93
N ILE D 448 -13.81 15.04 23.10
CA ILE D 448 -12.99 14.25 22.19
C ILE D 448 -12.36 15.16 21.13
N GLY D 449 -13.05 16.22 20.75
CA GLY D 449 -12.50 17.13 19.76
C GLY D 449 -11.24 17.78 20.28
N LYS D 450 -11.28 18.21 21.52
CA LYS D 450 -10.13 18.81 22.18
C LYS D 450 -9.01 17.79 22.32
N ALA D 451 -9.34 16.58 22.74
CA ALA D 451 -8.32 15.56 22.90
C ALA D 451 -7.59 15.31 21.57
N GLN D 452 -8.37 15.27 20.49
CA GLN D 452 -7.80 15.09 19.16
C GLN D 452 -6.91 16.26 18.76
N ARG D 453 -7.28 17.49 19.13
CA ARG D 453 -6.43 18.66 18.79
C ARG D 453 -5.09 18.53 19.49
N VAL D 454 -5.14 18.16 20.77
CA VAL D 454 -3.93 17.98 21.56
C VAL D 454 -3.05 16.83 21.01
N ALA D 455 -3.68 15.68 20.73
CA ALA D 455 -3.00 14.54 20.14
C ALA D 455 -2.24 14.91 18.85
N ASN D 456 -2.85 15.72 18.01
CA ASN D 456 -2.16 16.09 16.75
C ASN D 456 -0.96 17.02 16.95
N LYS D 457 -0.94 17.75 18.06
CA LYS D 457 0.15 18.67 18.34
C LYS D 457 1.26 18.07 19.19
N LEU D 458 1.02 16.94 19.85
CA LEU D 458 2.06 16.33 20.68
C LEU D 458 3.12 15.62 19.83
N LYS D 459 4.39 15.91 20.05
CA LYS D 459 5.46 15.27 19.28
C LYS D 459 5.85 13.94 19.95
N LEU D 460 4.96 12.94 19.75
CA LEU D 460 5.06 11.64 20.36
C LEU D 460 4.67 10.56 19.36
N GLY D 461 5.34 9.40 19.43
CA GLY D 461 5.04 8.32 18.50
C GLY D 461 3.71 7.67 18.74
N THR D 462 3.24 7.68 20.02
CA THR D 462 1.94 7.14 20.35
C THR D 462 1.20 8.11 21.27
N VAL D 463 -0.04 8.42 20.93
CA VAL D 463 -0.88 9.24 21.79
C VAL D 463 -2.18 8.49 22.07
N TRP D 464 -2.45 8.32 23.35
CA TRP D 464 -3.68 7.68 23.81
C TRP D 464 -4.72 8.73 24.19
N ILE D 465 -5.95 8.56 23.71
CA ILE D 465 -7.04 9.46 24.09
C ILE D 465 -7.91 8.67 25.05
N ASN D 466 -8.01 9.16 26.26
CA ASN D 466 -8.72 8.43 27.35
C ASN D 466 -8.31 6.99 27.57
N ASP D 467 -6.99 6.80 27.52
CA ASP D 467 -6.37 5.52 27.87
C ASP D 467 -4.88 5.78 28.26
N PHE D 468 -4.24 4.73 28.74
CA PHE D 468 -2.81 4.79 29.09
C PHE D 468 -2.24 3.37 29.01
N HIS D 469 -1.12 3.27 28.29
CA HIS D 469 -0.34 2.02 28.04
C HIS D 469 -0.57 1.20 26.74
N PRO D 470 -1.74 1.30 26.08
CA PRO D 470 -1.84 0.35 24.95
C PRO D 470 -0.80 0.40 23.82
N TYR D 471 -0.24 -0.76 23.51
CA TYR D 471 0.61 -0.93 22.31
C TYR D 471 0.23 -2.34 21.80
N PHE D 472 0.43 -2.60 20.52
CA PHE D 472 0.11 -3.90 19.97
C PHE D 472 0.77 -4.07 18.62
N ALA D 473 0.99 -5.32 18.23
CA ALA D 473 1.78 -5.63 17.01
C ALA D 473 1.26 -4.97 15.76
N GLN D 474 -0.04 -4.67 15.71
CA GLN D 474 -0.62 -4.10 14.46
C GLN D 474 -0.23 -2.66 14.18
N ALA D 475 0.29 -1.93 15.20
CA ALA D 475 0.63 -0.53 15.08
C ALA D 475 2.06 -0.20 15.49
N PRO D 476 2.74 0.65 14.71
CA PRO D 476 4.14 0.94 15.00
C PRO D 476 4.29 1.76 16.29
N TRP D 477 5.40 1.49 16.95
CA TRP D 477 5.79 2.11 18.21
C TRP D 477 7.24 2.63 18.10
N GLY D 478 7.48 3.84 18.56
CA GLY D 478 8.83 4.43 18.48
C GLY D 478 8.78 5.87 18.82
N GLY D 479 9.94 6.50 18.90
CA GLY D 479 9.96 7.84 19.44
C GLY D 479 10.40 8.92 18.51
N TYR D 480 9.85 10.11 18.74
CA TYR D 480 10.37 11.34 18.10
C TYR D 480 11.57 11.75 18.95
N LYS D 481 12.40 12.63 18.40
CA LYS D 481 13.47 13.27 19.16
C LYS D 481 14.44 12.27 19.80
N GLN D 482 14.76 12.42 21.10
CA GLN D 482 15.77 11.54 21.70
C GLN D 482 15.19 10.20 22.17
N SER D 483 13.91 9.96 21.95
CA SER D 483 13.35 8.68 22.34
C SER D 483 13.71 7.59 21.38
N GLY D 484 14.27 7.93 20.21
CA GLY D 484 14.67 6.89 19.26
C GLY D 484 14.81 7.25 17.80
N ILE D 485 15.08 6.20 17.00
CA ILE D 485 15.18 6.26 15.58
C ILE D 485 14.47 5.02 15.08
N GLY D 486 13.51 5.22 14.18
CA GLY D 486 12.81 4.12 13.54
C GLY D 486 11.63 3.63 14.34
N ARG D 487 11.06 2.50 13.92
CA ARG D 487 9.85 1.94 14.57
C ARG D 487 9.97 0.46 14.76
N GLU D 488 9.26 -0.05 15.79
CA GLU D 488 9.06 -1.46 15.99
C GLU D 488 7.56 -1.69 15.93
N LEU D 489 7.18 -2.90 15.62
CA LEU D 489 5.80 -3.29 15.44
C LEU D 489 5.21 -2.73 14.14
N GLY D 490 4.13 -3.37 13.69
CA GLY D 490 3.44 -2.97 12.47
C GLY D 490 4.24 -3.25 11.22
N LYS D 491 3.70 -2.81 10.11
CA LYS D 491 4.40 -2.88 8.85
C LYS D 491 5.73 -2.10 8.92
N GLU D 492 5.73 -0.91 9.52
CA GLU D 492 6.97 -0.13 9.60
C GLU D 492 8.02 -0.88 10.34
N GLY D 493 7.63 -1.62 11.36
CA GLY D 493 8.59 -2.39 12.11
C GLY D 493 9.21 -3.47 11.25
N LEU D 494 8.38 -4.17 10.46
CA LEU D 494 8.91 -5.15 9.48
C LEU D 494 9.91 -4.51 8.51
N GLU D 495 9.58 -3.33 8.04
CA GLU D 495 10.38 -2.61 7.08
C GLU D 495 11.80 -2.29 7.55
N GLU D 496 12.05 -2.21 8.86
CA GLU D 496 13.42 -2.03 9.32
C GLU D 496 14.28 -3.19 8.90
N TYR D 497 13.67 -4.35 8.70
CA TYR D 497 14.39 -5.58 8.39
C TYR D 497 14.43 -5.91 6.91
N LEU D 498 14.01 -4.97 6.08
CA LEU D 498 14.04 -5.14 4.65
C LEU D 498 14.88 -4.06 4.00
N VAL D 499 15.37 -4.35 2.81
CA VAL D 499 16.11 -3.38 2.02
C VAL D 499 15.53 -3.43 0.59
N SER D 500 15.46 -2.28 -0.04
CA SER D 500 14.91 -2.15 -1.39
C SER D 500 16.00 -2.19 -2.44
N LYS D 501 15.71 -2.92 -3.52
CA LYS D 501 16.59 -3.01 -4.70
C LYS D 501 15.79 -2.72 -5.93
N HIS D 502 16.21 -1.71 -6.64
CA HIS D 502 15.57 -1.34 -7.93
C HIS D 502 16.27 -2.10 -9.05
N ILE D 503 15.54 -2.99 -9.73
CA ILE D 503 16.08 -3.70 -10.86
C ILE D 503 15.41 -3.13 -12.11
N LEU D 504 16.24 -2.56 -12.98
N LEU D 504 16.24 -2.52 -12.98
CA LEU D 504 15.77 -1.91 -14.20
CA LEU D 504 15.75 -1.92 -14.23
C LEU D 504 16.31 -2.66 -15.42
C LEU D 504 16.32 -2.68 -15.40
N THR D 505 15.41 -3.22 -16.23
CA THR D 505 15.81 -3.98 -17.40
C THR D 505 15.49 -3.17 -18.62
N ASN D 506 16.49 -2.96 -19.47
CA ASN D 506 16.26 -2.29 -20.74
C ASN D 506 15.95 -3.44 -21.73
N THR D 507 14.71 -3.46 -22.22
CA THR D 507 14.23 -4.51 -23.09
C THR D 507 14.45 -4.25 -24.56
N ASN D 508 15.06 -3.12 -24.92
CA ASN D 508 15.42 -2.89 -26.28
C ASN D 508 16.66 -1.97 -26.31
N PRO D 509 17.79 -2.48 -25.79
CA PRO D 509 18.94 -1.63 -25.57
C PRO D 509 19.57 -1.15 -26.88
N GLN D 510 19.86 0.13 -26.94
CA GLN D 510 20.46 0.75 -28.10
C GLN D 510 21.75 1.47 -27.67
N LEU D 511 22.74 1.53 -28.54
CA LEU D 511 23.95 2.27 -28.23
C LEU D 511 23.57 3.74 -28.07
N VAL D 512 24.27 4.43 -27.19
CA VAL D 512 24.05 5.86 -26.98
C VAL D 512 24.87 6.69 -27.96
N ASN D 513 26.08 6.24 -28.26
CA ASN D 513 26.97 6.96 -29.18
C ASN D 513 27.25 8.40 -28.79
N TRP D 514 27.53 8.62 -27.51
CA TRP D 514 27.95 9.93 -27.01
C TRP D 514 29.42 10.11 -27.38
N PHE D 515 30.23 9.09 -27.15
CA PHE D 515 31.66 9.19 -27.45
C PHE D 515 31.90 8.81 -28.91
N SER D 516 32.79 9.57 -29.55
CA SER D 516 33.02 9.42 -30.97
C SER D 516 33.66 8.09 -31.32
N LYS D 517 33.34 7.67 -32.54
CA LYS D 517 33.89 6.48 -33.14
C LYS D 517 34.77 7.00 -34.25
NA NA E . -9.89 -29.15 -20.88
NA NA F . -15.10 -9.43 -17.92
C1 PEG G . -3.44 -26.31 19.06
O1 PEG G . -3.90 -26.67 20.38
C2 PEG G . -2.53 -25.10 19.16
O2 PEG G . -2.44 -24.45 17.87
C3 PEG G . -1.54 -25.07 16.93
C4 PEG G . -2.33 -25.69 15.76
O4 PEG G . -1.53 -26.66 15.09
NA NA H . -24.79 -2.14 -4.75
NA NA I . 24.45 1.25 5.20
NA NA J . 34.48 7.37 -12.01
C1 PEG K . 0.69 27.20 -16.38
O1 PEG K . 0.07 27.35 -15.10
C2 PEG K . 1.14 25.76 -16.56
O2 PEG K . 2.54 25.66 -16.31
C3 PEG K . 3.32 25.36 -17.46
C4 PEG K . 3.24 26.54 -18.44
O4 PEG K . 4.06 26.30 -19.58
NA NA L . 15.20 10.69 16.88
#